data_7X7Q
#
_entry.id   7X7Q
#
_cell.length_a   1.00
_cell.length_b   1.00
_cell.length_c   1.00
_cell.angle_alpha   90.00
_cell.angle_beta   90.00
_cell.angle_gamma   90.00
#
_symmetry.space_group_name_H-M   'P 1'
#
loop_
_entity.id
_entity.type
_entity.pdbx_description
1 polymer 'Holliday junction ATP-dependent DNA helicase RuvA'
2 polymer 'Holliday junction ATP-dependent DNA helicase RuvB'
3 polymer 'DNA (40-MER)'
4 polymer 'DNA (40-MER)'
5 polymer 'DNA (26-MER)'
6 polymer 'DNA (26-MER)'
#
loop_
_entity_poly.entity_id
_entity_poly.type
_entity_poly.pdbx_seq_one_letter_code
_entity_poly.pdbx_strand_id
1 'polypeptide(L)'
;MIGRLRGTLAEKQPPHLILDVNGVGYEVEVPMTTLYRLPSVGEPVTLHTHLVVREDAHLLYGFAEKRERELFRELIRLNG
VGPKLALALMSGLEVDELVRCVQAQDTSTLVKIPGVGKKTAERLLVELKDRFKAWENMPTIAPLVMEPRASATVSSAEAD
AVSALIALGFKPQEASRAVAAVPGEDLSSEEMIRQALKGMV
;
A,B,C,D,E,F,G,H
2 'polypeptide(L)'
;MIEPDRLISAVSGRERDEQLDRAIRPLKLADYIGQPSVREQMELFIHAARGRQEALDHTLIFGPPGLGKTTLANIIAQEM
GVSIKSTSGPVLERPGDLAALLTNLEAGDVLFVDEIHRLSPIVEEVLYPAMEDFQLDIMIGEGPAARSIKLDLPPFTLVG
ATTRAGMLTNPLRDRFGIVQRLEFYNVEDLATIVSRSAGILGLEIEPQGAAEIAKRARGTPRIANRLLRRVRDFAEVRGQ
GDITRVIADKALNLLDVDERGFDHLDRRLLLTMIDKFDGGPVGIDNLAAALSEERHTIEDVLEPYLIQQGYIMRTPRGRV
VTRHAYLHFGLNIPKRLGPGVTTDLFTSEDGN
;
M,N,O,P
3 'polydeoxyribonucleotide'
;(DA)(DT)(DA)(DT)(DT)(DA)(DT)(DA)(DA)(DT)(DA)(DT)(DA)(DT)(DA)(DA)(DT)(DA)(DA)(DT)
(DA)(DA)(DA)(DT)(DA)(DT)(DT)(DT)(DA)(DA)(DT)(DA)(DT)(DT)(DA)(DT)(DA)(DA)(DT)(DA)
;
I
4 'polydeoxyribonucleotide'
;(DA)(DA)(DA)(DA)(DT)(DT)(DA)(DA)(DT)(DA)(DT)(DT)(DA)(DA)(DA)(DT)(DA)(DT)(DT)(DT)
(DA)(DT)(DT)(DA)(DT)(DT)(DA)(DT)(DA)(DT)(DA)(DT)(DT)(DA)(DT)(DA)(DA)(DT)(DA)(DT)
;
K
5 'polydeoxyribonucleotide'
;(DT)(DA)(DT)(DT)(DA)(DT)(DA)(DA)(DT)(DA)(DT)(DT)(DA)(DA)(DA)(DT)(DA)(DT)(DT)(DA)
(DT)(DA)(DT)(DT)(DT)(DA)
;
J
6 'polydeoxyribonucleotide'
;(DT)(DA)(DA)(DA)(DT)(DA)(DT)(DA)(DA)(DT)(DA)(DT)(DT)(DT)(DA)(DA)(DT)(DA)(DT)(DT)
(DA)(DA)(DT)(DT)(DT)(DT)
;
L
#
# COMPACT_ATOMS: atom_id res chain seq x y z
N MET A 1 -36.67 -26.58 -14.74
CA MET A 1 -37.77 -26.73 -15.68
C MET A 1 -37.31 -26.86 -17.12
N ILE A 2 -36.23 -26.17 -17.47
CA ILE A 2 -35.76 -26.17 -18.84
C ILE A 2 -34.38 -26.81 -18.91
N GLY A 3 -34.20 -27.70 -19.88
CA GLY A 3 -32.92 -28.37 -20.07
C GLY A 3 -32.32 -28.18 -21.44
N ARG A 4 -33.16 -28.02 -22.46
CA ARG A 4 -32.70 -28.01 -23.84
C ARG A 4 -33.78 -27.42 -24.74
N LEU A 5 -33.35 -26.77 -25.81
CA LEU A 5 -34.22 -26.01 -26.71
C LEU A 5 -33.80 -26.20 -28.16
N ARG A 6 -34.43 -27.16 -28.84
CA ARG A 6 -34.22 -27.40 -30.27
C ARG A 6 -34.82 -26.21 -31.01
N GLY A 7 -34.04 -25.15 -31.13
CA GLY A 7 -34.50 -23.93 -31.77
C GLY A 7 -33.39 -23.11 -32.39
N THR A 8 -33.75 -21.96 -32.95
CA THR A 8 -32.83 -21.14 -33.73
C THR A 8 -32.45 -19.89 -32.94
N LEU A 9 -31.23 -19.41 -33.18
CA LEU A 9 -30.72 -18.21 -32.52
C LEU A 9 -31.36 -16.99 -33.14
N ALA A 10 -32.43 -16.49 -32.52
CA ALA A 10 -33.16 -15.35 -33.06
C ALA A 10 -32.35 -14.06 -32.99
N GLU A 11 -31.58 -13.87 -31.92
CA GLU A 11 -30.76 -12.69 -31.76
C GLU A 11 -29.45 -13.06 -31.05
N LYS A 12 -28.45 -12.20 -31.24
CA LYS A 12 -27.12 -12.39 -30.66
C LYS A 12 -26.62 -11.03 -30.19
N GLN A 13 -26.85 -10.74 -28.91
CA GLN A 13 -26.41 -9.49 -28.30
C GLN A 13 -25.66 -9.81 -27.00
N PRO A 14 -24.35 -9.58 -26.95
CA PRO A 14 -23.55 -10.10 -25.83
C PRO A 14 -23.89 -9.40 -24.53
N PRO A 15 -23.95 -10.15 -23.41
CA PRO A 15 -23.78 -11.61 -23.37
C PRO A 15 -25.08 -12.38 -23.50
N HIS A 16 -26.17 -11.69 -23.81
CA HIS A 16 -27.49 -12.30 -23.83
C HIS A 16 -27.75 -12.98 -25.17
N LEU A 17 -28.89 -13.67 -25.25
CA LEU A 17 -29.30 -14.35 -26.48
C LEU A 17 -30.82 -14.41 -26.53
N ILE A 18 -31.35 -14.55 -27.74
CA ILE A 18 -32.75 -14.87 -27.97
C ILE A 18 -32.76 -16.13 -28.82
N LEU A 19 -33.37 -17.20 -28.30
CA LEU A 19 -33.34 -18.50 -28.95
C LEU A 19 -34.79 -18.85 -29.33
N ASP A 20 -35.08 -18.78 -30.63
CA ASP A 20 -36.44 -18.97 -31.11
C ASP A 20 -36.77 -20.44 -31.27
N VAL A 21 -37.79 -20.91 -30.57
CA VAL A 21 -38.33 -22.26 -30.72
C VAL A 21 -39.82 -22.11 -31.03
N ASN A 22 -40.19 -22.46 -32.26
CA ASN A 22 -41.58 -22.37 -32.74
C ASN A 22 -42.17 -20.99 -32.55
N GLY A 23 -41.35 -19.96 -32.77
CA GLY A 23 -41.76 -18.58 -32.68
C GLY A 23 -41.59 -17.99 -31.29
N VAL A 24 -41.14 -18.78 -30.32
CA VAL A 24 -41.05 -18.34 -28.94
C VAL A 24 -39.59 -18.03 -28.62
N GLY A 25 -39.29 -16.76 -28.36
CA GLY A 25 -37.95 -16.36 -27.99
C GLY A 25 -37.79 -16.29 -26.48
N TYR A 26 -36.56 -16.53 -26.01
CA TYR A 26 -36.24 -16.55 -24.60
C TYR A 26 -35.00 -15.71 -24.33
N GLU A 27 -35.03 -14.95 -23.24
CA GLU A 27 -33.88 -14.18 -22.78
C GLU A 27 -32.88 -15.15 -22.16
N VAL A 28 -31.82 -15.46 -22.90
CA VAL A 28 -30.84 -16.48 -22.51
C VAL A 28 -29.47 -15.82 -22.43
N GLU A 29 -28.77 -16.04 -21.32
CA GLU A 29 -27.42 -15.51 -21.14
C GLU A 29 -26.43 -16.68 -21.05
N VAL A 30 -25.37 -16.60 -21.83
CA VAL A 30 -24.37 -17.68 -21.91
C VAL A 30 -22.98 -17.08 -21.70
N PRO A 31 -21.99 -17.86 -21.28
CA PRO A 31 -20.62 -17.32 -21.18
C PRO A 31 -20.03 -17.03 -22.55
N MET A 32 -18.96 -16.23 -22.52
CA MET A 32 -18.23 -15.89 -23.75
C MET A 32 -17.65 -17.12 -24.42
N THR A 33 -17.20 -18.10 -23.62
CA THR A 33 -16.65 -19.33 -24.17
C THR A 33 -17.68 -20.04 -25.04
N THR A 34 -18.94 -20.04 -24.61
CA THR A 34 -20.02 -20.51 -25.48
C THR A 34 -20.16 -19.62 -26.72
N LEU A 35 -20.04 -18.30 -26.53
CA LEU A 35 -20.23 -17.36 -27.63
C LEU A 35 -19.22 -17.54 -28.75
N TYR A 36 -18.03 -18.08 -28.44
CA TYR A 36 -17.10 -18.39 -29.51
C TYR A 36 -17.63 -19.44 -30.48
N ARG A 37 -18.27 -20.50 -29.98
CA ARG A 37 -18.77 -21.56 -30.84
C ARG A 37 -20.22 -21.37 -31.29
N LEU A 38 -20.88 -20.28 -30.89
CA LEU A 38 -22.27 -20.11 -31.30
C LEU A 38 -22.34 -19.67 -32.76
N PRO A 39 -23.14 -20.37 -33.58
CA PRO A 39 -23.26 -20.01 -35.00
C PRO A 39 -24.09 -18.75 -35.22
N SER A 40 -24.41 -18.49 -36.49
CA SER A 40 -25.02 -17.23 -36.92
C SER A 40 -26.46 -17.12 -36.40
N VAL A 41 -27.03 -15.92 -36.61
CA VAL A 41 -28.40 -15.65 -36.18
C VAL A 41 -29.38 -16.41 -37.07
N GLY A 42 -30.34 -17.08 -36.43
CA GLY A 42 -31.35 -17.85 -37.12
C GLY A 42 -30.98 -19.31 -37.34
N GLU A 43 -29.76 -19.69 -37.01
CA GLU A 43 -29.31 -21.05 -37.16
C GLU A 43 -29.76 -21.91 -35.98
N PRO A 44 -30.27 -23.11 -36.24
CA PRO A 44 -30.69 -23.99 -35.14
C PRO A 44 -29.50 -24.47 -34.32
N VAL A 45 -29.49 -24.12 -33.03
CA VAL A 45 -28.31 -24.25 -32.19
C VAL A 45 -28.50 -25.38 -31.19
N THR A 46 -27.40 -25.71 -30.51
CA THR A 46 -27.39 -26.71 -29.44
C THR A 46 -26.88 -26.03 -28.18
N LEU A 47 -27.75 -25.88 -27.19
CA LEU A 47 -27.45 -25.03 -26.04
C LEU A 47 -28.36 -25.44 -24.87
N HIS A 48 -27.75 -25.94 -23.80
CA HIS A 48 -28.49 -26.48 -22.66
C HIS A 48 -28.75 -25.37 -21.65
N THR A 49 -29.95 -24.82 -21.68
CA THR A 49 -30.31 -23.70 -20.83
C THR A 49 -30.61 -24.15 -19.40
N HIS A 50 -30.46 -23.22 -18.46
CA HIS A 50 -30.72 -23.47 -17.06
C HIS A 50 -31.55 -22.33 -16.48
N LEU A 51 -32.63 -22.68 -15.78
CA LEU A 51 -33.51 -21.71 -15.14
C LEU A 51 -33.11 -21.54 -13.67
N VAL A 52 -33.08 -20.28 -13.23
CA VAL A 52 -32.89 -19.94 -11.82
C VAL A 52 -34.13 -19.18 -11.38
N VAL A 53 -34.79 -19.67 -10.33
CA VAL A 53 -36.06 -19.13 -9.88
C VAL A 53 -35.81 -18.17 -8.73
N ARG A 54 -36.22 -16.92 -8.90
CA ARG A 54 -36.21 -15.94 -7.83
C ARG A 54 -37.64 -15.46 -7.57
N GLU A 55 -37.82 -14.77 -6.44
CA GLU A 55 -39.10 -14.14 -6.16
C GLU A 55 -39.36 -12.92 -7.02
N ASP A 56 -38.35 -12.42 -7.73
CA ASP A 56 -38.48 -11.18 -8.49
C ASP A 56 -38.20 -11.32 -9.98
N ALA A 57 -37.45 -12.34 -10.40
CA ALA A 57 -37.08 -12.47 -11.81
C ALA A 57 -36.66 -13.90 -12.10
N HIS A 58 -36.53 -14.20 -13.39
CA HIS A 58 -36.03 -15.48 -13.87
C HIS A 58 -35.13 -15.24 -15.08
N LEU A 59 -34.12 -16.08 -15.23
CA LEU A 59 -33.21 -15.96 -16.36
C LEU A 59 -32.81 -17.36 -16.82
N LEU A 60 -32.36 -17.45 -18.07
CA LEU A 60 -32.00 -18.71 -18.68
C LEU A 60 -30.52 -18.70 -19.03
N TYR A 61 -29.84 -19.82 -18.75
CA TYR A 61 -28.38 -19.92 -18.75
C TYR A 61 -27.98 -21.13 -19.59
N GLY A 62 -27.60 -20.88 -20.85
CA GLY A 62 -27.34 -21.95 -21.79
C GLY A 62 -25.94 -22.54 -21.69
N PHE A 63 -25.82 -23.82 -22.09
CA PHE A 63 -24.55 -24.53 -22.06
C PHE A 63 -24.47 -25.47 -23.26
N ALA A 64 -23.25 -25.56 -23.83
CA ALA A 64 -23.05 -26.35 -25.04
C ALA A 64 -23.21 -27.84 -24.78
N GLU A 65 -22.71 -28.34 -23.66
CA GLU A 65 -22.66 -29.78 -23.40
C GLU A 65 -23.02 -30.02 -21.94
N LYS A 66 -23.19 -31.30 -21.59
CA LYS A 66 -23.62 -31.68 -20.25
C LYS A 66 -22.58 -31.36 -19.18
N ARG A 67 -21.28 -31.41 -19.50
CA ARG A 67 -20.26 -31.31 -18.46
C ARG A 67 -20.27 -29.94 -17.80
N GLU A 68 -20.33 -28.88 -18.60
CA GLU A 68 -20.37 -27.54 -18.01
C GLU A 68 -21.74 -27.24 -17.41
N ARG A 69 -22.79 -27.90 -17.89
CA ARG A 69 -24.10 -27.81 -17.24
C ARG A 69 -24.04 -28.33 -15.80
N GLU A 70 -23.48 -29.52 -15.62
CA GLU A 70 -23.32 -30.09 -14.28
C GLU A 70 -22.37 -29.25 -13.45
N LEU A 71 -21.29 -28.78 -14.07
CA LEU A 71 -20.35 -27.90 -13.37
C LEU A 71 -21.05 -26.65 -12.86
N PHE A 72 -21.89 -26.03 -13.69
CA PHE A 72 -22.57 -24.82 -13.29
C PHE A 72 -23.55 -25.07 -12.16
N ARG A 73 -24.36 -26.13 -12.26
CA ARG A 73 -25.35 -26.36 -11.20
C ARG A 73 -24.65 -26.69 -9.88
N GLU A 74 -23.55 -27.43 -9.93
CA GLU A 74 -22.83 -27.72 -8.69
C GLU A 74 -22.13 -26.49 -8.13
N LEU A 75 -21.58 -25.61 -8.98
CA LEU A 75 -20.99 -24.37 -8.47
C LEU A 75 -22.04 -23.47 -7.85
N ILE A 76 -23.20 -23.31 -8.50
CA ILE A 76 -24.28 -22.50 -7.92
C ILE A 76 -24.80 -23.14 -6.64
N ARG A 77 -24.69 -24.46 -6.51
CA ARG A 77 -25.06 -25.13 -5.27
C ARG A 77 -24.20 -24.71 -4.08
N LEU A 78 -23.05 -24.07 -4.30
CA LEU A 78 -22.26 -23.56 -3.20
C LEU A 78 -22.93 -22.36 -2.54
N ASN A 79 -22.56 -22.13 -1.28
CA ASN A 79 -23.19 -21.08 -0.48
C ASN A 79 -22.75 -19.69 -0.91
N GLY A 80 -21.55 -19.56 -1.45
CA GLY A 80 -21.00 -18.27 -1.79
C GLY A 80 -20.98 -17.89 -3.25
N VAL A 81 -21.44 -18.77 -4.14
CA VAL A 81 -21.29 -18.59 -5.58
C VAL A 81 -22.61 -18.13 -6.17
N GLY A 82 -22.57 -17.02 -6.89
CA GLY A 82 -23.70 -16.55 -7.65
C GLY A 82 -23.55 -16.88 -9.13
N PRO A 83 -24.58 -16.54 -9.93
CA PRO A 83 -24.54 -16.88 -11.35
C PRO A 83 -23.45 -16.18 -12.15
N LYS A 84 -23.26 -14.88 -11.92
CA LYS A 84 -22.27 -14.15 -12.71
C LYS A 84 -20.85 -14.61 -12.38
N LEU A 85 -20.63 -15.14 -11.17
CA LEU A 85 -19.32 -15.66 -10.81
C LEU A 85 -18.96 -16.84 -11.70
N ALA A 86 -19.84 -17.84 -11.77
CA ALA A 86 -19.59 -19.00 -12.61
C ALA A 86 -19.59 -18.64 -14.09
N LEU A 87 -20.41 -17.65 -14.48
CA LEU A 87 -20.39 -17.18 -15.86
C LEU A 87 -19.02 -16.61 -16.21
N ALA A 88 -18.43 -15.81 -15.33
CA ALA A 88 -17.10 -15.26 -15.57
C ALA A 88 -16.05 -16.36 -15.54
N LEU A 89 -16.21 -17.36 -14.67
CA LEU A 89 -15.26 -18.46 -14.62
C LEU A 89 -15.26 -19.26 -15.92
N MET A 90 -16.43 -19.54 -16.47
CA MET A 90 -16.48 -20.28 -17.72
C MET A 90 -16.06 -19.41 -18.91
N SER A 91 -16.35 -18.11 -18.86
CA SER A 91 -15.89 -17.22 -19.92
C SER A 91 -14.38 -17.13 -19.95
N GLY A 92 -13.75 -17.12 -18.77
CA GLY A 92 -12.29 -17.01 -18.73
C GLY A 92 -11.58 -18.26 -19.21
N LEU A 93 -12.07 -19.43 -18.81
CA LEU A 93 -11.34 -20.67 -19.08
C LEU A 93 -12.30 -21.87 -19.04
N GLU A 94 -11.78 -23.01 -19.47
CA GLU A 94 -12.59 -24.20 -19.74
C GLU A 94 -12.62 -25.11 -18.52
N VAL A 95 -13.51 -26.11 -18.58
CA VAL A 95 -13.71 -27.05 -17.47
C VAL A 95 -12.45 -27.84 -17.17
N ASP A 96 -11.78 -28.34 -18.22
CA ASP A 96 -10.56 -29.11 -18.02
C ASP A 96 -9.48 -28.27 -17.37
N GLU A 97 -9.37 -27.00 -17.79
CA GLU A 97 -8.39 -26.10 -17.19
C GLU A 97 -8.63 -25.93 -15.70
N LEU A 98 -9.89 -25.70 -15.30
CA LEU A 98 -10.17 -25.45 -13.89
C LEU A 98 -10.02 -26.73 -13.06
N VAL A 99 -10.40 -27.89 -13.60
CA VAL A 99 -10.22 -29.09 -12.80
C VAL A 99 -8.74 -29.45 -12.66
N ARG A 100 -7.95 -29.27 -13.73
CA ARG A 100 -6.53 -29.60 -13.62
C ARG A 100 -5.78 -28.58 -12.78
N CYS A 101 -6.29 -27.34 -12.70
CA CYS A 101 -5.71 -26.37 -11.78
C CYS A 101 -6.10 -26.65 -10.33
N VAL A 102 -7.35 -27.03 -10.08
CA VAL A 102 -7.79 -27.31 -8.73
C VAL A 102 -7.07 -28.52 -8.16
N GLN A 103 -6.93 -29.59 -8.96
CA GLN A 103 -6.14 -30.72 -8.48
C GLN A 103 -4.66 -30.36 -8.33
N ALA A 104 -4.19 -29.29 -8.96
CA ALA A 104 -2.86 -28.76 -8.75
C ALA A 104 -2.80 -27.70 -7.66
N GLN A 105 -3.95 -27.11 -7.30
CA GLN A 105 -4.08 -26.15 -6.20
C GLN A 105 -3.19 -24.92 -6.42
N ASP A 106 -3.41 -24.25 -7.55
CA ASP A 106 -2.78 -22.97 -7.83
C ASP A 106 -3.87 -21.91 -7.95
N THR A 107 -3.80 -20.89 -7.10
CA THR A 107 -4.76 -19.78 -7.13
C THR A 107 -4.44 -18.77 -8.22
N SER A 108 -3.21 -18.78 -8.74
CA SER A 108 -2.78 -17.76 -9.70
C SER A 108 -3.57 -17.87 -11.00
N THR A 109 -3.86 -19.10 -11.44
CA THR A 109 -4.65 -19.28 -12.64
C THR A 109 -6.09 -18.81 -12.44
N LEU A 110 -6.61 -18.95 -11.23
CA LEU A 110 -7.97 -18.53 -10.95
C LEU A 110 -8.07 -17.01 -10.88
N VAL A 111 -7.12 -16.35 -10.24
CA VAL A 111 -7.28 -14.93 -9.91
C VAL A 111 -7.09 -13.99 -11.10
N LYS A 112 -6.53 -14.44 -12.23
CA LYS A 112 -6.37 -13.51 -13.34
C LYS A 112 -7.70 -13.22 -14.03
N ILE A 113 -8.68 -14.08 -13.81
CA ILE A 113 -10.02 -13.84 -14.38
C ILE A 113 -10.61 -12.60 -13.71
N PRO A 114 -11.16 -11.66 -14.48
CA PRO A 114 -11.74 -10.46 -13.87
C PRO A 114 -12.90 -10.78 -12.94
N GLY A 115 -12.98 -10.05 -11.83
CA GLY A 115 -13.97 -10.31 -10.81
C GLY A 115 -13.63 -11.45 -9.89
N VAL A 116 -12.48 -12.09 -10.06
CA VAL A 116 -12.05 -13.20 -9.23
C VAL A 116 -10.85 -12.76 -8.42
N GLY A 117 -11.01 -12.70 -7.10
CA GLY A 117 -9.93 -12.35 -6.21
C GLY A 117 -9.36 -13.58 -5.51
N LYS A 118 -8.54 -13.31 -4.50
CA LYS A 118 -7.90 -14.41 -3.78
C LYS A 118 -8.94 -15.24 -3.02
N LYS A 119 -9.80 -14.58 -2.24
CA LYS A 119 -10.69 -15.31 -1.33
C LYS A 119 -11.63 -16.23 -2.09
N THR A 120 -12.17 -15.76 -3.21
CA THR A 120 -12.93 -16.62 -4.11
C THR A 120 -12.10 -17.81 -4.58
N ALA A 121 -10.79 -17.60 -4.78
CA ALA A 121 -9.95 -18.69 -5.28
C ALA A 121 -9.78 -19.79 -4.25
N GLU A 122 -9.47 -19.44 -2.99
CA GLU A 122 -9.39 -20.55 -2.03
C GLU A 122 -10.76 -21.13 -1.71
N ARG A 123 -11.84 -20.35 -1.85
CA ARG A 123 -13.17 -20.96 -1.73
C ARG A 123 -13.40 -22.00 -2.81
N LEU A 124 -13.08 -21.70 -4.06
CA LEU A 124 -13.23 -22.68 -5.13
C LEU A 124 -12.37 -23.90 -4.86
N LEU A 125 -11.10 -23.68 -4.51
CA LEU A 125 -10.18 -24.78 -4.24
C LEU A 125 -10.69 -25.68 -3.12
N VAL A 126 -11.00 -25.10 -1.97
CA VAL A 126 -11.37 -25.87 -0.79
C VAL A 126 -12.70 -26.57 -1.01
N GLU A 127 -13.71 -25.84 -1.47
CA GLU A 127 -15.05 -26.40 -1.57
C GLU A 127 -15.25 -27.24 -2.83
N LEU A 128 -14.24 -27.35 -3.70
CA LEU A 128 -14.27 -28.36 -4.75
C LEU A 128 -13.46 -29.60 -4.39
N LYS A 129 -12.31 -29.40 -3.73
CA LYS A 129 -11.58 -30.50 -3.13
C LYS A 129 -12.36 -31.15 -2.01
N ASP A 130 -13.39 -30.50 -1.49
CA ASP A 130 -14.29 -31.12 -0.53
C ASP A 130 -15.19 -32.11 -1.23
N ARG A 131 -14.58 -33.14 -1.81
CA ARG A 131 -15.25 -34.25 -2.47
C ARG A 131 -16.17 -33.73 -3.58
N PHE A 132 -15.59 -33.28 -4.70
CA PHE A 132 -16.35 -33.33 -5.94
C PHE A 132 -15.52 -33.73 -7.17
N LYS A 133 -14.20 -33.65 -7.10
CA LYS A 133 -13.37 -33.59 -8.30
C LYS A 133 -12.39 -34.75 -8.40
N ALA A 134 -12.80 -35.95 -7.98
CA ALA A 134 -12.01 -37.13 -8.29
C ALA A 134 -12.19 -37.54 -9.75
N TRP A 135 -13.41 -37.43 -10.27
CA TRP A 135 -13.71 -37.78 -11.65
C TRP A 135 -13.58 -36.55 -12.53
N GLU A 136 -13.18 -36.77 -13.79
CA GLU A 136 -13.21 -35.70 -14.76
C GLU A 136 -14.64 -35.43 -15.22
N ASN A 137 -14.96 -34.16 -15.39
CA ASN A 137 -16.31 -33.76 -15.81
C ASN A 137 -16.33 -33.34 -17.26
N VAL A 154 1.06 -27.55 21.29
CA VAL A 154 2.27 -28.34 21.16
C VAL A 154 3.19 -28.11 22.36
N SER A 155 4.35 -28.75 22.35
CA SER A 155 5.33 -28.60 23.40
C SER A 155 6.15 -27.33 23.18
N SER A 156 7.05 -27.04 24.11
CA SER A 156 7.91 -25.87 23.98
C SER A 156 8.89 -26.03 22.82
N ALA A 157 9.40 -27.24 22.63
CA ALA A 157 10.32 -27.48 21.52
C ALA A 157 9.62 -27.35 20.17
N GLU A 158 8.42 -27.90 20.05
CA GLU A 158 7.69 -27.82 18.79
C GLU A 158 7.23 -26.40 18.50
N ALA A 159 6.81 -25.67 19.54
CA ALA A 159 6.46 -24.27 19.36
C ALA A 159 7.67 -23.43 18.96
N ASP A 160 8.83 -23.73 19.56
CA ASP A 160 10.07 -23.08 19.17
C ASP A 160 10.41 -23.36 17.70
N ALA A 161 10.22 -24.62 17.29
CA ALA A 161 10.46 -24.99 15.89
C ALA A 161 9.52 -24.25 14.95
N VAL A 162 8.23 -24.17 15.31
CA VAL A 162 7.25 -23.50 14.46
C VAL A 162 7.58 -22.01 14.34
N SER A 163 7.93 -21.37 15.47
CA SER A 163 8.29 -19.96 15.44
C SER A 163 9.56 -19.72 14.62
N ALA A 164 10.55 -20.61 14.73
CA ALA A 164 11.75 -20.49 13.92
C ALA A 164 11.43 -20.62 12.44
N LEU A 165 10.55 -21.56 12.07
CA LEU A 165 10.15 -21.70 10.68
C LEU A 165 9.39 -20.46 10.18
N ILE A 166 8.50 -19.91 11.00
CA ILE A 166 7.83 -18.66 10.63
C ILE A 166 8.84 -17.55 10.40
N ALA A 167 9.83 -17.43 11.27
CA ALA A 167 10.88 -16.44 11.08
C ALA A 167 11.79 -16.75 9.91
N LEU A 168 11.79 -17.98 9.40
CA LEU A 168 12.61 -18.35 8.26
C LEU A 168 11.79 -18.63 7.00
N GLY A 169 10.68 -17.90 6.82
CA GLY A 169 9.96 -17.89 5.57
C GLY A 169 8.86 -18.94 5.44
N PHE A 170 8.75 -19.85 6.40
CA PHE A 170 7.75 -20.90 6.30
C PHE A 170 6.36 -20.36 6.65
N LYS A 171 5.42 -20.56 5.74
CA LYS A 171 4.01 -20.35 6.04
C LYS A 171 3.53 -21.42 7.03
N PRO A 172 2.58 -21.07 7.90
CA PRO A 172 2.29 -21.94 9.06
C PRO A 172 1.78 -23.33 8.73
N GLN A 173 1.22 -23.54 7.54
CA GLN A 173 0.69 -24.86 7.23
C GLN A 173 1.79 -25.87 6.98
N GLU A 174 2.83 -25.48 6.24
CA GLU A 174 3.97 -26.37 6.03
C GLU A 174 4.82 -26.52 7.28
N ALA A 175 4.77 -25.53 8.19
CA ALA A 175 5.37 -25.69 9.50
C ALA A 175 4.48 -26.51 10.44
N SER A 176 3.23 -26.73 10.06
CA SER A 176 2.29 -27.46 10.92
C SER A 176 2.27 -28.95 10.59
N ARG A 177 2.06 -29.30 9.31
CA ARG A 177 1.94 -30.72 9.01
C ARG A 177 3.29 -31.42 9.02
N ALA A 178 4.39 -30.67 8.92
CA ALA A 178 5.71 -31.26 9.15
C ALA A 178 5.88 -31.67 10.60
N VAL A 179 5.43 -30.84 11.54
CA VAL A 179 5.43 -31.21 12.94
C VAL A 179 4.50 -32.39 13.19
N ALA A 180 3.32 -32.36 12.56
CA ALA A 180 2.35 -33.43 12.75
C ALA A 180 2.84 -34.77 12.20
N ALA A 181 3.54 -34.76 11.06
CA ALA A 181 3.98 -36.00 10.44
C ALA A 181 5.08 -36.67 11.27
N VAL A 182 6.06 -35.90 11.73
CA VAL A 182 7.18 -36.43 12.50
C VAL A 182 7.33 -35.68 13.82
N PRO A 183 6.45 -35.92 14.79
CA PRO A 183 6.55 -35.23 16.08
C PRO A 183 7.77 -35.68 16.87
N GLY A 184 8.28 -34.77 17.70
CA GLY A 184 9.40 -35.05 18.56
C GLY A 184 8.95 -35.35 19.98
N GLU A 185 9.52 -36.40 20.57
CA GLU A 185 9.13 -36.88 21.89
C GLU A 185 10.37 -36.96 22.77
N ASP A 186 10.29 -36.30 23.94
CA ASP A 186 11.26 -36.34 25.05
C ASP A 186 12.73 -36.36 24.58
N LEU A 187 13.05 -35.48 23.65
CA LEU A 187 14.43 -35.31 23.19
C LEU A 187 14.56 -33.90 22.62
N SER A 188 15.80 -33.44 22.45
CA SER A 188 16.09 -32.04 22.20
C SER A 188 15.67 -31.61 20.80
N SER A 189 15.55 -30.29 20.62
CA SER A 189 14.87 -29.73 19.44
C SER A 189 15.67 -29.96 18.16
N GLU A 190 17.00 -29.85 18.24
CA GLU A 190 17.85 -29.74 17.05
C GLU A 190 17.76 -30.94 16.13
N GLU A 191 17.45 -32.13 16.65
CA GLU A 191 17.47 -33.31 15.80
C GLU A 191 16.11 -33.59 15.16
N MET A 192 14.99 -33.38 15.89
CA MET A 192 13.76 -33.62 15.15
C MET A 192 13.46 -32.47 14.20
N ILE A 193 13.93 -31.26 14.49
CA ILE A 193 13.78 -30.23 13.47
C ILE A 193 14.67 -30.53 12.27
N ARG A 194 15.83 -31.17 12.51
CA ARG A 194 16.71 -31.53 11.41
C ARG A 194 16.09 -32.59 10.51
N GLN A 195 15.52 -33.65 11.11
CA GLN A 195 14.87 -34.68 10.32
C GLN A 195 13.54 -34.21 9.74
N ALA A 196 12.92 -33.21 10.35
CA ALA A 196 11.74 -32.59 9.74
C ALA A 196 12.14 -31.80 8.49
N LEU A 197 13.27 -31.08 8.55
CA LEU A 197 13.78 -30.42 7.37
C LEU A 197 14.14 -31.43 6.28
N LYS A 198 14.70 -32.58 6.67
CA LYS A 198 14.81 -33.67 5.70
C LYS A 198 13.43 -34.23 5.36
N GLY A 199 12.49 -34.17 6.30
CA GLY A 199 11.16 -34.71 6.06
C GLY A 199 10.37 -33.96 5.00
N MET A 200 10.46 -32.62 4.99
CA MET A 200 9.68 -31.84 4.04
C MET A 200 10.21 -31.91 2.62
N VAL A 201 11.43 -32.41 2.42
CA VAL A 201 11.97 -32.57 1.08
C VAL A 201 11.24 -33.68 0.35
N MET B 1 -48.84 -16.73 -17.65
CA MET B 1 -49.87 -15.86 -18.22
C MET B 1 -50.30 -16.28 -19.62
N ILE B 2 -51.32 -17.13 -19.66
CA ILE B 2 -52.00 -17.51 -20.89
C ILE B 2 -53.40 -16.93 -20.85
N GLY B 3 -53.72 -16.03 -21.77
CA GLY B 3 -55.02 -15.40 -21.78
C GLY B 3 -56.07 -16.19 -22.56
N ARG B 4 -55.61 -17.08 -23.43
CA ARG B 4 -56.51 -17.92 -24.20
C ARG B 4 -55.77 -19.19 -24.57
N LEU B 5 -56.46 -20.32 -24.44
CA LEU B 5 -55.83 -21.61 -24.69
C LEU B 5 -56.67 -22.40 -25.67
N ARG B 6 -56.03 -22.93 -26.71
CA ARG B 6 -56.71 -23.66 -27.78
C ARG B 6 -55.90 -24.92 -28.10
N GLY B 7 -56.34 -26.06 -27.57
CA GLY B 7 -55.72 -27.34 -27.81
C GLY B 7 -56.76 -28.43 -27.89
N THR B 8 -56.26 -29.67 -28.00
CA THR B 8 -57.10 -30.85 -28.09
C THR B 8 -57.25 -31.47 -26.70
N LEU B 9 -58.46 -31.89 -26.37
CA LEU B 9 -58.76 -32.47 -25.06
C LEU B 9 -58.10 -33.84 -24.94
N ALA B 10 -57.03 -33.92 -24.14
CA ALA B 10 -56.31 -35.18 -23.97
C ALA B 10 -57.09 -36.20 -23.16
N GLU B 11 -57.72 -35.77 -22.06
CA GLU B 11 -58.53 -36.66 -21.26
C GLU B 11 -59.55 -35.84 -20.48
N LYS B 12 -60.55 -36.52 -19.94
CA LYS B 12 -61.59 -35.89 -19.14
C LYS B 12 -61.67 -36.56 -17.78
N GLN B 13 -61.55 -35.77 -16.72
CA GLN B 13 -61.63 -36.26 -15.35
C GLN B 13 -62.13 -35.12 -14.47
N PRO B 14 -63.33 -35.25 -13.89
CA PRO B 14 -63.92 -34.14 -13.17
C PRO B 14 -63.14 -33.83 -11.91
N PRO B 15 -63.04 -32.54 -11.53
CA PRO B 15 -63.56 -31.40 -12.30
C PRO B 15 -62.50 -30.81 -13.24
N HIS B 16 -61.37 -31.49 -13.36
CA HIS B 16 -60.23 -31.02 -14.13
C HIS B 16 -60.39 -31.38 -15.60
N LEU B 17 -59.38 -31.01 -16.39
CA LEU B 17 -59.24 -31.47 -17.77
C LEU B 17 -57.77 -31.37 -18.15
N ILE B 18 -57.40 -32.09 -19.21
CA ILE B 18 -56.05 -32.02 -19.76
C ILE B 18 -56.18 -31.68 -21.23
N LEU B 19 -55.64 -30.53 -21.63
CA LEU B 19 -55.74 -30.04 -23.00
C LEU B 19 -54.36 -30.15 -23.63
N ASP B 20 -54.16 -31.17 -24.47
CA ASP B 20 -52.87 -31.42 -25.11
C ASP B 20 -52.69 -30.43 -26.25
N VAL B 21 -52.01 -29.32 -25.94
CA VAL B 21 -51.76 -28.26 -26.91
C VAL B 21 -50.41 -28.54 -27.54
N ASN B 22 -50.42 -29.31 -28.63
CA ASN B 22 -49.22 -29.69 -29.38
C ASN B 22 -48.21 -30.42 -28.50
N GLY B 23 -48.69 -31.41 -27.74
CA GLY B 23 -47.81 -32.24 -26.95
C GLY B 23 -47.84 -31.95 -25.47
N VAL B 24 -48.13 -30.71 -25.09
CA VAL B 24 -48.15 -30.35 -23.67
C VAL B 24 -49.61 -30.29 -23.21
N GLY B 25 -49.91 -31.06 -22.15
CA GLY B 25 -51.26 -31.12 -21.63
C GLY B 25 -51.38 -30.52 -20.25
N TYR B 26 -52.03 -29.36 -20.15
CA TYR B 26 -52.03 -28.59 -18.93
C TYR B 26 -53.11 -29.08 -17.97
N GLU B 27 -52.78 -29.10 -16.68
CA GLU B 27 -53.75 -29.40 -15.63
C GLU B 27 -54.68 -28.20 -15.49
N VAL B 28 -55.86 -28.28 -16.08
CA VAL B 28 -56.80 -27.17 -16.14
C VAL B 28 -58.12 -27.63 -15.53
N GLU B 29 -58.63 -26.87 -14.57
CA GLU B 29 -59.92 -27.13 -13.96
C GLU B 29 -60.89 -26.01 -14.35
N VAL B 30 -62.07 -26.39 -14.82
CA VAL B 30 -63.08 -25.45 -15.28
C VAL B 30 -64.38 -25.77 -14.56
N PRO B 31 -65.28 -24.79 -14.44
CA PRO B 31 -66.57 -25.06 -13.78
C PRO B 31 -67.44 -26.03 -14.57
N MET B 32 -68.45 -26.54 -13.88
CA MET B 32 -69.34 -27.54 -14.47
C MET B 32 -70.17 -26.98 -15.62
N THR B 33 -70.50 -25.69 -15.55
CA THR B 33 -71.26 -25.06 -16.64
C THR B 33 -70.48 -25.10 -17.94
N THR B 34 -69.16 -24.88 -17.88
CA THR B 34 -68.32 -25.08 -19.05
C THR B 34 -68.24 -26.55 -19.42
N LEU B 35 -68.34 -27.44 -18.43
CA LEU B 35 -68.29 -28.88 -18.71
C LEU B 35 -69.52 -29.33 -19.49
N TYR B 36 -70.65 -28.64 -19.32
CA TYR B 36 -71.78 -28.90 -20.20
C TYR B 36 -71.49 -28.47 -21.63
N ARG B 37 -70.66 -27.44 -21.82
CA ARG B 37 -70.27 -26.99 -23.15
C ARG B 37 -69.00 -27.67 -23.64
N LEU B 38 -68.43 -28.58 -22.85
CA LEU B 38 -67.19 -29.24 -23.22
C LEU B 38 -67.44 -30.41 -24.16
N PRO B 39 -66.77 -30.43 -25.32
CA PRO B 39 -66.87 -31.59 -26.21
C PRO B 39 -66.13 -32.80 -25.67
N SER B 40 -66.08 -33.87 -26.45
CA SER B 40 -65.50 -35.12 -25.99
C SER B 40 -63.97 -35.04 -26.03
N VAL B 41 -63.32 -36.17 -25.72
CA VAL B 41 -61.87 -36.22 -25.64
C VAL B 41 -61.28 -36.26 -27.04
N GLY B 42 -60.30 -35.39 -27.30
CA GLY B 42 -59.65 -35.33 -28.59
C GLY B 42 -60.11 -34.20 -29.48
N GLU B 43 -60.96 -33.32 -28.99
CA GLU B 43 -61.49 -32.25 -29.82
C GLU B 43 -60.74 -30.95 -29.56
N PRO B 44 -60.46 -30.17 -30.61
CA PRO B 44 -59.84 -28.86 -30.42
C PRO B 44 -60.82 -27.89 -29.78
N VAL B 45 -60.55 -27.54 -28.52
CA VAL B 45 -61.44 -26.70 -27.73
C VAL B 45 -60.66 -25.47 -27.29
N THR B 46 -61.28 -24.29 -27.40
CA THR B 46 -60.64 -23.01 -27.09
C THR B 46 -61.13 -22.55 -25.73
N LEU B 47 -60.19 -22.24 -24.83
CA LEU B 47 -60.49 -21.78 -23.49
C LEU B 47 -59.84 -20.43 -23.24
N HIS B 48 -60.60 -19.51 -22.65
CA HIS B 48 -60.08 -18.21 -22.24
C HIS B 48 -59.63 -18.34 -20.78
N THR B 49 -58.43 -18.87 -20.59
CA THR B 49 -57.96 -19.26 -19.27
C THR B 49 -57.24 -18.11 -18.57
N HIS B 50 -56.93 -18.32 -17.30
CA HIS B 50 -56.12 -17.40 -16.50
C HIS B 50 -55.39 -18.19 -15.44
N LEU B 51 -54.09 -17.90 -15.29
CA LEU B 51 -53.26 -18.56 -14.29
C LEU B 51 -53.38 -17.85 -12.94
N VAL B 52 -53.46 -18.64 -11.87
CA VAL B 52 -53.41 -18.14 -10.51
C VAL B 52 -52.09 -18.58 -9.91
N VAL B 53 -51.24 -17.62 -9.57
CA VAL B 53 -49.86 -17.88 -9.15
C VAL B 53 -49.80 -17.82 -7.63
N ARG B 54 -49.33 -18.91 -7.02
CA ARG B 54 -49.15 -19.00 -5.59
C ARG B 54 -47.68 -19.23 -5.27
N GLU B 55 -47.33 -19.06 -4.00
CA GLU B 55 -45.97 -19.31 -3.54
C GLU B 55 -45.55 -20.76 -3.65
N ASP B 56 -46.51 -21.69 -3.72
CA ASP B 56 -46.19 -23.11 -3.80
C ASP B 56 -46.96 -23.82 -4.91
N ALA B 57 -47.76 -23.10 -5.69
CA ALA B 57 -48.59 -23.75 -6.71
C ALA B 57 -48.95 -22.75 -7.79
N HIS B 58 -49.42 -23.27 -8.92
CA HIS B 58 -49.97 -22.48 -10.01
C HIS B 58 -51.19 -23.22 -10.54
N LEU B 59 -52.29 -22.49 -10.74
CA LEU B 59 -53.54 -23.10 -11.16
C LEU B 59 -54.09 -22.40 -12.39
N LEU B 60 -54.46 -23.20 -13.39
CA LEU B 60 -55.11 -22.73 -14.60
C LEU B 60 -56.60 -22.98 -14.52
N TYR B 61 -57.38 -21.96 -14.88
CA TYR B 61 -58.83 -22.05 -14.89
C TYR B 61 -59.32 -21.59 -16.25
N GLY B 62 -59.69 -22.53 -17.11
CA GLY B 62 -60.15 -22.22 -18.45
C GLY B 62 -61.58 -21.72 -18.47
N PHE B 63 -61.91 -20.96 -19.51
CA PHE B 63 -63.25 -20.42 -19.68
C PHE B 63 -63.60 -20.40 -21.16
N ALA B 64 -64.79 -20.90 -21.48
CA ALA B 64 -65.24 -20.89 -22.86
C ALA B 64 -65.57 -19.48 -23.33
N GLU B 65 -65.77 -18.55 -22.39
CA GLU B 65 -66.17 -17.19 -22.70
C GLU B 65 -65.21 -16.22 -22.01
N LYS B 66 -65.02 -15.05 -22.61
CA LYS B 66 -64.16 -14.04 -22.01
C LYS B 66 -64.80 -13.42 -20.77
N ARG B 67 -66.10 -13.16 -20.81
CA ARG B 67 -66.73 -12.42 -19.73
C ARG B 67 -66.81 -13.22 -18.45
N GLU B 68 -66.97 -14.54 -18.53
CA GLU B 68 -66.97 -15.35 -17.32
C GLU B 68 -65.59 -15.35 -16.67
N ARG B 69 -64.53 -15.31 -17.48
CA ARG B 69 -63.18 -15.12 -16.95
C ARG B 69 -63.03 -13.77 -16.27
N GLU B 70 -63.61 -12.72 -16.87
CA GLU B 70 -63.56 -11.40 -16.25
C GLU B 70 -64.29 -11.39 -14.90
N LEU B 71 -65.48 -12.00 -14.83
CA LEU B 71 -66.17 -12.14 -13.56
C LEU B 71 -65.38 -12.95 -12.55
N PHE B 72 -64.68 -13.98 -13.01
CA PHE B 72 -63.81 -14.73 -12.11
C PHE B 72 -62.72 -13.84 -11.53
N ARG B 73 -62.14 -12.97 -12.37
CA ARG B 73 -61.15 -12.01 -11.90
C ARG B 73 -61.74 -11.05 -10.87
N GLU B 74 -62.96 -10.55 -11.13
CA GLU B 74 -63.61 -9.67 -10.15
C GLU B 74 -63.86 -10.38 -8.83
N LEU B 75 -64.30 -11.64 -8.88
CA LEU B 75 -64.59 -12.38 -7.66
C LEU B 75 -63.31 -12.64 -6.86
N ILE B 76 -62.24 -13.06 -7.54
CA ILE B 76 -61.00 -13.34 -6.82
C ILE B 76 -60.35 -12.04 -6.34
N ARG B 77 -60.69 -10.91 -6.95
CA ARG B 77 -60.20 -9.62 -6.46
C ARG B 77 -60.79 -9.29 -5.08
N LEU B 78 -61.93 -9.87 -4.74
CA LEU B 78 -62.54 -9.63 -3.43
C LEU B 78 -61.64 -10.23 -2.34
N ASN B 79 -61.64 -9.58 -1.18
CA ASN B 79 -60.63 -9.84 -0.16
C ASN B 79 -60.75 -11.24 0.45
N GLY B 80 -61.96 -11.77 0.55
CA GLY B 80 -62.17 -13.08 1.15
C GLY B 80 -62.42 -14.23 0.21
N VAL B 81 -62.57 -13.97 -1.09
CA VAL B 81 -62.92 -15.00 -2.06
C VAL B 81 -61.67 -15.43 -2.80
N GLY B 82 -61.40 -16.73 -2.78
CA GLY B 82 -60.31 -17.30 -3.53
C GLY B 82 -60.81 -17.95 -4.80
N PRO B 83 -60.04 -18.90 -5.33
CA PRO B 83 -60.42 -19.55 -6.59
C PRO B 83 -61.65 -20.45 -6.47
N LYS B 84 -61.77 -21.17 -5.35
CA LYS B 84 -62.77 -22.23 -5.28
C LYS B 84 -64.15 -21.69 -4.90
N LEU B 85 -64.21 -20.60 -4.13
CA LEU B 85 -65.49 -19.94 -3.92
C LEU B 85 -66.06 -19.40 -5.22
N ALA B 86 -65.21 -18.73 -6.01
CA ALA B 86 -65.63 -18.27 -7.33
C ALA B 86 -65.97 -19.44 -8.25
N LEU B 87 -65.27 -20.57 -8.09
CA LEU B 87 -65.61 -21.78 -8.84
C LEU B 87 -67.01 -22.25 -8.50
N ALA B 88 -67.36 -22.26 -7.21
CA ALA B 88 -68.71 -22.63 -6.80
C ALA B 88 -69.75 -21.67 -7.34
N LEU B 89 -69.45 -20.36 -7.33
CA LEU B 89 -70.40 -19.38 -7.87
C LEU B 89 -70.59 -19.57 -9.37
N MET B 90 -69.52 -19.84 -10.11
CA MET B 90 -69.65 -20.06 -11.55
C MET B 90 -70.38 -21.35 -11.86
N SER B 91 -70.09 -22.42 -11.12
CA SER B 91 -70.74 -23.71 -11.38
C SER B 91 -72.22 -23.67 -11.01
N GLY B 92 -72.56 -22.98 -9.93
CA GLY B 92 -73.94 -22.99 -9.46
C GLY B 92 -74.89 -22.25 -10.37
N LEU B 93 -74.52 -21.04 -10.79
CA LEU B 93 -75.42 -20.14 -11.48
C LEU B 93 -74.73 -19.48 -12.67
N GLU B 94 -75.52 -18.76 -13.46
CA GLU B 94 -75.08 -18.14 -14.69
C GLU B 94 -74.81 -16.64 -14.48
N VAL B 95 -73.92 -16.09 -15.32
CA VAL B 95 -73.39 -14.74 -15.10
C VAL B 95 -74.50 -13.69 -15.13
N ASP B 96 -75.38 -13.76 -16.13
CA ASP B 96 -76.47 -12.78 -16.21
C ASP B 96 -77.42 -12.94 -15.04
N GLU B 97 -77.61 -14.17 -14.57
CA GLU B 97 -78.39 -14.38 -13.35
C GLU B 97 -77.75 -13.68 -12.16
N LEU B 98 -76.42 -13.77 -12.04
CA LEU B 98 -75.72 -13.05 -10.98
C LEU B 98 -75.92 -11.55 -11.09
N VAL B 99 -75.78 -10.99 -12.29
CA VAL B 99 -75.87 -9.53 -12.40
C VAL B 99 -77.31 -9.06 -12.14
N ARG B 100 -78.30 -9.83 -12.58
CA ARG B 100 -79.69 -9.46 -12.30
C ARG B 100 -79.99 -9.55 -10.80
N CYS B 101 -79.51 -10.60 -10.14
CA CYS B 101 -79.79 -10.73 -8.71
C CYS B 101 -79.01 -9.73 -7.87
N VAL B 102 -77.83 -9.31 -8.33
CA VAL B 102 -77.11 -8.23 -7.66
C VAL B 102 -77.85 -6.91 -7.85
N GLN B 103 -78.37 -6.67 -9.05
CA GLN B 103 -79.24 -5.51 -9.24
C GLN B 103 -80.53 -5.66 -8.43
N ALA B 104 -80.95 -6.89 -8.16
CA ALA B 104 -82.10 -7.16 -7.30
C ALA B 104 -81.73 -7.29 -5.84
N GLN B 105 -80.43 -7.34 -5.51
CA GLN B 105 -79.92 -7.49 -4.15
C GLN B 105 -80.48 -8.75 -3.48
N ASP B 106 -80.57 -9.83 -4.25
CA ASP B 106 -81.09 -11.10 -3.77
C ASP B 106 -80.04 -11.78 -2.90
N THR B 107 -80.50 -12.65 -2.01
CA THR B 107 -79.65 -13.45 -1.14
C THR B 107 -79.97 -14.92 -1.18
N SER B 108 -81.26 -15.28 -1.29
CA SER B 108 -81.68 -16.67 -1.26
C SER B 108 -81.15 -17.45 -2.45
N THR B 109 -81.09 -16.83 -3.63
CA THR B 109 -80.53 -17.49 -4.80
C THR B 109 -79.03 -17.74 -4.67
N LEU B 110 -78.36 -17.05 -3.74
CA LEU B 110 -76.94 -17.24 -3.49
C LEU B 110 -76.68 -18.28 -2.41
N VAL B 111 -77.45 -18.22 -1.31
CA VAL B 111 -77.23 -19.12 -0.18
C VAL B 111 -77.51 -20.56 -0.59
N LYS B 112 -78.46 -20.77 -1.50
CA LYS B 112 -78.83 -22.13 -1.91
C LYS B 112 -77.70 -22.86 -2.62
N ILE B 113 -76.68 -22.16 -3.09
CA ILE B 113 -75.48 -22.82 -3.63
C ILE B 113 -74.78 -23.57 -2.50
N PRO B 114 -74.44 -24.84 -2.69
CA PRO B 114 -73.72 -25.57 -1.63
C PRO B 114 -72.37 -24.94 -1.33
N GLY B 115 -71.99 -24.97 -0.05
CA GLY B 115 -70.79 -24.33 0.40
C GLY B 115 -70.89 -22.83 0.62
N VAL B 116 -72.07 -22.26 0.41
CA VAL B 116 -72.30 -20.83 0.53
C VAL B 116 -73.27 -20.58 1.67
N GLY B 117 -72.84 -19.77 2.64
CA GLY B 117 -73.68 -19.35 3.73
C GLY B 117 -74.22 -17.95 3.54
N LYS B 118 -74.89 -17.45 4.58
CA LYS B 118 -75.42 -16.09 4.54
C LYS B 118 -74.29 -15.06 4.49
N LYS B 119 -73.19 -15.36 5.19
CA LYS B 119 -72.06 -14.43 5.28
C LYS B 119 -71.47 -14.13 3.90
N THR B 120 -71.12 -15.17 3.15
CA THR B 120 -70.49 -14.97 1.85
C THR B 120 -71.47 -14.32 0.87
N ALA B 121 -72.75 -14.66 0.96
CA ALA B 121 -73.74 -14.06 0.07
C ALA B 121 -73.87 -12.56 0.33
N GLU B 122 -74.07 -12.17 1.59
CA GLU B 122 -74.20 -10.75 1.89
C GLU B 122 -72.92 -10.01 1.54
N ARG B 123 -71.75 -10.65 1.77
CA ARG B 123 -70.49 -10.07 1.34
C ARG B 123 -70.51 -9.78 -0.15
N LEU B 124 -70.59 -10.84 -0.98
CA LEU B 124 -70.45 -10.67 -2.42
C LEU B 124 -71.43 -9.64 -2.96
N LEU B 125 -72.66 -9.62 -2.43
CA LEU B 125 -73.59 -8.60 -2.89
C LEU B 125 -73.17 -7.20 -2.47
N VAL B 126 -72.68 -7.00 -1.23
CA VAL B 126 -72.49 -5.61 -0.83
C VAL B 126 -71.17 -5.04 -1.33
N GLU B 127 -70.09 -5.85 -1.37
CA GLU B 127 -68.88 -5.42 -2.08
C GLU B 127 -69.00 -5.50 -3.61
N LEU B 128 -70.09 -6.04 -4.16
CA LEU B 128 -70.25 -6.01 -5.60
C LEU B 128 -71.29 -4.97 -6.04
N LYS B 129 -72.01 -4.38 -5.09
CA LYS B 129 -73.01 -3.34 -5.41
C LYS B 129 -72.39 -2.16 -6.12
N ASP B 130 -71.18 -1.75 -5.72
CA ASP B 130 -70.56 -0.56 -6.27
C ASP B 130 -70.21 -0.70 -7.75
N ARG B 131 -69.92 -1.93 -8.20
CA ARG B 131 -69.50 -2.14 -9.57
C ARG B 131 -70.71 -2.22 -10.50
N PHE B 132 -70.44 -2.58 -11.76
CA PHE B 132 -71.45 -2.83 -12.80
C PHE B 132 -72.29 -1.60 -13.13
N LYS B 133 -71.73 -0.40 -12.98
CA LYS B 133 -72.33 0.77 -13.62
C LYS B 133 -71.89 0.90 -15.06
N ALA B 134 -70.88 0.14 -15.49
CA ALA B 134 -70.38 0.24 -16.85
C ALA B 134 -71.07 -0.75 -17.78
N TRP B 135 -71.02 -2.03 -17.45
CA TRP B 135 -71.50 -3.13 -18.31
C TRP B 135 -70.88 -3.08 -19.69
N MET C 1 -51.10 -26.97 -12.77
CA MET C 1 -50.77 -26.10 -13.90
C MET C 1 -50.39 -26.94 -15.11
N ILE C 2 -49.86 -28.13 -14.85
CA ILE C 2 -49.40 -29.05 -15.88
C ILE C 2 -49.83 -30.45 -15.47
N GLY C 3 -50.41 -31.19 -16.40
CA GLY C 3 -50.90 -32.51 -16.07
C GLY C 3 -50.28 -33.66 -16.85
N ARG C 4 -49.94 -33.43 -18.10
CA ARG C 4 -49.42 -34.49 -18.95
C ARG C 4 -48.50 -33.87 -20.00
N LEU C 5 -47.57 -34.69 -20.50
CA LEU C 5 -46.60 -34.26 -21.48
C LEU C 5 -46.50 -35.35 -22.55
N ARG C 6 -46.30 -34.93 -23.80
CA ARG C 6 -46.23 -35.85 -24.94
C ARG C 6 -45.13 -35.38 -25.88
N GLY C 7 -43.94 -36.00 -25.77
CA GLY C 7 -42.83 -35.62 -26.61
C GLY C 7 -41.83 -36.74 -26.83
N THR C 8 -40.74 -36.45 -27.53
CA THR C 8 -39.74 -37.45 -27.88
C THR C 8 -38.61 -37.46 -26.86
N LEU C 9 -38.03 -38.64 -26.65
CA LEU C 9 -37.01 -38.83 -25.62
C LEU C 9 -35.70 -38.20 -26.07
N ALA C 10 -35.36 -37.04 -25.51
CA ALA C 10 -34.12 -36.35 -25.85
C ALA C 10 -32.88 -37.13 -25.42
N GLU C 11 -32.85 -37.62 -24.18
CA GLU C 11 -31.71 -38.38 -23.68
C GLU C 11 -32.16 -39.17 -22.46
N LYS C 12 -31.25 -40.00 -21.95
CA LYS C 12 -31.50 -40.83 -20.77
C LYS C 12 -30.32 -40.66 -19.81
N GLN C 13 -30.49 -39.84 -18.79
CA GLN C 13 -29.48 -39.62 -17.75
C GLN C 13 -30.13 -39.80 -16.39
N PRO C 14 -30.35 -41.04 -15.95
CA PRO C 14 -31.12 -41.26 -14.73
C PRO C 14 -30.35 -40.76 -13.51
N PRO C 15 -31.06 -40.38 -12.44
CA PRO C 15 -32.53 -40.45 -12.27
C PRO C 15 -33.27 -39.23 -12.82
N HIS C 16 -32.54 -38.30 -13.42
CA HIS C 16 -33.13 -37.19 -14.14
C HIS C 16 -33.56 -37.67 -15.53
N LEU C 17 -34.35 -36.84 -16.21
CA LEU C 17 -34.82 -37.21 -17.53
C LEU C 17 -35.22 -35.95 -18.29
N ILE C 18 -34.96 -35.95 -19.60
CA ILE C 18 -35.26 -34.84 -20.48
C ILE C 18 -36.18 -35.35 -21.58
N LEU C 19 -37.33 -34.70 -21.73
CA LEU C 19 -38.28 -35.01 -22.80
C LEU C 19 -38.36 -33.82 -23.75
N ASP C 20 -37.90 -34.01 -24.98
CA ASP C 20 -37.91 -32.93 -25.97
C ASP C 20 -39.28 -32.80 -26.60
N VAL C 21 -40.04 -31.79 -26.19
CA VAL C 21 -41.42 -31.61 -26.63
C VAL C 21 -41.51 -30.30 -27.40
N ASN C 22 -41.90 -30.39 -28.67
CA ASN C 22 -41.92 -29.26 -29.61
C ASN C 22 -40.55 -28.56 -29.64
N GLY C 23 -39.50 -29.35 -29.54
CA GLY C 23 -38.16 -28.83 -29.46
C GLY C 23 -37.75 -28.33 -28.09
N VAL C 24 -38.65 -28.39 -27.12
CA VAL C 24 -38.42 -27.85 -25.80
C VAL C 24 -38.25 -29.01 -24.82
N GLY C 25 -37.12 -29.05 -24.12
CA GLY C 25 -36.83 -30.12 -23.18
C GLY C 25 -37.15 -29.77 -21.75
N TYR C 26 -37.77 -30.71 -21.03
CA TYR C 26 -38.13 -30.51 -19.63
C TYR C 26 -37.35 -31.46 -18.74
N GLU C 27 -36.83 -30.93 -17.63
CA GLU C 27 -36.21 -31.76 -16.61
C GLU C 27 -37.33 -32.38 -15.76
N VAL C 28 -37.37 -33.71 -15.73
CA VAL C 28 -38.35 -34.44 -14.94
C VAL C 28 -37.62 -35.48 -14.11
N GLU C 29 -38.23 -35.82 -12.99
CA GLU C 29 -37.71 -36.85 -12.10
C GLU C 29 -38.60 -38.08 -12.20
N VAL C 30 -37.96 -39.24 -12.34
CA VAL C 30 -38.64 -40.45 -12.82
C VAL C 30 -38.35 -41.57 -11.83
N PRO C 31 -39.32 -42.45 -11.55
CA PRO C 31 -39.03 -43.62 -10.71
C PRO C 31 -38.23 -44.66 -11.48
N MET C 32 -37.55 -45.52 -10.71
CA MET C 32 -36.81 -46.64 -11.29
C MET C 32 -37.75 -47.62 -11.96
N THR C 33 -38.91 -47.86 -11.37
CA THR C 33 -39.92 -48.73 -11.98
C THR C 33 -40.36 -48.18 -13.33
N THR C 34 -40.49 -46.85 -13.43
CA THR C 34 -40.78 -46.24 -14.72
C THR C 34 -39.57 -46.30 -15.64
N LEU C 35 -38.36 -46.24 -15.09
CA LEU C 35 -37.15 -46.44 -15.89
C LEU C 35 -37.13 -47.81 -16.55
N TYR C 36 -37.70 -48.82 -15.90
CA TYR C 36 -37.90 -50.10 -16.59
C TYR C 36 -38.95 -50.02 -17.68
N ARG C 37 -39.83 -49.02 -17.65
CA ARG C 37 -40.91 -48.91 -18.63
C ARG C 37 -40.61 -47.94 -19.77
N LEU C 38 -39.47 -47.26 -19.75
CA LEU C 38 -39.22 -46.24 -20.76
C LEU C 38 -38.77 -46.86 -22.07
N PRO C 39 -39.14 -46.28 -23.22
CA PRO C 39 -38.62 -46.75 -24.50
C PRO C 39 -37.25 -46.19 -24.81
N SER C 40 -36.75 -46.44 -26.02
CA SER C 40 -35.43 -45.98 -26.41
C SER C 40 -35.39 -44.46 -26.53
N VAL C 41 -34.17 -43.92 -26.50
CA VAL C 41 -33.98 -42.48 -26.67
C VAL C 41 -34.37 -42.08 -28.09
N GLY C 42 -35.22 -41.06 -28.18
CA GLY C 42 -35.77 -40.64 -29.46
C GLY C 42 -37.15 -41.15 -29.75
N GLU C 43 -37.77 -41.86 -28.81
CA GLU C 43 -39.11 -42.38 -28.99
C GLU C 43 -40.16 -41.43 -28.44
N PRO C 44 -41.17 -41.07 -29.24
CA PRO C 44 -42.25 -40.22 -28.71
C PRO C 44 -43.08 -40.97 -27.69
N VAL C 45 -42.99 -40.52 -26.44
CA VAL C 45 -43.61 -41.20 -25.31
C VAL C 45 -44.35 -40.16 -24.46
N THR C 46 -45.51 -40.55 -23.95
CA THR C 46 -46.38 -39.67 -23.16
C THR C 46 -46.04 -39.82 -21.69
N LEU C 47 -45.79 -38.71 -21.02
CA LEU C 47 -45.49 -38.69 -19.59
C LEU C 47 -46.51 -37.81 -18.88
N HIS C 48 -47.12 -38.37 -17.83
CA HIS C 48 -48.14 -37.67 -17.07
C HIS C 48 -47.42 -36.94 -15.92
N THR C 49 -47.22 -35.64 -16.09
CA THR C 49 -46.27 -34.89 -15.28
C THR C 49 -46.96 -34.11 -14.18
N HIS C 50 -46.30 -34.04 -13.02
CA HIS C 50 -46.75 -33.23 -11.90
C HIS C 50 -45.61 -32.31 -11.46
N LEU C 51 -45.94 -31.09 -11.10
CA LEU C 51 -44.97 -30.08 -10.67
C LEU C 51 -45.07 -29.81 -9.18
N VAL C 52 -43.93 -29.72 -8.51
CA VAL C 52 -43.84 -29.19 -7.16
C VAL C 52 -43.14 -27.83 -7.25
N VAL C 53 -43.58 -26.89 -6.41
CA VAL C 53 -43.05 -25.53 -6.45
C VAL C 53 -42.56 -25.17 -5.05
N ARG C 54 -41.28 -24.80 -4.95
CA ARG C 54 -40.73 -24.16 -3.77
C ARG C 54 -40.22 -22.78 -4.13
N GLU C 55 -39.66 -22.09 -3.13
CA GLU C 55 -39.39 -20.66 -3.26
C GLU C 55 -38.21 -20.34 -4.18
N ASP C 56 -37.31 -21.29 -4.44
CA ASP C 56 -36.12 -21.02 -5.23
C ASP C 56 -36.00 -21.88 -6.48
N ALA C 57 -36.83 -22.91 -6.64
CA ALA C 57 -36.75 -23.79 -7.79
C ALA C 57 -38.01 -24.64 -7.85
N HIS C 58 -38.08 -25.48 -8.87
CA HIS C 58 -39.18 -26.43 -9.05
C HIS C 58 -38.62 -27.74 -9.60
N LEU C 59 -39.35 -28.83 -9.36
CA LEU C 59 -39.10 -30.12 -9.98
C LEU C 59 -40.39 -30.67 -10.57
N LEU C 60 -40.31 -31.15 -11.81
CA LEU C 60 -41.36 -31.91 -12.46
C LEU C 60 -41.20 -33.39 -12.12
N TYR C 61 -42.28 -34.15 -12.33
CA TYR C 61 -42.27 -35.60 -12.10
C TYR C 61 -43.07 -36.26 -13.22
N GLY C 62 -42.37 -36.65 -14.28
CA GLY C 62 -43.01 -37.36 -15.39
C GLY C 62 -43.36 -38.78 -14.98
N PHE C 63 -44.64 -39.13 -15.13
CA PHE C 63 -45.13 -40.44 -14.77
C PHE C 63 -45.81 -41.10 -15.97
N ALA C 64 -45.76 -42.43 -16.00
CA ALA C 64 -46.31 -43.16 -17.14
C ALA C 64 -47.80 -43.44 -16.98
N GLU C 65 -48.40 -43.02 -15.87
CA GLU C 65 -49.77 -43.39 -15.55
C GLU C 65 -50.33 -42.41 -14.54
N LYS C 66 -51.66 -42.38 -14.40
CA LYS C 66 -52.39 -41.52 -13.48
C LYS C 66 -52.27 -41.90 -12.01
N ARG C 67 -52.80 -43.06 -11.61
CA ARG C 67 -53.04 -43.33 -10.19
C ARG C 67 -51.75 -43.26 -9.37
N GLU C 68 -50.61 -43.56 -10.01
CA GLU C 68 -49.33 -43.27 -9.37
C GLU C 68 -49.14 -41.78 -9.13
N ARG C 69 -49.59 -40.94 -10.07
CA ARG C 69 -49.46 -39.50 -9.87
C ARG C 69 -50.37 -38.99 -8.77
N GLU C 70 -51.63 -39.43 -8.71
CA GLU C 70 -52.46 -38.96 -7.60
C GLU C 70 -52.00 -39.52 -6.25
N LEU C 71 -51.43 -40.75 -6.22
CA LEU C 71 -50.91 -41.20 -4.94
C LEU C 71 -49.67 -40.41 -4.53
N PHE C 72 -48.86 -40.00 -5.52
CA PHE C 72 -47.78 -39.06 -5.24
C PHE C 72 -48.31 -37.77 -4.63
N ARG C 73 -49.38 -37.22 -5.20
CA ARG C 73 -49.95 -35.98 -4.69
C ARG C 73 -50.47 -36.16 -3.26
N GLU C 74 -51.17 -37.27 -3.01
CA GLU C 74 -51.70 -37.53 -1.67
C GLU C 74 -50.58 -37.69 -0.66
N LEU C 75 -49.49 -38.38 -1.03
CA LEU C 75 -48.39 -38.54 -0.10
C LEU C 75 -47.70 -37.21 0.18
N ILE C 76 -47.37 -36.44 -0.86
CA ILE C 76 -46.65 -35.19 -0.67
C ILE C 76 -47.51 -34.12 -0.03
N ARG C 77 -48.83 -34.32 0.02
CA ARG C 77 -49.68 -33.44 0.82
C ARG C 77 -49.42 -33.56 2.31
N LEU C 78 -48.70 -34.60 2.75
CA LEU C 78 -48.32 -34.73 4.15
C LEU C 78 -47.11 -33.87 4.47
N ASN C 79 -47.19 -33.17 5.61
CA ASN C 79 -46.11 -32.27 6.02
C ASN C 79 -44.88 -33.01 6.52
N GLY C 80 -45.02 -34.24 7.01
CA GLY C 80 -43.89 -34.94 7.58
C GLY C 80 -42.94 -35.56 6.58
N VAL C 81 -43.37 -35.67 5.32
CA VAL C 81 -42.62 -36.35 4.28
C VAL C 81 -42.61 -35.47 3.03
N GLY C 82 -41.48 -35.47 2.32
CA GLY C 82 -41.36 -34.74 1.08
C GLY C 82 -41.36 -35.63 -0.14
N PRO C 83 -40.99 -35.06 -1.29
CA PRO C 83 -41.12 -35.81 -2.56
C PRO C 83 -40.12 -36.93 -2.72
N LYS C 84 -38.93 -36.82 -2.13
CA LYS C 84 -37.84 -37.74 -2.48
C LYS C 84 -37.92 -39.03 -1.67
N LEU C 85 -38.44 -38.96 -0.43
CA LEU C 85 -38.82 -40.21 0.24
C LEU C 85 -39.94 -40.90 -0.54
N ALA C 86 -40.86 -40.13 -1.13
CA ALA C 86 -41.84 -40.73 -2.01
C ALA C 86 -41.18 -41.40 -3.21
N LEU C 87 -40.13 -40.77 -3.76
CA LEU C 87 -39.41 -41.38 -4.88
C LEU C 87 -38.79 -42.71 -4.47
N ALA C 88 -38.20 -42.77 -3.27
CA ALA C 88 -37.65 -44.02 -2.76
C ALA C 88 -38.74 -45.07 -2.57
N LEU C 89 -39.90 -44.64 -2.06
CA LEU C 89 -41.03 -45.56 -1.87
C LEU C 89 -41.53 -46.13 -3.20
N MET C 90 -41.69 -45.27 -4.21
CA MET C 90 -42.24 -45.73 -5.48
C MET C 90 -41.21 -46.52 -6.27
N SER C 91 -39.93 -46.25 -6.08
CA SER C 91 -38.90 -47.11 -6.67
C SER C 91 -38.85 -48.44 -5.95
N GLY C 92 -39.24 -48.47 -4.68
CA GLY C 92 -39.31 -49.74 -3.96
C GLY C 92 -40.42 -50.64 -4.45
N LEU C 93 -41.65 -50.11 -4.52
CA LEU C 93 -42.82 -50.93 -4.83
C LEU C 93 -43.81 -50.15 -5.69
N GLU C 94 -44.70 -50.89 -6.34
CA GLU C 94 -45.75 -50.33 -7.19
C GLU C 94 -47.01 -50.07 -6.37
N VAL C 95 -48.11 -49.80 -7.08
CA VAL C 95 -49.31 -49.30 -6.43
C VAL C 95 -50.03 -50.39 -5.64
N ASP C 96 -50.21 -51.58 -6.21
CA ASP C 96 -51.15 -52.55 -5.63
C ASP C 96 -50.58 -53.19 -4.37
N GLU C 97 -49.29 -53.55 -4.39
CA GLU C 97 -48.69 -54.12 -3.19
C GLU C 97 -48.57 -53.11 -2.07
N LEU C 98 -48.34 -51.83 -2.41
CA LEU C 98 -48.38 -50.79 -1.40
C LEU C 98 -49.77 -50.63 -0.81
N VAL C 99 -50.80 -50.73 -1.66
CA VAL C 99 -52.18 -50.59 -1.20
C VAL C 99 -52.54 -51.72 -0.24
N ARG C 100 -52.18 -52.96 -0.60
CA ARG C 100 -52.49 -54.07 0.31
C ARG C 100 -51.64 -53.99 1.58
N CYS C 101 -50.39 -53.52 1.46
CA CYS C 101 -49.52 -53.41 2.64
C CYS C 101 -50.04 -52.39 3.63
N VAL C 102 -50.47 -51.21 3.15
CA VAL C 102 -51.03 -50.23 4.06
C VAL C 102 -52.40 -50.70 4.56
N GLN C 103 -53.13 -51.46 3.73
CA GLN C 103 -54.35 -52.07 4.21
C GLN C 103 -54.09 -53.22 5.18
N ALA C 104 -52.96 -53.91 5.04
CA ALA C 104 -52.54 -54.91 6.02
C ALA C 104 -51.80 -54.30 7.20
N GLN C 105 -51.42 -53.03 7.11
CA GLN C 105 -50.78 -52.28 8.19
C GLN C 105 -49.47 -52.94 8.63
N ASP C 106 -48.52 -52.99 7.71
CA ASP C 106 -47.22 -53.61 7.95
C ASP C 106 -46.11 -52.59 7.70
N THR C 107 -45.26 -52.39 8.71
CA THR C 107 -44.09 -51.54 8.57
C THR C 107 -42.89 -52.30 8.02
N SER C 108 -42.88 -53.63 8.15
CA SER C 108 -41.70 -54.42 7.83
C SER C 108 -41.35 -54.33 6.34
N THR C 109 -42.36 -54.47 5.47
CA THR C 109 -42.10 -54.37 4.04
C THR C 109 -41.63 -52.97 3.66
N LEU C 110 -42.09 -51.95 4.38
CA LEU C 110 -41.63 -50.59 4.13
C LEU C 110 -40.20 -50.40 4.63
N VAL C 111 -39.76 -51.20 5.61
CA VAL C 111 -38.41 -51.07 6.14
C VAL C 111 -37.37 -51.41 5.07
N LYS C 112 -37.60 -52.49 4.30
CA LYS C 112 -36.62 -52.89 3.30
C LYS C 112 -36.46 -51.87 2.17
N ILE C 113 -37.44 -51.03 1.93
CA ILE C 113 -37.31 -49.99 0.92
C ILE C 113 -36.26 -48.97 1.39
N PRO C 114 -35.26 -48.64 0.56
CA PRO C 114 -34.12 -47.86 1.05
C PRO C 114 -34.51 -46.44 1.45
N GLY C 115 -33.76 -45.90 2.41
CA GLY C 115 -34.00 -44.57 2.93
C GLY C 115 -35.16 -44.47 3.90
N VAL C 116 -35.79 -45.60 4.24
CA VAL C 116 -36.95 -45.63 5.10
C VAL C 116 -36.64 -46.49 6.31
N GLY C 117 -36.86 -45.95 7.51
CA GLY C 117 -36.74 -46.73 8.72
C GLY C 117 -38.07 -47.34 9.12
N LYS C 118 -38.43 -47.20 10.39
CA LYS C 118 -39.66 -47.77 10.92
C LYS C 118 -40.70 -46.71 11.20
N LYS C 119 -40.30 -45.61 11.87
CA LYS C 119 -41.27 -44.62 12.33
C LYS C 119 -41.99 -43.97 11.15
N THR C 120 -41.27 -43.65 10.09
CA THR C 120 -41.92 -43.15 8.88
C THR C 120 -42.79 -44.21 8.21
N ALA C 121 -42.50 -45.50 8.41
CA ALA C 121 -43.39 -46.53 7.90
C ALA C 121 -44.74 -46.47 8.59
N GLU C 122 -44.77 -46.38 9.93
CA GLU C 122 -46.11 -46.22 10.52
C GLU C 122 -46.65 -44.82 10.28
N ARG C 123 -45.81 -43.85 9.93
CA ARG C 123 -46.35 -42.57 9.46
C ARG C 123 -47.18 -42.76 8.19
N LEU C 124 -46.64 -43.50 7.23
CA LEU C 124 -47.38 -43.81 6.02
C LEU C 124 -48.66 -44.58 6.34
N LEU C 125 -48.56 -45.58 7.22
CA LEU C 125 -49.72 -46.39 7.58
C LEU C 125 -50.81 -45.54 8.24
N VAL C 126 -50.46 -44.79 9.27
CA VAL C 126 -51.42 -43.98 10.02
C VAL C 126 -52.05 -42.94 9.12
N GLU C 127 -51.24 -42.21 8.34
CA GLU C 127 -51.78 -41.15 7.52
C GLU C 127 -52.64 -41.65 6.37
N LEU C 128 -52.28 -42.79 5.76
CA LEU C 128 -53.03 -43.29 4.62
C LEU C 128 -54.01 -44.41 4.98
N LYS C 129 -54.29 -44.58 6.28
CA LYS C 129 -55.35 -45.49 6.71
C LYS C 129 -56.68 -45.21 6.00
N ASP C 130 -57.11 -43.96 5.98
CA ASP C 130 -58.48 -43.63 5.57
C ASP C 130 -58.50 -42.47 4.58
N ARG C 131 -57.67 -42.55 3.54
CA ARG C 131 -57.62 -41.51 2.53
C ARG C 131 -58.23 -41.92 1.20
N PHE C 132 -57.93 -43.14 0.75
CA PHE C 132 -58.21 -43.55 -0.63
C PHE C 132 -59.10 -44.78 -0.64
N LYS C 133 -59.51 -45.17 -1.85
CA LYS C 133 -60.30 -46.37 -2.05
C LYS C 133 -59.38 -47.48 -2.57
N ALA C 134 -59.92 -48.69 -2.74
CA ALA C 134 -59.09 -49.82 -3.12
C ALA C 134 -58.76 -49.81 -4.61
N TRP C 135 -59.47 -49.00 -5.40
CA TRP C 135 -59.42 -49.02 -6.86
C TRP C 135 -59.66 -50.43 -7.41
N MET D 1 -36.22 -13.68 -19.11
CA MET D 1 -36.34 -15.10 -19.36
C MET D 1 -37.04 -15.31 -20.71
N ILE D 2 -37.79 -14.28 -21.13
CA ILE D 2 -38.49 -14.27 -22.41
C ILE D 2 -38.14 -12.96 -23.10
N GLY D 3 -37.84 -13.03 -24.40
CA GLY D 3 -37.41 -11.84 -25.11
C GLY D 3 -38.32 -11.36 -26.22
N ARG D 4 -39.00 -12.28 -26.90
CA ARG D 4 -39.77 -11.95 -28.10
C ARG D 4 -40.68 -13.11 -28.44
N LEU D 5 -41.80 -12.82 -29.09
CA LEU D 5 -42.72 -13.84 -29.55
C LEU D 5 -43.03 -13.67 -31.04
N ARG D 6 -43.07 -14.79 -31.76
CA ARG D 6 -43.71 -14.86 -33.08
C ARG D 6 -45.02 -15.63 -32.88
N GLY D 7 -46.13 -14.90 -32.87
CA GLY D 7 -47.45 -15.51 -32.69
C GLY D 7 -48.47 -14.88 -33.60
N THR D 8 -49.73 -15.04 -33.23
CA THR D 8 -50.84 -14.48 -34.00
C THR D 8 -51.77 -13.74 -33.04
N LEU D 9 -52.16 -12.54 -33.43
CA LEU D 9 -53.03 -11.71 -32.58
C LEU D 9 -54.42 -12.31 -32.56
N ALA D 10 -54.70 -13.12 -31.54
CA ALA D 10 -56.01 -13.76 -31.43
C ALA D 10 -57.10 -12.77 -31.02
N GLU D 11 -56.73 -11.73 -30.28
CA GLU D 11 -57.69 -10.74 -29.82
C GLU D 11 -56.94 -9.51 -29.31
N LYS D 12 -57.43 -8.33 -29.66
CA LYS D 12 -56.90 -7.07 -29.15
C LYS D 12 -58.02 -6.40 -28.35
N GLN D 13 -57.65 -5.77 -27.23
CA GLN D 13 -58.56 -4.95 -26.45
C GLN D 13 -57.73 -4.02 -25.58
N PRO D 14 -58.16 -2.78 -25.35
CA PRO D 14 -57.34 -1.86 -24.56
C PRO D 14 -57.27 -2.29 -23.11
N PRO D 15 -56.07 -2.36 -22.54
CA PRO D 15 -54.79 -2.16 -23.23
C PRO D 15 -53.96 -3.44 -23.41
N HIS D 16 -54.60 -4.60 -23.39
CA HIS D 16 -53.91 -5.88 -23.43
C HIS D 16 -53.93 -6.48 -24.83
N LEU D 17 -53.37 -7.67 -24.95
CA LEU D 17 -53.37 -8.43 -26.19
C LEU D 17 -53.40 -9.92 -25.89
N ILE D 18 -53.87 -10.69 -26.87
CA ILE D 18 -53.83 -12.15 -26.83
C ILE D 18 -53.04 -12.61 -28.05
N LEU D 19 -51.92 -13.27 -27.82
CA LEU D 19 -51.04 -13.73 -28.90
C LEU D 19 -51.07 -15.25 -28.94
N ASP D 20 -51.89 -15.80 -29.84
CA ASP D 20 -52.08 -17.23 -29.96
C ASP D 20 -50.82 -17.84 -30.57
N VAL D 21 -49.97 -18.40 -29.71
CA VAL D 21 -48.73 -19.03 -30.16
C VAL D 21 -48.91 -20.54 -30.07
N ASN D 22 -49.06 -21.20 -31.22
CA ASN D 22 -49.30 -22.64 -31.31
C ASN D 22 -50.52 -23.06 -30.50
N GLY D 23 -51.57 -22.25 -30.53
CA GLY D 23 -52.76 -22.55 -29.76
C GLY D 23 -52.78 -21.89 -28.40
N VAL D 24 -51.65 -21.33 -28.00
CA VAL D 24 -51.51 -20.72 -26.68
C VAL D 24 -51.49 -19.21 -26.82
N GLY D 25 -52.51 -18.55 -26.28
CA GLY D 25 -52.61 -17.10 -26.34
C GLY D 25 -52.26 -16.42 -25.03
N TYR D 26 -51.22 -15.59 -25.04
CA TYR D 26 -50.70 -14.97 -23.83
C TYR D 26 -51.32 -13.59 -23.62
N GLU D 27 -51.66 -13.31 -22.35
CA GLU D 27 -52.11 -11.98 -21.95
C GLU D 27 -50.91 -11.04 -21.97
N VAL D 28 -50.83 -10.19 -22.98
CA VAL D 28 -49.72 -9.26 -23.13
C VAL D 28 -50.29 -7.84 -23.17
N GLU D 29 -49.88 -7.01 -22.22
CA GLU D 29 -50.31 -5.62 -22.17
C GLU D 29 -49.29 -4.75 -22.89
N VAL D 30 -49.76 -3.80 -23.69
CA VAL D 30 -48.90 -2.93 -24.47
C VAL D 30 -49.35 -1.48 -24.33
N PRO D 31 -48.44 -0.50 -24.48
CA PRO D 31 -48.88 0.90 -24.47
C PRO D 31 -49.68 1.29 -25.70
N MET D 32 -50.31 2.47 -25.63
CA MET D 32 -51.16 2.93 -26.73
C MET D 32 -50.39 3.25 -28.00
N THR D 33 -49.15 3.75 -27.86
CA THR D 33 -48.33 4.01 -29.04
C THR D 33 -48.04 2.73 -29.81
N THR D 34 -47.75 1.64 -29.09
CA THR D 34 -47.63 0.33 -29.75
C THR D 34 -48.96 -0.11 -30.33
N LEU D 35 -50.06 0.13 -29.61
CA LEU D 35 -51.38 -0.30 -30.05
C LEU D 35 -51.76 0.36 -31.38
N TYR D 36 -51.37 1.62 -31.56
CA TYR D 36 -51.60 2.30 -32.83
C TYR D 36 -50.86 1.65 -33.99
N ARG D 37 -49.67 1.10 -33.75
CA ARG D 37 -48.87 0.48 -34.78
C ARG D 37 -49.28 -0.95 -35.10
N LEU D 38 -50.17 -1.53 -34.31
CA LEU D 38 -50.52 -2.94 -34.49
C LEU D 38 -51.49 -3.12 -35.66
N PRO D 39 -51.31 -4.19 -36.44
CA PRO D 39 -52.33 -4.58 -37.42
C PRO D 39 -53.54 -5.23 -36.76
N SER D 40 -54.47 -5.74 -37.58
CA SER D 40 -55.76 -6.21 -37.11
C SER D 40 -55.62 -7.54 -36.37
N VAL D 41 -56.74 -8.05 -35.88
CA VAL D 41 -56.78 -9.33 -35.17
C VAL D 41 -56.51 -10.45 -36.16
N GLY D 42 -55.61 -11.36 -35.79
CA GLY D 42 -55.21 -12.45 -36.66
C GLY D 42 -53.93 -12.21 -37.44
N GLU D 43 -53.27 -11.07 -37.22
CA GLU D 43 -52.04 -10.75 -37.92
C GLU D 43 -50.82 -11.07 -37.06
N PRO D 44 -49.80 -11.69 -37.63
CA PRO D 44 -48.55 -11.88 -36.89
C PRO D 44 -47.87 -10.55 -36.63
N VAL D 45 -47.47 -10.36 -35.37
CA VAL D 45 -46.94 -9.08 -34.91
C VAL D 45 -45.63 -9.34 -34.18
N THR D 46 -44.74 -8.34 -34.25
CA THR D 46 -43.40 -8.44 -33.70
C THR D 46 -43.35 -7.73 -32.36
N LEU D 47 -43.44 -8.49 -31.27
CA LEU D 47 -43.43 -7.94 -29.93
C LEU D 47 -42.24 -8.49 -29.17
N HIS D 48 -41.35 -7.59 -28.74
CA HIS D 48 -40.19 -7.94 -27.92
C HIS D 48 -40.59 -7.71 -26.46
N THR D 49 -40.64 -8.79 -25.70
CA THR D 49 -41.36 -8.81 -24.43
C THR D 49 -40.41 -8.92 -23.24
N HIS D 50 -40.94 -8.50 -22.09
CA HIS D 50 -40.30 -8.74 -20.80
C HIS D 50 -41.38 -9.09 -19.79
N LEU D 51 -41.10 -10.10 -18.95
CA LEU D 51 -42.01 -10.54 -17.91
C LEU D 51 -41.66 -9.89 -16.58
N VAL D 52 -42.64 -9.25 -15.96
CA VAL D 52 -42.52 -8.77 -14.60
C VAL D 52 -42.90 -9.92 -13.67
N VAL D 53 -42.00 -10.29 -12.77
CA VAL D 53 -42.17 -11.45 -11.91
C VAL D 53 -42.41 -10.97 -10.49
N ARG D 54 -43.63 -11.17 -10.01
CA ARG D 54 -44.03 -10.85 -8.66
C ARG D 54 -44.59 -12.14 -8.06
N GLU D 55 -44.63 -12.22 -6.72
CA GLU D 55 -44.99 -13.46 -6.05
C GLU D 55 -46.41 -13.91 -6.37
N ASP D 56 -47.37 -13.01 -6.40
CA ASP D 56 -48.77 -13.38 -6.59
C ASP D 56 -49.23 -13.36 -8.04
N ALA D 57 -48.61 -12.54 -8.90
CA ALA D 57 -49.07 -12.41 -10.28
C ALA D 57 -47.94 -11.88 -11.14
N HIS D 58 -47.87 -12.35 -12.38
CA HIS D 58 -46.88 -11.91 -13.34
C HIS D 58 -47.49 -10.88 -14.28
N LEU D 59 -46.64 -10.23 -15.08
CA LEU D 59 -47.09 -9.30 -16.10
C LEU D 59 -46.26 -9.50 -17.36
N LEU D 60 -46.91 -9.85 -18.47
CA LEU D 60 -46.26 -9.87 -19.78
C LEU D 60 -46.47 -8.54 -20.49
N TYR D 61 -45.35 -7.88 -20.81
CA TYR D 61 -45.32 -6.55 -21.41
C TYR D 61 -44.37 -6.59 -22.61
N GLY D 62 -44.94 -6.48 -23.81
CA GLY D 62 -44.18 -6.57 -25.05
C GLY D 62 -43.98 -5.22 -25.70
N PHE D 63 -43.04 -5.15 -26.63
CA PHE D 63 -42.76 -3.92 -27.37
C PHE D 63 -42.33 -4.26 -28.79
N ALA D 64 -42.60 -3.31 -29.70
CA ALA D 64 -42.26 -3.50 -31.11
C ALA D 64 -40.75 -3.43 -31.37
N GLU D 65 -39.97 -2.87 -30.43
CA GLU D 65 -38.53 -2.76 -30.59
C GLU D 65 -37.83 -3.27 -29.33
N LYS D 66 -36.57 -3.67 -29.50
CA LYS D 66 -35.75 -4.02 -28.35
C LYS D 66 -35.50 -2.82 -27.45
N ARG D 67 -35.33 -1.64 -28.04
CA ARG D 67 -34.99 -0.44 -27.28
C ARG D 67 -36.07 -0.08 -26.28
N GLU D 68 -37.34 -0.22 -26.68
CA GLU D 68 -38.45 0.09 -25.78
C GLU D 68 -38.44 -0.83 -24.57
N ARG D 69 -38.24 -2.13 -24.81
CA ARG D 69 -38.20 -3.09 -23.70
C ARG D 69 -37.01 -2.84 -22.79
N GLU D 70 -35.85 -2.49 -23.38
CA GLU D 70 -34.67 -2.21 -22.57
C GLU D 70 -34.87 -0.98 -21.70
N LEU D 71 -35.44 0.09 -22.27
CA LEU D 71 -35.65 1.29 -21.48
C LEU D 71 -36.73 1.06 -20.42
N PHE D 72 -37.71 0.21 -20.72
CA PHE D 72 -38.69 -0.15 -19.70
C PHE D 72 -38.03 -0.91 -18.56
N ARG D 73 -37.07 -1.79 -18.88
CA ARG D 73 -36.34 -2.48 -17.82
C ARG D 73 -35.55 -1.49 -16.98
N GLU D 74 -34.95 -0.48 -17.63
CA GLU D 74 -34.27 0.56 -16.87
C GLU D 74 -35.24 1.33 -15.97
N LEU D 75 -36.43 1.66 -16.47
CA LEU D 75 -37.40 2.41 -15.70
C LEU D 75 -37.97 1.60 -14.54
N ILE D 76 -38.14 0.29 -14.73
CA ILE D 76 -38.65 -0.55 -13.64
C ILE D 76 -37.57 -0.88 -12.63
N ARG D 77 -36.30 -0.84 -13.03
CA ARG D 77 -35.22 -0.99 -12.03
C ARG D 77 -35.13 0.21 -11.10
N LEU D 78 -35.81 1.31 -11.42
CA LEU D 78 -35.75 2.51 -10.58
C LEU D 78 -36.46 2.27 -9.25
N ASN D 79 -36.18 3.16 -8.29
CA ASN D 79 -36.61 2.93 -6.91
C ASN D 79 -38.12 3.03 -6.77
N GLY D 80 -38.69 4.20 -7.04
CA GLY D 80 -40.12 4.43 -6.84
C GLY D 80 -40.98 4.28 -8.07
N VAL D 81 -40.46 3.78 -9.18
CA VAL D 81 -41.19 3.71 -10.44
C VAL D 81 -41.74 2.30 -10.60
N GLY D 82 -43.05 2.21 -10.80
CA GLY D 82 -43.69 0.96 -11.12
C GLY D 82 -43.81 0.78 -12.62
N PRO D 83 -44.34 -0.36 -13.05
CA PRO D 83 -44.38 -0.64 -14.50
C PRO D 83 -45.37 0.22 -15.26
N LYS D 84 -46.62 0.30 -14.78
CA LYS D 84 -47.65 1.02 -15.53
C LYS D 84 -47.46 2.53 -15.48
N LEU D 85 -46.70 3.02 -14.50
CA LEU D 85 -46.24 4.41 -14.55
C LEU D 85 -45.40 4.64 -15.80
N ALA D 86 -44.41 3.77 -16.03
CA ALA D 86 -43.58 3.91 -17.22
C ALA D 86 -44.37 3.62 -18.49
N LEU D 87 -45.37 2.74 -18.40
CA LEU D 87 -46.25 2.51 -19.55
C LEU D 87 -46.99 3.77 -19.94
N ALA D 88 -47.51 4.51 -18.95
CA ALA D 88 -48.06 5.83 -19.23
C ALA D 88 -47.00 6.76 -19.79
N LEU D 89 -45.75 6.63 -19.32
CA LEU D 89 -44.69 7.50 -19.80
C LEU D 89 -44.42 7.32 -21.30
N MET D 90 -44.21 6.08 -21.76
CA MET D 90 -43.95 5.99 -23.20
C MET D 90 -45.24 5.96 -24.01
N SER D 91 -46.40 5.85 -23.35
CA SER D 91 -47.65 6.17 -24.03
C SER D 91 -47.74 7.66 -24.32
N GLY D 92 -47.15 8.49 -23.44
CA GLY D 92 -47.21 9.92 -23.66
C GLY D 92 -46.13 10.43 -24.61
N LEU D 93 -44.89 9.99 -24.42
CA LEU D 93 -43.76 10.50 -25.19
C LEU D 93 -42.94 9.34 -25.75
N GLU D 94 -42.23 9.62 -26.83
CA GLU D 94 -41.43 8.59 -27.49
C GLU D 94 -40.02 8.55 -26.89
N VAL D 95 -39.22 7.59 -27.37
CA VAL D 95 -37.89 7.36 -26.82
C VAL D 95 -36.98 8.56 -27.08
N ASP D 96 -37.01 9.10 -28.30
CA ASP D 96 -36.18 10.27 -28.60
C ASP D 96 -36.64 11.48 -27.79
N GLU D 97 -37.96 11.66 -27.66
CA GLU D 97 -38.49 12.79 -26.91
C GLU D 97 -38.12 12.69 -25.43
N LEU D 98 -38.26 11.51 -24.83
CA LEU D 98 -37.90 11.33 -23.44
C LEU D 98 -36.41 11.50 -23.22
N VAL D 99 -35.59 10.96 -24.13
CA VAL D 99 -34.13 11.06 -23.98
C VAL D 99 -33.70 12.52 -24.07
N ARG D 100 -34.23 13.26 -25.06
CA ARG D 100 -33.88 14.66 -25.19
C ARG D 100 -34.40 15.50 -24.04
N CYS D 101 -35.60 15.18 -23.52
CA CYS D 101 -36.11 15.89 -22.35
C CYS D 101 -35.25 15.64 -21.12
N VAL D 102 -34.75 14.42 -20.95
CA VAL D 102 -33.84 14.14 -19.85
C VAL D 102 -32.54 14.91 -20.02
N GLN D 103 -31.97 14.89 -21.24
CA GLN D 103 -30.73 15.62 -21.49
C GLN D 103 -30.93 17.13 -21.38
N ALA D 104 -32.13 17.62 -21.68
CA ALA D 104 -32.44 19.04 -21.49
C ALA D 104 -33.05 19.33 -20.13
N GLN D 105 -33.21 18.31 -19.29
CA GLN D 105 -33.80 18.44 -17.95
C GLN D 105 -35.20 19.05 -18.01
N ASP D 106 -35.95 18.67 -19.05
CA ASP D 106 -37.28 19.20 -19.29
C ASP D 106 -38.27 18.55 -18.33
N THR D 107 -39.23 19.33 -17.85
CA THR D 107 -40.34 18.84 -17.05
C THR D 107 -41.70 19.16 -17.63
N SER D 108 -41.84 20.32 -18.27
CA SER D 108 -43.15 20.77 -18.76
C SER D 108 -43.69 19.87 -19.85
N THR D 109 -42.81 19.34 -20.70
CA THR D 109 -43.26 18.45 -21.77
C THR D 109 -43.86 17.17 -21.20
N LEU D 110 -43.27 16.64 -20.13
CA LEU D 110 -43.66 15.36 -19.58
C LEU D 110 -44.73 15.44 -18.50
N VAL D 111 -44.98 16.62 -17.91
CA VAL D 111 -46.03 16.70 -16.90
C VAL D 111 -47.44 16.63 -17.49
N LYS D 112 -47.59 16.76 -18.81
CA LYS D 112 -48.90 16.54 -19.41
C LYS D 112 -49.34 15.09 -19.33
N ILE D 113 -48.39 14.17 -19.18
CA ILE D 113 -48.73 12.76 -19.00
C ILE D 113 -49.46 12.58 -17.67
N PRO D 114 -50.62 11.94 -17.65
CA PRO D 114 -51.35 11.77 -16.38
C PRO D 114 -50.58 10.91 -15.39
N GLY D 115 -50.77 11.21 -14.11
CA GLY D 115 -50.05 10.55 -13.05
C GLY D 115 -48.68 11.12 -12.75
N VAL D 116 -48.24 12.12 -13.51
CA VAL D 116 -46.92 12.71 -13.35
C VAL D 116 -47.07 14.03 -12.61
N GLY D 117 -46.49 14.11 -11.42
CA GLY D 117 -46.42 15.36 -10.69
C GLY D 117 -45.04 15.96 -10.75
N LYS D 118 -44.77 16.95 -9.89
CA LYS D 118 -43.45 17.56 -9.86
C LYS D 118 -42.41 16.58 -9.32
N LYS D 119 -42.77 15.82 -8.28
CA LYS D 119 -41.82 14.86 -7.71
C LYS D 119 -41.56 13.72 -8.66
N THR D 120 -42.53 13.36 -9.50
CA THR D 120 -42.29 12.38 -10.56
C THR D 120 -41.22 12.87 -11.53
N ALA D 121 -41.32 14.14 -11.93
CA ALA D 121 -40.29 14.73 -12.79
C ALA D 121 -38.95 14.76 -12.09
N GLU D 122 -38.94 15.10 -10.80
CA GLU D 122 -37.70 15.13 -10.03
C GLU D 122 -37.02 13.77 -10.02
N ARG D 123 -37.76 12.72 -9.69
CA ARG D 123 -37.15 11.39 -9.60
C ARG D 123 -36.72 10.88 -10.97
N LEU D 124 -37.53 11.11 -12.01
CA LEU D 124 -37.14 10.61 -13.32
C LEU D 124 -35.90 11.32 -13.84
N LEU D 125 -35.82 12.64 -13.66
CA LEU D 125 -34.63 13.37 -14.10
C LEU D 125 -33.41 12.94 -13.29
N VAL D 126 -33.54 12.82 -11.97
CA VAL D 126 -32.38 12.51 -11.14
C VAL D 126 -31.87 11.11 -11.43
N GLU D 127 -32.73 10.18 -11.83
CA GLU D 127 -32.24 8.84 -12.17
C GLU D 127 -31.68 8.80 -13.59
N LEU D 128 -32.41 9.33 -14.57
CA LEU D 128 -32.04 9.19 -15.96
C LEU D 128 -30.94 10.14 -16.40
N LYS D 129 -30.59 11.14 -15.57
CA LYS D 129 -29.46 12.00 -15.91
C LYS D 129 -28.14 11.23 -15.88
N ASP D 130 -27.98 10.32 -14.92
CA ASP D 130 -26.73 9.59 -14.79
C ASP D 130 -26.84 8.11 -15.09
N ARG D 131 -28.05 7.56 -15.27
CA ARG D 131 -28.10 6.15 -15.66
C ARG D 131 -27.61 5.95 -17.09
N PHE D 132 -28.04 6.82 -18.01
CA PHE D 132 -27.52 6.78 -19.37
C PHE D 132 -27.03 8.17 -19.73
N LYS D 133 -25.93 8.22 -20.48
CA LYS D 133 -25.35 9.48 -20.92
C LYS D 133 -25.37 9.62 -22.43
N ALA D 134 -24.87 8.64 -23.17
CA ALA D 134 -24.92 8.62 -24.62
C ALA D 134 -25.99 7.61 -25.04
N TRP D 135 -26.96 8.08 -25.81
CA TRP D 135 -28.07 7.24 -26.25
C TRP D 135 -27.99 7.07 -27.76
N GLU D 136 -28.30 5.86 -28.24
CA GLU D 136 -28.24 5.54 -29.65
C GLU D 136 -29.49 6.05 -30.38
N VAL D 154 -5.88 18.04 -23.42
CA VAL D 154 -7.14 17.35 -23.68
C VAL D 154 -7.96 18.10 -24.71
N SER D 155 -7.34 19.10 -25.33
CA SER D 155 -7.98 19.91 -26.36
C SER D 155 -7.02 20.09 -27.52
N SER D 156 -7.58 20.38 -28.70
CA SER D 156 -6.76 20.59 -29.89
C SER D 156 -5.84 21.79 -29.73
N ALA D 157 -6.39 22.90 -29.22
CA ALA D 157 -5.55 24.05 -28.90
C ALA D 157 -4.57 23.73 -27.79
N GLU D 158 -5.02 22.97 -26.78
CA GLU D 158 -4.13 22.55 -25.70
C GLU D 158 -3.02 21.63 -26.21
N ALA D 159 -3.36 20.71 -27.13
CA ALA D 159 -2.35 19.83 -27.71
C ALA D 159 -1.35 20.61 -28.55
N ASP D 160 -1.82 21.59 -29.32
CA ASP D 160 -0.93 22.45 -30.09
C ASP D 160 -0.02 23.25 -29.17
N ALA D 161 -0.56 23.75 -28.06
CA ALA D 161 0.26 24.46 -27.08
C ALA D 161 1.31 23.54 -26.46
N VAL D 162 0.93 22.30 -26.14
CA VAL D 162 1.87 21.34 -25.57
C VAL D 162 3.00 21.05 -26.54
N SER D 163 2.66 20.82 -27.82
CA SER D 163 3.68 20.58 -28.83
C SER D 163 4.59 21.79 -29.02
N ALA D 164 4.01 23.01 -29.00
CA ALA D 164 4.80 24.22 -29.17
C ALA D 164 5.75 24.42 -27.99
N LEU D 165 5.30 24.16 -26.76
CA LEU D 165 6.18 24.30 -25.62
C LEU D 165 7.24 23.20 -25.57
N ILE D 166 6.90 22.00 -26.08
CA ILE D 166 7.90 20.95 -26.22
C ILE D 166 8.99 21.38 -27.20
N ALA D 167 8.58 21.97 -28.32
CA ALA D 167 9.55 22.52 -29.27
C ALA D 167 10.31 23.69 -28.67
N LEU D 168 9.72 24.40 -27.71
CA LEU D 168 10.38 25.53 -27.06
C LEU D 168 11.37 25.09 -25.99
N GLY D 169 11.40 23.82 -25.62
CA GLY D 169 12.33 23.31 -24.62
C GLY D 169 11.68 22.77 -23.36
N PHE D 170 10.41 23.06 -23.11
CA PHE D 170 9.73 22.47 -21.96
C PHE D 170 9.58 20.97 -22.10
N LYS D 171 9.64 20.30 -20.94
CA LYS D 171 9.30 18.88 -20.87
C LYS D 171 7.80 18.72 -21.10
N PRO D 172 7.38 17.58 -21.64
CA PRO D 172 5.93 17.35 -21.83
C PRO D 172 5.14 17.42 -20.53
N GLN D 173 5.68 16.91 -19.43
CA GLN D 173 4.98 17.00 -18.15
C GLN D 173 4.90 18.45 -17.67
N GLU D 174 6.00 19.20 -17.81
CA GLU D 174 5.97 20.61 -17.40
C GLU D 174 5.07 21.43 -18.30
N ALA D 175 5.04 21.12 -19.60
CA ALA D 175 4.12 21.81 -20.51
C ALA D 175 2.67 21.51 -20.16
N SER D 176 2.37 20.25 -19.82
CA SER D 176 1.01 19.89 -19.40
C SER D 176 0.63 20.62 -18.12
N ARG D 177 1.55 20.68 -17.15
CA ARG D 177 1.27 21.39 -15.90
C ARG D 177 1.06 22.88 -16.15
N ALA D 178 1.86 23.48 -17.04
CA ALA D 178 1.71 24.89 -17.34
C ALA D 178 0.40 25.19 -18.05
N VAL D 179 0.00 24.32 -18.98
CA VAL D 179 -1.24 24.57 -19.71
C VAL D 179 -2.47 24.23 -18.85
N ALA D 180 -2.31 23.38 -17.84
CA ALA D 180 -3.40 23.10 -16.91
C ALA D 180 -3.38 24.02 -15.69
N ALA D 181 -2.36 24.88 -15.55
CA ALA D 181 -2.31 25.79 -14.41
C ALA D 181 -3.41 26.83 -14.48
N VAL D 182 -3.70 27.36 -15.67
CA VAL D 182 -4.74 28.38 -15.82
C VAL D 182 -5.78 27.90 -16.83
N PRO D 183 -7.07 28.14 -16.58
CA PRO D 183 -8.13 27.71 -17.52
C PRO D 183 -8.40 28.73 -18.63
N GLY D 184 -7.53 28.73 -19.64
CA GLY D 184 -7.72 29.59 -20.79
C GLY D 184 -8.98 29.27 -21.56
N GLU D 185 -9.81 30.29 -21.81
CA GLU D 185 -11.10 30.09 -22.45
C GLU D 185 -11.32 31.15 -23.53
N ASP D 186 -11.89 30.73 -24.66
CA ASP D 186 -12.29 31.62 -25.75
C ASP D 186 -11.11 32.43 -26.28
N LEU D 187 -9.96 31.79 -26.41
CA LEU D 187 -8.74 32.48 -26.83
C LEU D 187 -7.98 31.59 -27.81
N SER D 188 -7.22 32.23 -28.70
CA SER D 188 -6.48 31.54 -29.74
C SER D 188 -5.31 30.76 -29.14
N SER D 189 -4.76 29.86 -29.95
CA SER D 189 -3.67 29.00 -29.48
C SER D 189 -2.40 29.80 -29.19
N GLU D 190 -2.10 30.80 -30.04
CA GLU D 190 -0.91 31.61 -29.82
C GLU D 190 -1.02 32.45 -28.56
N GLU D 191 -2.19 33.06 -28.34
CA GLU D 191 -2.37 33.95 -27.19
C GLU D 191 -2.57 33.18 -25.89
N MET D 192 -3.11 31.96 -25.94
CA MET D 192 -3.29 31.19 -24.72
C MET D 192 -1.96 30.75 -24.14
N ILE D 193 -0.99 30.43 -25.00
CA ILE D 193 0.36 30.14 -24.53
C ILE D 193 0.95 31.36 -23.85
N ARG D 194 0.76 32.55 -24.43
CA ARG D 194 1.29 33.77 -23.85
C ARG D 194 0.66 34.08 -22.50
N GLN D 195 -0.65 33.88 -22.37
CA GLN D 195 -1.30 34.19 -21.10
C GLN D 195 -1.00 33.14 -20.04
N ALA D 196 -0.79 31.87 -20.44
CA ALA D 196 -0.38 30.86 -19.48
C ALA D 196 1.05 31.10 -19.02
N LEU D 197 1.93 31.51 -19.93
CA LEU D 197 3.33 31.78 -19.59
C LEU D 197 3.46 33.04 -18.75
N LYS D 198 2.59 34.02 -18.99
CA LYS D 198 2.50 35.21 -18.15
C LYS D 198 1.74 34.95 -16.86
N GLY D 199 0.96 33.87 -16.81
CA GLY D 199 0.12 33.57 -15.66
C GLY D 199 0.84 33.37 -14.35
N MET D 200 1.64 32.31 -14.25
CA MET D 200 2.33 32.02 -12.99
C MET D 200 3.41 33.06 -12.70
N VAL D 201 4.14 33.50 -13.72
CA VAL D 201 5.23 34.44 -13.53
C VAL D 201 4.70 35.83 -13.17
N MET E 1 -48.47 -9.46 23.46
CA MET E 1 -47.52 -9.38 24.56
C MET E 1 -48.00 -8.52 25.70
N ILE E 2 -48.03 -7.21 25.49
CA ILE E 2 -48.32 -6.26 26.56
C ILE E 2 -49.83 -6.06 26.61
N GLY E 3 -50.38 -6.07 27.83
CA GLY E 3 -51.79 -5.83 28.02
C GLY E 3 -52.06 -4.61 28.87
N ARG E 4 -51.15 -4.35 29.82
CA ARG E 4 -51.29 -3.23 30.73
C ARG E 4 -49.91 -2.64 30.99
N LEU E 5 -49.86 -1.32 31.16
CA LEU E 5 -48.59 -0.65 31.40
C LEU E 5 -48.80 0.47 32.41
N ARG E 6 -48.02 0.47 33.48
CA ARG E 6 -48.14 1.41 34.58
C ARG E 6 -46.81 2.16 34.72
N GLY E 7 -46.78 3.39 34.21
CA GLY E 7 -45.57 4.19 34.29
C GLY E 7 -45.82 5.69 34.27
N THR E 8 -44.74 6.48 34.33
CA THR E 8 -44.83 7.92 34.44
C THR E 8 -44.68 8.56 33.07
N LEU E 9 -45.48 9.60 32.83
CA LEU E 9 -45.52 10.30 31.55
C LEU E 9 -44.28 11.19 31.44
N ALA E 10 -43.51 11.00 30.36
CA ALA E 10 -42.34 11.83 30.14
C ALA E 10 -42.60 12.94 29.13
N GLU E 11 -43.27 12.64 28.02
CA GLU E 11 -43.62 13.65 27.02
C GLU E 11 -45.01 13.35 26.47
N LYS E 12 -45.69 14.40 26.02
CA LYS E 12 -47.02 14.29 25.43
C LYS E 12 -47.01 15.08 24.11
N GLN E 13 -46.58 14.43 23.04
CA GLN E 13 -46.60 15.01 21.71
C GLN E 13 -47.55 14.21 20.84
N PRO E 14 -48.79 14.68 20.63
CA PRO E 14 -49.81 13.81 20.04
C PRO E 14 -49.48 13.49 18.60
N PRO E 15 -49.81 12.27 18.14
CA PRO E 15 -50.48 11.23 18.94
C PRO E 15 -49.50 10.35 19.73
N HIS E 16 -48.22 10.65 19.64
CA HIS E 16 -47.18 9.85 20.28
C HIS E 16 -47.11 10.14 21.78
N LEU E 17 -46.72 9.12 22.54
CA LEU E 17 -46.51 9.23 23.97
C LEU E 17 -45.35 8.34 24.38
N ILE E 18 -44.68 8.73 25.46
CA ILE E 18 -43.62 7.93 26.05
C ILE E 18 -43.89 7.79 27.55
N LEU E 19 -43.68 6.59 28.07
CA LEU E 19 -44.01 6.25 29.45
C LEU E 19 -42.77 5.63 30.10
N ASP E 20 -42.09 6.41 30.94
CA ASP E 20 -40.87 5.96 31.61
C ASP E 20 -41.24 4.98 32.73
N VAL E 21 -41.20 3.69 32.40
CA VAL E 21 -41.47 2.64 33.38
C VAL E 21 -40.11 2.12 33.84
N ASN E 22 -39.66 2.64 34.99
CA ASN E 22 -38.40 2.27 35.63
C ASN E 22 -37.21 2.49 34.68
N GLY E 23 -37.21 3.65 34.05
CA GLY E 23 -36.13 4.03 33.17
C GLY E 23 -36.38 3.68 31.72
N VAL E 24 -37.40 2.87 31.45
CA VAL E 24 -37.69 2.42 30.10
C VAL E 24 -38.87 3.21 29.58
N GLY E 25 -38.65 4.01 28.54
CA GLY E 25 -39.70 4.82 27.96
C GLY E 25 -40.24 4.24 26.66
N TYR E 26 -41.46 3.72 26.70
CA TYR E 26 -42.04 3.05 25.56
C TYR E 26 -42.83 4.05 24.72
N GLU E 27 -42.56 4.09 23.42
CA GLU E 27 -43.33 4.95 22.54
C GLU E 27 -44.65 4.29 22.19
N VAL E 28 -45.75 5.03 22.32
CA VAL E 28 -47.10 4.47 22.31
C VAL E 28 -48.06 5.51 21.72
N GLU E 29 -49.10 5.03 21.03
CA GLU E 29 -50.11 5.88 20.41
C GLU E 29 -51.45 5.65 21.08
N VAL E 30 -52.15 6.73 21.40
CA VAL E 30 -53.49 6.64 21.99
C VAL E 30 -54.44 7.53 21.20
N PRO E 31 -55.75 7.27 21.23
CA PRO E 31 -56.70 8.19 20.60
C PRO E 31 -56.79 9.50 21.37
N MET E 32 -57.33 10.52 20.68
CA MET E 32 -57.46 11.84 21.28
C MET E 32 -58.42 11.85 22.47
N THR E 33 -59.41 10.96 22.49
CA THR E 33 -60.23 10.80 23.68
C THR E 33 -59.38 10.40 24.87
N THR E 34 -58.46 9.46 24.68
CA THR E 34 -57.51 9.10 25.74
C THR E 34 -56.60 10.26 26.07
N LEU E 35 -56.27 11.09 25.06
CA LEU E 35 -55.42 12.25 25.30
C LEU E 35 -56.08 13.25 26.24
N TYR E 36 -57.38 13.48 26.06
CA TYR E 36 -58.09 14.33 27.01
C TYR E 36 -58.41 13.61 28.32
N ARG E 37 -58.39 12.28 28.32
CA ARG E 37 -58.47 11.55 29.58
C ARG E 37 -57.13 11.43 30.29
N LEU E 38 -56.05 11.91 29.68
CA LEU E 38 -54.73 11.88 30.29
C LEU E 38 -54.60 12.91 31.40
N PRO E 39 -53.87 12.58 32.47
CA PRO E 39 -53.41 13.61 33.39
C PRO E 39 -52.16 14.31 32.86
N SER E 40 -51.51 15.11 33.69
CA SER E 40 -50.39 15.92 33.23
C SER E 40 -49.14 15.05 33.01
N VAL E 41 -48.02 15.73 32.76
CA VAL E 41 -46.76 15.05 32.48
C VAL E 41 -45.98 14.89 33.77
N GLY E 42 -45.45 13.68 34.00
CA GLY E 42 -44.67 13.39 35.17
C GLY E 42 -45.35 12.51 36.20
N GLU E 43 -46.64 12.28 36.06
CA GLU E 43 -47.41 11.43 36.97
C GLU E 43 -47.44 9.99 36.48
N PRO E 44 -47.46 9.02 37.39
CA PRO E 44 -47.61 7.62 36.98
C PRO E 44 -49.05 7.33 36.58
N VAL E 45 -49.20 6.79 35.36
CA VAL E 45 -50.51 6.52 34.78
C VAL E 45 -50.52 5.10 34.24
N THR E 46 -51.64 4.41 34.41
CA THR E 46 -51.79 3.02 33.98
C THR E 46 -52.64 3.00 32.71
N LEU E 47 -52.19 2.25 31.71
CA LEU E 47 -52.88 2.15 30.43
C LEU E 47 -53.12 0.68 30.09
N HIS E 48 -54.20 0.43 29.36
CA HIS E 48 -54.51 -0.89 28.81
C HIS E 48 -54.07 -0.87 27.35
N THR E 49 -52.84 -1.32 27.10
CA THR E 49 -52.22 -1.16 25.79
C THR E 49 -52.09 -2.49 25.07
N HIS E 50 -51.65 -2.41 23.82
CA HIS E 50 -51.49 -3.56 22.94
C HIS E 50 -50.38 -3.30 21.93
N LEU E 51 -49.59 -4.33 21.66
CA LEU E 51 -48.53 -4.28 20.67
C LEU E 51 -49.00 -4.87 19.35
N VAL E 52 -48.62 -4.24 18.25
CA VAL E 52 -48.81 -4.77 16.91
C VAL E 52 -47.47 -5.26 16.40
N VAL E 53 -47.41 -6.54 16.03
CA VAL E 53 -46.17 -7.22 15.67
C VAL E 53 -46.17 -7.47 14.17
N ARG E 54 -45.09 -7.07 13.50
CA ARG E 54 -44.87 -7.40 12.09
C ARG E 54 -43.40 -7.25 11.74
N GLU E 55 -43.08 -7.59 10.49
CA GLU E 55 -41.71 -7.90 10.10
C GLU E 55 -40.77 -6.70 10.16
N ASP E 56 -41.28 -5.46 10.17
CA ASP E 56 -40.41 -4.31 10.07
C ASP E 56 -40.47 -3.38 11.27
N ALA E 57 -41.53 -3.44 12.09
CA ALA E 57 -41.66 -2.49 13.18
C ALA E 57 -42.56 -3.06 14.26
N HIS E 58 -42.59 -2.37 15.39
CA HIS E 58 -43.47 -2.72 16.51
C HIS E 58 -43.98 -1.43 17.14
N LEU E 59 -45.30 -1.26 17.14
CA LEU E 59 -45.94 -0.06 17.67
C LEU E 59 -46.94 -0.43 18.77
N LEU E 60 -47.05 0.44 19.75
CA LEU E 60 -47.89 0.24 20.92
C LEU E 60 -49.14 1.10 20.79
N TYR E 61 -50.26 0.60 21.31
CA TYR E 61 -51.56 1.27 21.20
C TYR E 61 -52.24 1.26 22.56
N GLY E 62 -52.07 2.35 23.30
CA GLY E 62 -52.59 2.43 24.65
C GLY E 62 -54.03 2.86 24.72
N PHE E 63 -54.72 2.41 25.77
CA PHE E 63 -56.10 2.76 26.01
C PHE E 63 -56.32 2.88 27.51
N ALA E 64 -57.14 3.87 27.89
CA ALA E 64 -57.41 4.10 29.30
C ALA E 64 -58.32 3.03 29.90
N GLU E 65 -59.04 2.28 29.07
CA GLU E 65 -59.90 1.21 29.55
C GLU E 65 -59.68 -0.02 28.69
N LYS E 66 -59.83 -1.20 29.34
CA LYS E 66 -59.53 -2.46 28.66
C LYS E 66 -60.50 -2.75 27.52
N ARG E 67 -61.77 -2.34 27.65
CA ARG E 67 -62.74 -2.60 26.59
C ARG E 67 -62.36 -1.89 25.30
N GLU E 68 -61.74 -0.72 25.39
CA GLU E 68 -61.25 -0.03 24.20
C GLU E 68 -60.21 -0.87 23.49
N ARG E 69 -59.28 -1.45 24.24
CA ARG E 69 -58.25 -2.30 23.65
C ARG E 69 -58.84 -3.58 23.07
N GLU E 70 -59.83 -4.15 23.75
CA GLU E 70 -60.48 -5.36 23.23
C GLU E 70 -61.18 -5.08 21.90
N LEU E 71 -61.95 -4.00 21.84
CA LEU E 71 -62.62 -3.63 20.59
C LEU E 71 -61.61 -3.25 19.52
N PHE E 72 -60.49 -2.65 19.91
CA PHE E 72 -59.39 -2.42 18.97
C PHE E 72 -58.91 -3.72 18.36
N ARG E 73 -58.65 -4.73 19.19
CA ARG E 73 -58.17 -6.01 18.68
C ARG E 73 -59.20 -6.66 17.76
N GLU E 74 -60.48 -6.58 18.15
CA GLU E 74 -61.52 -7.15 17.29
C GLU E 74 -61.61 -6.44 15.95
N LEU E 75 -61.49 -5.12 15.94
CA LEU E 75 -61.50 -4.38 14.68
C LEU E 75 -60.30 -4.76 13.81
N ILE E 76 -59.10 -4.74 14.38
CA ILE E 76 -57.89 -5.05 13.60
C ILE E 76 -57.88 -6.49 13.11
N ARG E 77 -58.59 -7.39 13.79
CA ARG E 77 -58.72 -8.76 13.28
C ARG E 77 -59.41 -8.80 11.92
N LEU E 78 -60.26 -7.82 11.61
CA LEU E 78 -60.88 -7.76 10.30
C LEU E 78 -59.85 -7.40 9.24
N ASN E 79 -60.12 -7.82 8.01
CA ASN E 79 -59.18 -7.65 6.90
C ASN E 79 -59.09 -6.18 6.48
N GLY E 80 -60.23 -5.54 6.30
CA GLY E 80 -60.27 -4.18 5.78
C GLY E 80 -60.03 -3.08 6.80
N VAL E 81 -59.86 -3.41 8.07
CA VAL E 81 -59.69 -2.42 9.13
C VAL E 81 -58.21 -2.37 9.50
N GLY E 82 -57.65 -1.17 9.49
CA GLY E 82 -56.28 -0.97 9.91
C GLY E 82 -56.22 -0.22 11.23
N PRO E 83 -55.01 -0.13 11.81
CA PRO E 83 -54.89 0.60 13.09
C PRO E 83 -55.12 2.10 12.96
N LYS E 84 -54.65 2.73 11.88
CA LYS E 84 -54.90 4.16 11.69
C LYS E 84 -56.38 4.44 11.53
N LEU E 85 -57.06 3.62 10.72
CA LEU E 85 -58.51 3.76 10.54
C LEU E 85 -59.24 3.57 11.85
N ALA E 86 -58.89 2.54 12.61
CA ALA E 86 -59.59 2.25 13.85
C ALA E 86 -59.35 3.34 14.90
N LEU E 87 -58.12 3.84 14.99
CA LEU E 87 -57.85 4.90 15.97
C LEU E 87 -58.59 6.17 15.58
N ALA E 88 -58.71 6.44 14.28
CA ALA E 88 -59.55 7.56 13.83
C ALA E 88 -61.00 7.34 14.24
N LEU E 89 -61.49 6.11 14.12
CA LEU E 89 -62.87 5.80 14.50
C LEU E 89 -63.12 6.06 15.97
N MET E 90 -62.28 5.50 16.86
CA MET E 90 -62.53 5.71 18.28
C MET E 90 -62.12 7.11 18.74
N SER E 91 -61.32 7.83 17.97
CA SER E 91 -61.09 9.24 18.27
C SER E 91 -62.34 10.06 17.95
N GLY E 92 -63.00 9.73 16.84
CA GLY E 92 -64.21 10.47 16.47
C GLY E 92 -65.38 10.20 17.40
N LEU E 93 -65.56 8.94 17.81
CA LEU E 93 -66.80 8.53 18.46
C LEU E 93 -66.51 7.73 19.73
N GLU E 94 -67.45 7.79 20.66
CA GLU E 94 -67.38 7.03 21.90
C GLU E 94 -67.65 5.54 21.63
N VAL E 95 -67.05 4.69 22.48
CA VAL E 95 -67.16 3.24 22.29
C VAL E 95 -68.61 2.79 22.37
N ASP E 96 -69.32 3.22 23.42
CA ASP E 96 -70.73 2.89 23.52
C ASP E 96 -71.54 3.57 22.44
N GLU E 97 -71.13 4.78 22.04
CA GLU E 97 -71.77 5.45 20.90
C GLU E 97 -71.56 4.63 19.62
N LEU E 98 -70.35 4.09 19.44
CA LEU E 98 -70.10 3.21 18.31
C LEU E 98 -70.97 1.96 18.35
N VAL E 99 -71.14 1.38 19.55
CA VAL E 99 -71.97 0.18 19.70
C VAL E 99 -73.42 0.48 19.32
N ARG E 100 -73.95 1.60 19.82
CA ARG E 100 -75.32 1.99 19.48
C ARG E 100 -75.48 2.32 18.01
N CYS E 101 -74.47 2.96 17.40
CA CYS E 101 -74.52 3.22 15.97
C CYS E 101 -74.53 1.93 15.17
N VAL E 102 -73.76 0.93 15.62
CA VAL E 102 -73.78 -0.38 14.96
C VAL E 102 -75.16 -1.02 15.09
N GLN E 103 -75.73 -0.99 16.29
CA GLN E 103 -77.03 -1.63 16.50
C GLN E 103 -78.15 -0.90 15.78
N ALA E 104 -78.05 0.42 15.66
CA ALA E 104 -79.09 1.22 15.04
C ALA E 104 -78.88 1.45 13.55
N GLN E 105 -77.84 0.85 12.97
CA GLN E 105 -77.49 1.01 11.56
C GLN E 105 -77.30 2.48 11.19
N ASP E 106 -76.57 3.20 12.04
CA ASP E 106 -76.31 4.62 11.87
C ASP E 106 -75.07 4.78 10.99
N THR E 107 -75.28 4.89 9.69
CA THR E 107 -74.17 4.99 8.75
C THR E 107 -73.53 6.38 8.78
N SER E 108 -74.37 7.43 8.87
CA SER E 108 -73.89 8.80 8.68
C SER E 108 -72.89 9.22 9.76
N THR E 109 -73.03 8.69 10.97
CA THR E 109 -72.11 9.05 12.05
C THR E 109 -70.70 8.52 11.76
N LEU E 110 -70.60 7.36 11.13
CA LEU E 110 -69.30 6.90 10.66
C LEU E 110 -68.88 7.64 9.38
N VAL E 111 -69.85 8.06 8.57
CA VAL E 111 -69.53 8.81 7.36
C VAL E 111 -68.87 10.15 7.69
N LYS E 112 -69.40 10.86 8.70
CA LYS E 112 -68.86 12.17 9.05
C LYS E 112 -67.45 12.10 9.65
N ILE E 113 -67.00 10.91 10.03
CA ILE E 113 -65.60 10.74 10.44
C ILE E 113 -64.70 11.00 9.24
N PRO E 114 -63.69 11.86 9.35
CA PRO E 114 -62.86 12.18 8.19
C PRO E 114 -62.07 10.98 7.69
N GLY E 115 -61.89 10.91 6.37
CA GLY E 115 -61.18 9.82 5.75
C GLY E 115 -61.94 8.53 5.65
N VAL E 116 -63.22 8.52 6.01
CA VAL E 116 -64.02 7.30 6.04
C VAL E 116 -65.09 7.41 4.95
N GLY E 117 -65.05 6.49 3.99
CA GLY E 117 -66.09 6.36 2.98
C GLY E 117 -67.31 5.68 3.52
N LYS E 118 -68.44 5.89 2.83
CA LYS E 118 -69.69 5.22 3.19
C LYS E 118 -69.60 3.72 3.02
N LYS E 119 -68.82 3.25 2.04
CA LYS E 119 -68.59 1.83 1.87
C LYS E 119 -67.99 1.22 3.12
N THR E 120 -66.84 1.74 3.56
CA THR E 120 -66.17 1.22 4.74
C THR E 120 -67.06 1.31 5.98
N ALA E 121 -67.89 2.36 6.06
CA ALA E 121 -68.84 2.47 7.15
C ALA E 121 -69.83 1.31 7.16
N GLU E 122 -70.41 0.98 6.01
CA GLU E 122 -71.37 -0.12 6.02
C GLU E 122 -70.68 -1.48 6.19
N ARG E 123 -69.40 -1.60 5.78
CA ARG E 123 -68.65 -2.79 6.18
C ARG E 123 -68.62 -2.89 7.70
N LEU E 124 -68.15 -1.84 8.37
CA LEU E 124 -68.08 -1.80 9.83
C LEU E 124 -69.40 -2.23 10.45
N LEU E 125 -70.50 -1.69 9.92
CA LEU E 125 -71.84 -2.13 10.31
C LEU E 125 -72.01 -3.64 10.16
N VAL E 126 -71.80 -4.17 8.95
CA VAL E 126 -72.26 -5.54 8.68
C VAL E 126 -71.40 -6.57 9.41
N GLU E 127 -70.06 -6.40 9.44
CA GLU E 127 -69.30 -7.34 10.26
C GLU E 127 -69.46 -7.14 11.76
N LEU E 128 -69.59 -5.90 12.28
CA LEU E 128 -69.75 -5.80 13.73
C LEU E 128 -71.10 -6.32 14.22
N LYS E 129 -72.15 -6.23 13.40
CA LYS E 129 -73.48 -6.68 13.82
C LYS E 129 -73.48 -8.15 14.20
N ASP E 130 -72.85 -9.00 13.40
CA ASP E 130 -72.72 -10.41 13.74
C ASP E 130 -71.40 -10.73 14.43
N ARG E 131 -70.53 -9.74 14.63
CA ARG E 131 -69.30 -9.99 15.38
C ARG E 131 -69.56 -9.92 16.88
N PHE E 132 -70.27 -8.90 17.34
CA PHE E 132 -70.64 -8.83 18.75
C PHE E 132 -72.15 -8.83 18.89
N LYS E 133 -72.65 -9.67 19.79
CA LYS E 133 -74.08 -9.79 20.05
C LYS E 133 -74.49 -8.89 21.22
N ALA E 134 -74.16 -7.61 21.09
CA ALA E 134 -74.39 -6.60 22.13
C ALA E 134 -73.80 -7.03 23.46
N TRP E 135 -72.48 -7.17 23.47
CA TRP E 135 -71.69 -7.60 24.64
C TRP E 135 -72.14 -8.96 25.16
N MET F 1 -30.77 -3.59 20.86
CA MET F 1 -31.03 -4.81 21.61
C MET F 1 -30.04 -5.13 22.71
N ILE F 2 -29.98 -6.42 23.01
CA ILE F 2 -29.37 -6.97 24.21
C ILE F 2 -27.85 -7.00 24.08
N GLY F 3 -27.16 -6.39 25.04
CA GLY F 3 -25.70 -6.38 25.02
C GLY F 3 -25.04 -6.97 26.24
N ARG F 4 -25.73 -6.94 27.38
CA ARG F 4 -25.19 -7.45 28.64
C ARG F 4 -26.32 -7.56 29.66
N LEU F 5 -26.23 -8.56 30.53
CA LEU F 5 -27.15 -8.70 31.66
C LEU F 5 -26.39 -8.69 32.97
N ARG F 6 -26.98 -8.02 33.96
CA ARG F 6 -26.52 -8.03 35.35
C ARG F 6 -27.74 -8.40 36.19
N GLY F 7 -27.96 -9.70 36.37
CA GLY F 7 -29.13 -10.17 37.08
C GLY F 7 -28.84 -11.27 38.08
N THR F 8 -29.91 -11.87 38.63
CA THR F 8 -29.78 -12.90 39.65
C THR F 8 -30.18 -14.25 39.07
N LEU F 9 -29.36 -15.27 39.36
CA LEU F 9 -29.62 -16.62 38.87
C LEU F 9 -30.86 -17.19 39.55
N ALA F 10 -31.72 -17.84 38.77
CA ALA F 10 -32.94 -18.43 39.31
C ALA F 10 -32.85 -19.94 39.41
N GLU F 11 -32.52 -20.62 38.31
CA GLU F 11 -32.41 -22.07 38.27
C GLU F 11 -31.30 -22.47 37.32
N LYS F 12 -30.78 -23.69 37.49
CA LYS F 12 -29.73 -24.23 36.62
C LYS F 12 -30.18 -25.57 36.07
N GLN F 13 -30.48 -25.60 34.76
CA GLN F 13 -30.77 -26.85 34.06
C GLN F 13 -29.90 -26.89 32.81
N PRO F 14 -28.66 -27.40 32.89
CA PRO F 14 -27.70 -27.16 31.82
C PRO F 14 -28.13 -27.85 30.53
N PRO F 15 -27.88 -27.21 29.37
CA PRO F 15 -27.23 -25.91 29.27
C PRO F 15 -28.17 -24.70 29.39
N HIS F 16 -29.46 -24.95 29.61
CA HIS F 16 -30.45 -23.88 29.62
C HIS F 16 -30.52 -23.20 30.98
N LEU F 17 -30.30 -21.89 30.99
CA LEU F 17 -30.27 -21.13 32.23
C LEU F 17 -31.37 -20.08 32.21
N ILE F 18 -31.90 -19.78 33.39
CA ILE F 18 -32.94 -18.78 33.56
C ILE F 18 -32.39 -17.70 34.49
N LEU F 19 -32.50 -16.45 34.07
CA LEU F 19 -31.91 -15.32 34.79
C LEU F 19 -33.01 -14.34 35.15
N ASP F 20 -33.44 -14.37 36.41
CA ASP F 20 -34.50 -13.48 36.88
C ASP F 20 -33.93 -12.09 37.10
N VAL F 21 -34.12 -11.22 36.12
CA VAL F 21 -33.67 -9.84 36.21
C VAL F 21 -34.90 -9.00 36.54
N ASN F 22 -35.04 -8.63 37.81
CA ASN F 22 -36.12 -7.78 38.32
C ASN F 22 -37.49 -8.40 38.05
N GLY F 23 -37.66 -9.64 38.47
CA GLY F 23 -38.95 -10.30 38.42
C GLY F 23 -39.19 -11.17 37.21
N VAL F 24 -38.46 -10.93 36.12
CA VAL F 24 -38.66 -11.65 34.88
C VAL F 24 -37.41 -12.48 34.57
N GLY F 25 -37.62 -13.77 34.33
CA GLY F 25 -36.52 -14.65 33.99
C GLY F 25 -36.22 -14.63 32.50
N TYR F 26 -34.95 -14.82 32.15
CA TYR F 26 -34.48 -14.75 30.78
C TYR F 26 -33.95 -16.10 30.34
N GLU F 27 -34.52 -16.65 29.26
CA GLU F 27 -34.07 -17.91 28.68
C GLU F 27 -32.75 -17.69 27.97
N VAL F 28 -31.66 -18.19 28.55
CA VAL F 28 -30.32 -18.03 28.01
C VAL F 28 -29.58 -19.34 28.24
N GLU F 29 -28.76 -19.74 27.27
CA GLU F 29 -27.90 -20.89 27.49
C GLU F 29 -26.46 -20.41 27.64
N VAL F 30 -25.66 -21.19 28.36
CA VAL F 30 -24.23 -20.91 28.49
C VAL F 30 -23.47 -22.19 28.17
N PRO F 31 -22.25 -22.11 27.67
CA PRO F 31 -21.47 -23.32 27.41
C PRO F 31 -21.05 -24.00 28.70
N MET F 32 -20.70 -25.28 28.57
CA MET F 32 -20.25 -26.07 29.71
C MET F 32 -19.00 -25.48 30.34
N THR F 33 -18.14 -24.85 29.53
CA THR F 33 -17.04 -24.07 30.08
C THR F 33 -17.56 -22.97 31.00
N THR F 34 -18.60 -22.26 30.57
CA THR F 34 -19.24 -21.27 31.45
C THR F 34 -19.99 -21.94 32.60
N LEU F 35 -20.46 -23.18 32.42
CA LEU F 35 -20.97 -23.94 33.57
C LEU F 35 -19.91 -24.10 34.64
N TYR F 36 -18.63 -24.21 34.24
CA TYR F 36 -17.56 -24.18 35.23
C TYR F 36 -17.30 -22.79 35.82
N ARG F 37 -18.08 -21.77 35.47
CA ARG F 37 -17.94 -20.47 36.12
C ARG F 37 -19.24 -19.88 36.64
N LEU F 38 -20.35 -20.62 36.57
CA LEU F 38 -21.61 -20.07 37.07
C LEU F 38 -21.66 -20.08 38.59
N PRO F 39 -22.34 -19.12 39.19
CA PRO F 39 -22.56 -19.16 40.65
C PRO F 39 -23.69 -20.10 41.03
N SER F 40 -24.04 -20.13 42.31
CA SER F 40 -25.09 -21.01 42.78
C SER F 40 -26.47 -20.42 42.48
N VAL F 41 -27.50 -21.20 42.81
CA VAL F 41 -28.88 -20.76 42.62
C VAL F 41 -29.20 -19.65 43.59
N GLY F 42 -29.70 -18.52 43.05
CA GLY F 42 -30.01 -17.36 43.85
C GLY F 42 -28.93 -16.31 43.92
N GLU F 43 -27.76 -16.57 43.33
CA GLU F 43 -26.67 -15.60 43.39
C GLU F 43 -26.66 -14.73 42.15
N PRO F 44 -26.44 -13.43 42.32
CA PRO F 44 -26.36 -12.54 41.16
C PRO F 44 -25.14 -12.83 40.31
N VAL F 45 -25.27 -12.55 39.01
CA VAL F 45 -24.19 -12.77 38.06
C VAL F 45 -24.34 -11.77 36.92
N THR F 46 -23.20 -11.31 36.39
CA THR F 46 -23.17 -10.41 35.26
C THR F 46 -22.68 -11.18 34.04
N LEU F 47 -23.53 -11.28 33.02
CA LEU F 47 -23.22 -12.00 31.81
C LEU F 47 -23.24 -11.07 30.61
N HIS F 48 -22.16 -11.08 29.85
CA HIS F 48 -22.12 -10.38 28.56
C HIS F 48 -22.98 -11.20 27.60
N THR F 49 -23.90 -10.54 26.91
CA THR F 49 -24.91 -11.22 26.12
C THR F 49 -25.00 -10.66 24.71
N HIS F 50 -25.64 -11.42 23.82
CA HIS F 50 -26.02 -10.97 22.49
C HIS F 50 -27.09 -11.91 21.96
N LEU F 51 -28.15 -11.34 21.40
CA LEU F 51 -29.33 -12.09 20.97
C LEU F 51 -29.13 -12.60 19.55
N VAL F 52 -29.95 -13.56 19.15
CA VAL F 52 -30.06 -14.00 17.76
C VAL F 52 -31.54 -14.04 17.38
N VAL F 53 -31.88 -13.39 16.28
CA VAL F 53 -33.26 -13.30 15.81
C VAL F 53 -33.42 -14.23 14.62
N ARG F 54 -34.32 -15.20 14.74
CA ARG F 54 -34.64 -16.13 13.67
C ARG F 54 -36.02 -15.76 13.10
N GLU F 55 -36.40 -16.43 12.02
CA GLU F 55 -37.69 -16.17 11.38
C GLU F 55 -38.85 -16.48 12.32
N ASP F 56 -38.72 -17.52 13.14
CA ASP F 56 -39.81 -17.95 14.01
C ASP F 56 -39.42 -17.96 15.48
N ALA F 57 -38.20 -17.57 15.82
CA ALA F 57 -37.75 -17.65 17.20
C ALA F 57 -36.74 -16.54 17.46
N HIS F 58 -36.59 -16.20 18.74
CA HIS F 58 -35.53 -15.31 19.21
C HIS F 58 -34.72 -16.13 20.21
N LEU F 59 -33.41 -16.20 20.02
CA LEU F 59 -32.56 -16.95 20.93
C LEU F 59 -31.54 -16.03 21.59
N LEU F 60 -31.40 -16.20 22.90
CA LEU F 60 -30.53 -15.36 23.72
C LEU F 60 -29.31 -16.16 24.14
N TYR F 61 -28.13 -15.57 23.95
CA TYR F 61 -26.86 -16.22 24.26
C TYR F 61 -26.08 -15.26 25.15
N GLY F 62 -25.61 -15.75 26.30
CA GLY F 62 -24.91 -14.92 27.25
C GLY F 62 -23.61 -15.57 27.71
N PHE F 63 -22.54 -14.79 27.70
CA PHE F 63 -21.22 -15.29 28.04
C PHE F 63 -20.64 -14.51 29.21
N ALA F 64 -19.57 -15.05 29.78
CA ALA F 64 -18.90 -14.38 30.89
C ALA F 64 -18.07 -13.18 30.40
N GLU F 65 -17.69 -13.16 29.12
CA GLU F 65 -16.81 -12.14 28.60
C GLU F 65 -17.41 -11.50 27.35
N LYS F 66 -17.16 -10.20 27.20
CA LYS F 66 -17.57 -9.47 26.01
C LYS F 66 -16.84 -9.98 24.77
N ARG F 67 -15.54 -10.25 24.90
CA ARG F 67 -14.76 -10.76 23.77
C ARG F 67 -15.29 -12.10 23.29
N GLU F 68 -15.78 -12.93 24.23
CA GLU F 68 -16.43 -14.17 23.83
C GLU F 68 -17.69 -13.90 23.03
N ARG F 69 -18.46 -12.87 23.40
CA ARG F 69 -19.61 -12.47 22.61
C ARG F 69 -19.21 -12.04 21.20
N GLU F 70 -18.12 -11.27 21.09
CA GLU F 70 -17.69 -10.79 19.78
C GLU F 70 -17.22 -11.94 18.89
N LEU F 71 -16.44 -12.87 19.45
CA LEU F 71 -16.02 -14.04 18.68
C LEU F 71 -17.22 -14.90 18.28
N PHE F 72 -18.19 -15.07 19.19
CA PHE F 72 -19.42 -15.78 18.83
C PHE F 72 -20.15 -15.10 17.69
N ARG F 73 -20.26 -13.78 17.75
CA ARG F 73 -20.96 -13.04 16.71
C ARG F 73 -20.26 -13.19 15.36
N GLU F 74 -18.93 -13.12 15.35
CA GLU F 74 -18.20 -13.29 14.10
C GLU F 74 -18.31 -14.72 13.58
N LEU F 75 -18.39 -15.71 14.48
CA LEU F 75 -18.67 -17.08 14.04
C LEU F 75 -20.05 -17.19 13.40
N ILE F 76 -21.06 -16.56 14.01
CA ILE F 76 -22.40 -16.59 13.43
C ILE F 76 -22.47 -15.87 12.09
N ARG F 77 -21.70 -14.80 11.89
CA ARG F 77 -21.66 -14.13 10.59
C ARG F 77 -21.11 -15.01 9.48
N LEU F 78 -20.43 -16.11 9.81
CA LEU F 78 -19.97 -17.05 8.80
C LEU F 78 -21.17 -17.75 8.16
N ASN F 79 -21.02 -18.09 6.88
CA ASN F 79 -22.12 -18.60 6.09
C ASN F 79 -22.50 -20.04 6.43
N GLY F 80 -21.58 -20.82 7.00
CA GLY F 80 -21.87 -22.21 7.25
C GLY F 80 -21.89 -22.59 8.72
N VAL F 81 -21.95 -21.59 9.60
CA VAL F 81 -21.85 -21.80 11.04
C VAL F 81 -23.18 -21.43 11.68
N GLY F 82 -23.76 -22.37 12.43
CA GLY F 82 -24.91 -22.11 13.25
C GLY F 82 -24.51 -21.99 14.70
N PRO F 83 -25.45 -21.58 15.56
CA PRO F 83 -25.14 -21.49 16.99
C PRO F 83 -24.72 -22.82 17.61
N LYS F 84 -25.32 -23.93 17.17
CA LYS F 84 -24.95 -25.23 17.73
C LYS F 84 -23.49 -25.56 17.44
N LEU F 85 -23.02 -25.20 16.25
CA LEU F 85 -21.62 -25.43 15.90
C LEU F 85 -20.69 -24.60 16.77
N ALA F 86 -21.01 -23.32 16.98
CA ALA F 86 -20.15 -22.44 17.77
C ALA F 86 -20.13 -22.88 19.24
N LEU F 87 -21.29 -23.28 19.77
CA LEU F 87 -21.32 -23.82 21.13
C LEU F 87 -20.53 -25.11 21.26
N ALA F 88 -20.59 -25.99 20.24
CA ALA F 88 -19.76 -27.18 20.27
C ALA F 88 -18.28 -26.82 20.27
N LEU F 89 -17.90 -25.86 19.43
CA LEU F 89 -16.50 -25.44 19.34
C LEU F 89 -16.00 -24.88 20.68
N MET F 90 -16.74 -23.96 21.27
CA MET F 90 -16.28 -23.35 22.52
C MET F 90 -16.49 -24.25 23.73
N SER F 91 -17.37 -25.25 23.64
CA SER F 91 -17.45 -26.26 24.69
C SER F 91 -16.27 -27.22 24.59
N GLY F 92 -15.70 -27.36 23.40
CA GLY F 92 -14.48 -28.12 23.27
C GLY F 92 -13.26 -27.39 23.81
N LEU F 93 -13.03 -26.17 23.33
CA LEU F 93 -11.80 -25.43 23.61
C LEU F 93 -12.11 -23.98 23.95
N GLU F 94 -11.21 -23.35 24.69
CA GLU F 94 -11.40 -21.98 25.14
C GLU F 94 -10.90 -20.98 24.10
N VAL F 95 -11.06 -19.69 24.40
CA VAL F 95 -11.12 -18.67 23.36
C VAL F 95 -9.75 -18.39 22.74
N ASP F 96 -8.73 -18.08 23.56
CA ASP F 96 -7.46 -17.65 22.98
C ASP F 96 -6.68 -18.83 22.41
N GLU F 97 -6.89 -20.01 22.97
CA GLU F 97 -6.33 -21.22 22.38
C GLU F 97 -6.92 -21.47 20.99
N LEU F 98 -8.23 -21.30 20.82
CA LEU F 98 -8.83 -21.36 19.49
C LEU F 98 -8.30 -20.26 18.58
N VAL F 99 -8.02 -19.08 19.14
CA VAL F 99 -7.46 -17.99 18.34
C VAL F 99 -6.08 -18.39 17.80
N ARG F 100 -5.24 -18.96 18.65
CA ARG F 100 -3.91 -19.38 18.22
C ARG F 100 -3.98 -20.56 17.25
N CYS F 101 -4.97 -21.44 17.43
CA CYS F 101 -5.16 -22.52 16.48
C CYS F 101 -5.64 -22.00 15.13
N VAL F 102 -6.43 -20.92 15.14
CA VAL F 102 -6.79 -20.24 13.90
C VAL F 102 -5.55 -19.64 13.26
N GLN F 103 -4.64 -19.10 14.06
CA GLN F 103 -3.34 -18.71 13.54
C GLN F 103 -2.59 -19.93 13.01
N ALA F 104 -2.71 -21.07 13.69
CA ALA F 104 -2.09 -22.31 13.23
C ALA F 104 -2.82 -22.92 12.04
N GLN F 105 -4.14 -22.70 11.93
CA GLN F 105 -4.98 -23.32 10.89
C GLN F 105 -4.86 -24.84 10.90
N ASP F 106 -4.85 -25.43 12.10
CA ASP F 106 -4.71 -26.86 12.27
C ASP F 106 -6.06 -27.51 12.55
N THR F 107 -6.32 -28.63 11.88
CA THR F 107 -7.59 -29.34 12.02
C THR F 107 -7.57 -30.42 13.09
N SER F 108 -6.38 -30.85 13.53
CA SER F 108 -6.30 -31.97 14.47
C SER F 108 -6.92 -31.61 15.81
N THR F 109 -6.64 -30.41 16.31
CA THR F 109 -7.15 -30.03 17.62
C THR F 109 -8.63 -29.69 17.62
N LEU F 110 -9.24 -29.55 16.45
CA LEU F 110 -10.66 -29.19 16.37
C LEU F 110 -11.54 -30.33 15.89
N VAL F 111 -10.96 -31.33 15.21
CA VAL F 111 -11.72 -32.53 14.85
C VAL F 111 -12.18 -33.27 16.10
N LYS F 112 -11.36 -33.26 17.16
CA LYS F 112 -11.69 -34.01 18.38
C LYS F 112 -12.96 -33.49 19.03
N ILE F 113 -13.38 -32.27 18.71
CA ILE F 113 -14.66 -31.75 19.21
C ILE F 113 -15.80 -32.60 18.64
N PRO F 114 -16.71 -33.09 19.47
CA PRO F 114 -17.73 -34.04 18.99
C PRO F 114 -18.66 -33.41 17.96
N GLY F 115 -19.07 -34.22 16.98
CA GLY F 115 -20.01 -33.80 15.97
C GLY F 115 -19.44 -32.90 14.89
N VAL F 116 -18.13 -32.70 14.86
CA VAL F 116 -17.50 -31.77 13.95
C VAL F 116 -16.78 -32.56 12.86
N GLY F 117 -17.11 -32.27 11.60
CA GLY F 117 -16.45 -32.83 10.45
C GLY F 117 -15.17 -32.09 10.13
N LYS F 118 -14.26 -32.78 9.44
CA LYS F 118 -13.01 -32.17 9.04
C LYS F 118 -13.22 -31.06 8.02
N LYS F 119 -14.16 -31.26 7.08
CA LYS F 119 -14.42 -30.27 6.04
C LYS F 119 -14.89 -28.95 6.67
N THR F 120 -15.76 -29.04 7.68
CA THR F 120 -16.13 -27.88 8.47
C THR F 120 -14.92 -27.22 9.08
N ALA F 121 -13.98 -28.01 9.59
CA ALA F 121 -12.80 -27.46 10.25
C ALA F 121 -11.96 -26.64 9.28
N GLU F 122 -11.65 -27.18 8.10
CA GLU F 122 -10.80 -26.38 7.21
C GLU F 122 -11.54 -25.18 6.65
N ARG F 123 -12.85 -25.30 6.38
CA ARG F 123 -13.53 -24.14 5.82
C ARG F 123 -13.64 -23.02 6.85
N LEU F 124 -13.89 -23.37 8.12
CA LEU F 124 -13.95 -22.34 9.14
C LEU F 124 -12.57 -21.73 9.40
N LEU F 125 -11.51 -22.53 9.38
CA LEU F 125 -10.18 -21.99 9.59
C LEU F 125 -9.79 -21.04 8.47
N VAL F 126 -10.07 -21.43 7.23
CA VAL F 126 -9.69 -20.60 6.09
C VAL F 126 -10.51 -19.31 6.06
N GLU F 127 -11.80 -19.38 6.36
CA GLU F 127 -12.58 -18.14 6.38
C GLU F 127 -12.51 -17.40 7.71
N LEU F 128 -11.73 -17.90 8.66
CA LEU F 128 -11.55 -17.21 9.93
C LEU F 128 -10.10 -16.79 10.15
N LYS F 129 -9.21 -17.03 9.18
CA LYS F 129 -7.80 -16.63 9.27
C LYS F 129 -7.64 -15.15 9.64
N ASP F 130 -6.44 -14.80 10.13
CA ASP F 130 -6.23 -13.56 10.85
C ASP F 130 -6.35 -12.36 9.93
N ARG F 131 -7.56 -11.80 9.86
CA ARG F 131 -7.78 -10.46 9.33
C ARG F 131 -8.06 -9.45 10.42
N PHE F 132 -8.50 -9.92 11.58
CA PHE F 132 -8.70 -9.11 12.78
C PHE F 132 -7.37 -8.79 13.44
N LYS F 133 -7.44 -8.10 14.57
CA LYS F 133 -6.25 -7.82 15.36
C LYS F 133 -5.98 -8.97 16.34
N ALA F 134 -4.69 -9.19 16.62
CA ALA F 134 -4.30 -10.25 17.53
C ALA F 134 -4.74 -9.93 18.96
N TRP F 135 -5.11 -10.97 19.69
CA TRP F 135 -5.62 -10.81 21.05
C TRP F 135 -4.52 -11.04 22.08
N VAL F 154 -4.50 11.41 28.31
CA VAL F 154 -3.14 11.04 28.66
C VAL F 154 -2.53 12.08 29.59
N SER F 155 -1.59 11.64 30.43
CA SER F 155 -0.91 12.55 31.34
C SER F 155 0.18 13.32 30.60
N SER F 156 0.78 14.29 31.30
CA SER F 156 1.88 15.06 30.72
C SER F 156 3.08 14.17 30.42
N ALA F 157 3.45 13.30 31.36
CA ALA F 157 4.54 12.37 31.11
C ALA F 157 4.18 11.36 30.03
N GLU F 158 2.92 10.90 30.02
CA GLU F 158 2.47 9.96 28.99
C GLU F 158 2.56 10.57 27.60
N ALA F 159 2.04 11.78 27.43
CA ALA F 159 2.07 12.44 26.12
C ALA F 159 3.50 12.81 25.73
N ASP F 160 4.31 13.23 26.70
CA ASP F 160 5.72 13.53 26.42
C ASP F 160 6.47 12.30 25.94
N ALA F 161 6.26 11.16 26.59
CA ALA F 161 6.88 9.92 26.16
C ALA F 161 6.38 9.48 24.79
N VAL F 162 5.08 9.63 24.54
CA VAL F 162 4.51 9.25 23.25
C VAL F 162 5.12 10.09 22.13
N SER F 163 5.22 11.40 22.34
CA SER F 163 5.83 12.28 21.34
C SER F 163 7.32 12.01 21.17
N ALA F 164 8.02 11.74 22.27
CA ALA F 164 9.45 11.45 22.20
C ALA F 164 9.71 10.18 21.41
N LEU F 165 8.93 9.12 21.65
CA LEU F 165 9.12 7.89 20.90
C LEU F 165 8.59 7.98 19.47
N ILE F 166 7.63 8.87 19.20
CA ILE F 166 7.25 9.16 17.83
C ILE F 166 8.41 9.80 17.09
N ALA F 167 9.08 10.76 17.72
CA ALA F 167 10.27 11.37 17.13
C ALA F 167 11.41 10.36 17.01
N LEU F 168 11.45 9.37 17.91
CA LEU F 168 12.48 8.34 17.85
C LEU F 168 12.13 7.26 16.83
N GLY F 169 10.94 7.29 16.25
CA GLY F 169 10.55 6.36 15.21
C GLY F 169 9.51 5.34 15.62
N PHE F 170 9.24 5.19 16.92
CA PHE F 170 8.24 4.23 17.37
C PHE F 170 6.84 4.71 17.01
N LYS F 171 5.98 3.76 16.62
CA LYS F 171 4.60 4.08 16.30
C LYS F 171 3.86 4.51 17.57
N PRO F 172 2.90 5.43 17.44
CA PRO F 172 2.17 5.89 18.65
C PRO F 172 1.45 4.80 19.40
N GLN F 173 0.80 3.88 18.71
CA GLN F 173 0.16 2.75 19.39
C GLN F 173 1.21 1.80 19.96
N GLU F 174 2.30 1.58 19.23
CA GLU F 174 3.40 0.75 19.74
C GLU F 174 4.07 1.41 20.94
N ALA F 175 4.24 2.73 20.89
CA ALA F 175 4.89 3.43 22.00
C ALA F 175 3.99 3.46 23.23
N SER F 176 2.69 3.65 23.05
CA SER F 176 1.79 3.86 24.18
C SER F 176 1.68 2.62 25.06
N ARG F 177 1.68 1.43 24.45
CA ARG F 177 1.55 0.21 25.24
C ARG F 177 2.80 -0.08 26.05
N ALA F 178 3.98 0.31 25.55
CA ALA F 178 5.19 0.20 26.35
C ALA F 178 5.28 1.31 27.39
N VAL F 179 4.67 2.46 27.11
CA VAL F 179 4.76 3.60 28.02
C VAL F 179 3.86 3.40 29.23
N ALA F 180 2.61 3.02 29.02
CA ALA F 180 1.61 3.00 30.08
C ALA F 180 1.61 1.71 30.90
N ALA F 181 2.41 0.71 30.52
CA ALA F 181 2.32 -0.59 31.17
C ALA F 181 3.11 -0.64 32.47
N VAL F 182 4.43 -0.51 32.38
CA VAL F 182 5.30 -0.79 33.53
C VAL F 182 5.34 0.37 34.54
N PRO F 183 5.67 1.61 34.17
CA PRO F 183 5.72 2.66 35.20
C PRO F 183 4.33 3.07 35.67
N GLY F 184 4.30 3.69 36.84
CA GLY F 184 3.06 4.07 37.49
C GLY F 184 2.44 5.32 36.90
N GLU F 185 1.64 6.00 37.72
CA GLU F 185 0.90 7.18 37.31
C GLU F 185 1.64 8.43 37.75
N ASP F 186 1.86 9.35 36.81
CA ASP F 186 2.50 10.64 37.07
C ASP F 186 3.89 10.49 37.67
N LEU F 187 4.74 9.71 37.01
CA LEU F 187 6.11 9.54 37.43
C LEU F 187 7.00 10.56 36.72
N SER F 188 8.29 10.56 37.08
CA SER F 188 9.25 11.43 36.42
C SER F 188 9.43 11.00 34.97
N SER F 189 9.46 11.98 34.06
CA SER F 189 9.43 11.68 32.64
C SER F 189 10.66 10.89 32.19
N GLU F 190 11.83 11.23 32.72
CA GLU F 190 13.06 10.54 32.32
C GLU F 190 13.02 9.06 32.68
N GLU F 191 12.69 8.74 33.93
CA GLU F 191 12.68 7.35 34.38
C GLU F 191 11.57 6.55 33.69
N MET F 192 10.42 7.16 33.46
CA MET F 192 9.34 6.43 32.81
C MET F 192 9.58 6.24 31.32
N ILE F 193 10.24 7.18 30.64
CA ILE F 193 10.69 6.94 29.28
C ILE F 193 11.75 5.84 29.25
N ARG F 194 12.65 5.85 30.23
CA ARG F 194 13.64 4.78 30.38
C ARG F 194 12.98 3.41 30.50
N GLN F 195 11.97 3.32 31.37
CA GLN F 195 11.27 2.06 31.59
C GLN F 195 10.44 1.64 30.37
N ALA F 196 9.89 2.63 29.65
CA ALA F 196 9.19 2.32 28.41
C ALA F 196 10.11 1.76 27.36
N LEU F 197 11.33 2.30 27.25
CA LEU F 197 12.30 1.80 26.30
C LEU F 197 13.09 0.62 26.82
N LYS F 198 12.82 0.15 28.04
CA LYS F 198 13.46 -1.07 28.55
C LYS F 198 13.12 -2.30 27.72
N GLY F 199 12.01 -2.29 26.99
CA GLY F 199 11.57 -3.50 26.30
C GLY F 199 12.39 -3.81 25.06
N MET F 200 12.41 -5.08 24.70
CA MET F 200 13.00 -5.59 23.45
C MET F 200 12.10 -6.66 22.84
N VAL F 201 12.28 -6.86 21.53
CA VAL F 201 11.54 -7.87 20.79
C VAL F 201 12.46 -9.03 20.41
N MET G 1 -38.48 -16.85 25.05
CA MET G 1 -37.33 -16.08 25.47
C MET G 1 -37.41 -15.83 26.96
N ILE G 2 -38.61 -16.01 27.50
CA ILE G 2 -38.89 -15.83 28.92
C ILE G 2 -39.34 -17.17 29.45
N GLY G 3 -38.61 -17.72 30.42
CA GLY G 3 -38.92 -19.04 30.92
C GLY G 3 -39.51 -19.03 32.31
N ARG G 4 -39.52 -17.85 32.93
CA ARG G 4 -40.06 -17.69 34.28
C ARG G 4 -40.45 -16.23 34.45
N LEU G 5 -41.57 -16.02 35.13
CA LEU G 5 -42.09 -14.66 35.33
C LEU G 5 -42.67 -14.57 36.74
N ARG G 6 -41.92 -13.92 37.64
CA ARG G 6 -42.35 -13.68 39.01
C ARG G 6 -43.00 -12.30 39.03
N GLY G 7 -44.33 -12.27 38.94
CA GLY G 7 -45.06 -11.02 38.90
C GLY G 7 -46.28 -10.99 39.79
N THR G 8 -47.09 -9.95 39.66
CA THR G 8 -48.28 -9.75 40.48
C THR G 8 -49.51 -9.75 39.57
N LEU G 9 -50.52 -10.52 39.96
CA LEU G 9 -51.74 -10.67 39.15
C LEU G 9 -52.50 -9.36 39.12
N ALA G 10 -52.51 -8.69 37.97
CA ALA G 10 -53.20 -7.42 37.82
C ALA G 10 -54.64 -7.60 37.35
N GLU G 11 -54.87 -8.49 36.38
CA GLU G 11 -56.18 -8.69 35.80
C GLU G 11 -56.45 -10.19 35.64
N LYS G 12 -57.72 -10.56 35.80
CA LYS G 12 -58.17 -11.95 35.78
C LYS G 12 -59.33 -12.09 34.80
N GLN G 13 -59.03 -12.31 33.53
CA GLN G 13 -60.04 -12.59 32.51
C GLN G 13 -59.70 -13.90 31.84
N PRO G 14 -60.23 -15.03 32.33
CA PRO G 14 -59.76 -16.33 31.84
C PRO G 14 -60.14 -16.55 30.40
N PRO G 15 -59.29 -17.24 29.62
CA PRO G 15 -58.05 -17.87 30.09
C PRO G 15 -56.81 -16.98 29.95
N HIS G 16 -57.00 -15.66 30.03
CA HIS G 16 -55.92 -14.71 29.92
C HIS G 16 -55.68 -14.02 31.26
N LEU G 17 -54.47 -13.47 31.41
CA LEU G 17 -54.07 -12.83 32.66
C LEU G 17 -53.15 -11.67 32.36
N ILE G 18 -53.02 -10.78 33.34
CA ILE G 18 -52.07 -9.67 33.30
C ILE G 18 -51.20 -9.76 34.54
N LEU G 19 -49.90 -9.92 34.34
CA LEU G 19 -48.92 -9.97 35.43
C LEU G 19 -48.14 -8.65 35.41
N ASP G 20 -48.53 -7.72 36.28
CA ASP G 20 -47.90 -6.41 36.34
C ASP G 20 -46.55 -6.52 37.05
N VAL G 21 -45.53 -6.81 36.25
CA VAL G 21 -44.17 -6.93 36.77
C VAL G 21 -43.48 -5.57 36.69
N ASN G 22 -43.37 -4.90 37.85
CA ASN G 22 -42.73 -3.61 37.98
C ASN G 22 -43.35 -2.57 37.04
N GLY G 23 -44.68 -2.51 37.07
CA GLY G 23 -45.44 -1.59 36.25
C GLY G 23 -45.75 -2.11 34.86
N VAL G 24 -45.09 -3.19 34.46
CA VAL G 24 -45.27 -3.75 33.13
C VAL G 24 -46.16 -4.99 33.24
N GLY G 25 -47.35 -4.93 32.67
CA GLY G 25 -48.30 -6.01 32.75
C GLY G 25 -48.55 -6.66 31.40
N TYR G 26 -48.00 -7.85 31.22
CA TYR G 26 -48.08 -8.57 29.95
C TYR G 26 -49.36 -9.40 29.89
N GLU G 27 -49.81 -9.69 28.68
CA GLU G 27 -50.88 -10.68 28.51
C GLU G 27 -50.34 -12.05 28.85
N VAL G 28 -51.05 -12.79 29.70
CA VAL G 28 -50.62 -14.09 30.19
C VAL G 28 -51.74 -15.09 29.97
N GLU G 29 -51.50 -16.07 29.10
CA GLU G 29 -52.49 -17.10 28.82
C GLU G 29 -52.14 -18.36 29.59
N VAL G 30 -53.11 -18.84 30.38
CA VAL G 30 -52.90 -19.99 31.26
C VAL G 30 -54.01 -21.00 31.03
N PRO G 31 -53.79 -22.28 31.29
CA PRO G 31 -54.88 -23.26 31.20
C PRO G 31 -55.79 -23.15 32.42
N MET G 32 -56.94 -23.81 32.31
CA MET G 32 -57.91 -23.82 33.39
C MET G 32 -57.40 -24.54 34.63
N THR G 33 -56.52 -25.53 34.44
CA THR G 33 -55.86 -26.18 35.58
C THR G 33 -54.99 -25.19 36.35
N THR G 34 -54.15 -24.43 35.64
CA THR G 34 -53.36 -23.39 36.27
C THR G 34 -54.26 -22.32 36.87
N LEU G 35 -55.45 -22.11 36.28
CA LEU G 35 -56.43 -21.22 36.87
C LEU G 35 -56.90 -21.72 38.23
N TYR G 36 -57.06 -23.04 38.40
CA TYR G 36 -57.28 -23.56 39.74
C TYR G 36 -56.08 -23.36 40.65
N ARG G 37 -54.86 -23.56 40.15
CA ARG G 37 -53.70 -23.21 40.97
C ARG G 37 -53.44 -21.71 41.04
N LEU G 38 -54.16 -20.90 40.29
CA LEU G 38 -53.94 -19.45 40.33
C LEU G 38 -54.51 -18.84 41.61
N PRO G 39 -53.75 -17.97 42.28
CA PRO G 39 -54.31 -17.18 43.39
C PRO G 39 -55.17 -16.03 42.91
N SER G 40 -55.63 -15.19 43.84
CA SER G 40 -56.53 -14.11 43.47
C SER G 40 -55.78 -12.94 42.86
N VAL G 41 -56.54 -11.90 42.50
CA VAL G 41 -55.97 -10.71 41.87
C VAL G 41 -55.16 -9.94 42.91
N GLY G 42 -54.00 -9.45 42.50
CA GLY G 42 -53.11 -8.72 43.39
C GLY G 42 -52.12 -9.60 44.13
N GLU G 43 -52.24 -10.92 44.00
CA GLU G 43 -51.31 -11.84 44.64
C GLU G 43 -50.06 -12.01 43.79
N PRO G 44 -48.89 -11.70 44.33
CA PRO G 44 -47.64 -12.02 43.63
C PRO G 44 -47.49 -13.52 43.45
N VAL G 45 -47.08 -13.91 42.24
CA VAL G 45 -47.02 -15.32 41.87
C VAL G 45 -46.03 -15.47 40.72
N THR G 46 -45.31 -16.59 40.72
CA THR G 46 -44.31 -16.88 39.70
C THR G 46 -44.88 -17.88 38.72
N LEU G 47 -44.84 -17.53 37.43
CA LEU G 47 -45.30 -18.40 36.36
C LEU G 47 -44.13 -18.76 35.47
N HIS G 48 -44.08 -20.01 35.03
CA HIS G 48 -42.98 -20.52 34.22
C HIS G 48 -43.44 -20.49 32.78
N THR G 49 -42.97 -19.50 32.03
CA THR G 49 -43.59 -19.06 30.80
C THR G 49 -42.91 -19.65 29.57
N HIS G 50 -43.63 -19.62 28.46
CA HIS G 50 -43.10 -20.00 27.15
C HIS G 50 -43.51 -19.00 26.10
N LEU G 51 -42.66 -18.83 25.09
CA LEU G 51 -42.87 -17.90 23.99
C LEU G 51 -43.25 -18.63 22.70
N VAL G 52 -44.22 -18.09 21.98
CA VAL G 52 -44.50 -18.48 20.61
C VAL G 52 -44.34 -17.24 19.73
N VAL G 53 -43.58 -17.38 18.64
CA VAL G 53 -43.25 -16.26 17.77
C VAL G 53 -43.61 -16.64 16.34
N ARG G 54 -44.52 -15.89 15.75
CA ARG G 54 -44.79 -15.94 14.32
C ARG G 54 -44.80 -14.52 13.78
N GLU G 55 -45.08 -14.40 12.48
CA GLU G 55 -44.75 -13.18 11.74
C GLU G 55 -45.66 -12.01 12.07
N ASP G 56 -46.77 -12.23 12.80
CA ASP G 56 -47.70 -11.14 13.05
C ASP G 56 -48.10 -10.97 14.51
N ALA G 57 -47.74 -11.90 15.39
CA ALA G 57 -48.13 -11.76 16.79
C ALA G 57 -47.20 -12.59 17.67
N HIS G 58 -47.02 -12.11 18.91
CA HIS G 58 -46.35 -12.86 19.97
C HIS G 58 -47.30 -13.03 21.15
N LEU G 59 -47.24 -14.20 21.79
CA LEU G 59 -48.12 -14.52 22.90
C LEU G 59 -47.28 -15.12 24.03
N LEU G 60 -47.77 -14.97 25.27
CA LEU G 60 -47.14 -15.55 26.44
C LEU G 60 -48.03 -16.62 27.03
N TYR G 61 -47.43 -17.75 27.38
CA TYR G 61 -48.13 -18.95 27.86
C TYR G 61 -47.44 -19.38 29.15
N GLY G 62 -47.89 -18.85 30.28
CA GLY G 62 -47.22 -19.06 31.55
C GLY G 62 -47.77 -20.25 32.33
N PHE G 63 -46.86 -21.06 32.88
CA PHE G 63 -47.22 -22.31 33.54
C PHE G 63 -46.73 -22.36 34.98
N ALA G 64 -47.33 -23.27 35.74
CA ALA G 64 -47.00 -23.44 37.15
C ALA G 64 -45.77 -24.31 37.37
N GLU G 65 -45.24 -24.96 36.33
CA GLU G 65 -44.11 -25.86 36.48
C GLU G 65 -43.19 -25.80 35.26
N LYS G 66 -41.93 -26.20 35.48
CA LYS G 66 -41.00 -26.41 34.37
C LYS G 66 -41.50 -27.50 33.42
N ARG G 67 -41.90 -28.64 33.96
CA ARG G 67 -42.27 -29.78 33.13
C ARG G 67 -43.47 -29.46 32.25
N GLU G 68 -44.39 -28.62 32.73
CA GLU G 68 -45.48 -28.16 31.88
C GLU G 68 -44.97 -27.38 30.68
N ARG G 69 -44.01 -26.47 30.91
CA ARG G 69 -43.44 -25.70 29.82
C ARG G 69 -42.72 -26.59 28.83
N GLU G 70 -41.95 -27.57 29.32
CA GLU G 70 -41.20 -28.44 28.43
C GLU G 70 -42.13 -29.34 27.62
N LEU G 71 -43.19 -29.87 28.23
CA LEU G 71 -44.11 -30.69 27.47
C LEU G 71 -44.85 -29.87 26.42
N PHE G 72 -45.22 -28.64 26.78
CA PHE G 72 -45.89 -27.79 25.80
C PHE G 72 -44.96 -27.49 24.63
N ARG G 73 -43.67 -27.28 24.92
CA ARG G 73 -42.67 -27.08 23.89
C ARG G 73 -42.57 -28.28 22.95
N GLU G 74 -42.56 -29.49 23.51
CA GLU G 74 -42.42 -30.65 22.64
C GLU G 74 -43.71 -30.99 21.89
N LEU G 75 -44.89 -30.69 22.45
CA LEU G 75 -46.10 -30.84 21.63
C LEU G 75 -46.17 -29.81 20.51
N ILE G 76 -45.82 -28.55 20.78
CA ILE G 76 -45.85 -27.59 19.67
C ILE G 76 -44.70 -27.79 18.69
N ARG G 77 -43.66 -28.53 19.10
CA ARG G 77 -42.61 -28.92 18.18
C ARG G 77 -43.07 -29.98 17.18
N LEU G 78 -44.26 -30.55 17.37
CA LEU G 78 -44.85 -31.43 16.39
C LEU G 78 -45.33 -30.62 15.19
N ASN G 79 -45.63 -31.32 14.09
CA ASN G 79 -45.98 -30.65 12.85
C ASN G 79 -47.43 -30.20 12.82
N GLY G 80 -48.35 -31.08 13.22
CA GLY G 80 -49.77 -30.81 13.08
C GLY G 80 -50.47 -30.35 14.34
N VAL G 81 -49.71 -29.88 15.33
CA VAL G 81 -50.25 -29.49 16.62
C VAL G 81 -50.17 -27.97 16.75
N GLY G 82 -51.31 -27.34 17.02
CA GLY G 82 -51.35 -25.92 17.28
C GLY G 82 -51.29 -25.61 18.75
N PRO G 83 -51.26 -24.33 19.11
CA PRO G 83 -51.17 -23.95 20.53
C PRO G 83 -52.45 -24.24 21.28
N LYS G 84 -53.60 -23.84 20.72
CA LYS G 84 -54.88 -24.08 21.39
C LYS G 84 -55.19 -25.56 21.50
N LEU G 85 -54.68 -26.37 20.57
CA LEU G 85 -54.86 -27.82 20.66
C LEU G 85 -54.23 -28.37 21.92
N ALA G 86 -52.95 -28.06 22.14
CA ALA G 86 -52.28 -28.55 23.34
C ALA G 86 -52.84 -27.88 24.60
N LEU G 87 -53.33 -26.64 24.46
CA LEU G 87 -54.01 -25.99 25.57
C LEU G 87 -55.22 -26.80 26.01
N ALA G 88 -56.04 -27.24 25.04
CA ALA G 88 -57.14 -28.13 25.36
C ALA G 88 -56.65 -29.48 25.87
N LEU G 89 -55.47 -29.90 25.44
CA LEU G 89 -54.93 -31.17 25.92
C LEU G 89 -54.65 -31.14 27.42
N MET G 90 -53.89 -30.15 27.89
CA MET G 90 -53.66 -30.19 29.34
C MET G 90 -54.83 -29.58 30.12
N SER G 91 -55.76 -28.90 29.44
CA SER G 91 -56.96 -28.45 30.14
C SER G 91 -57.93 -29.60 30.38
N GLY G 92 -57.94 -30.59 29.47
CA GLY G 92 -58.84 -31.71 29.63
C GLY G 92 -58.51 -32.59 30.83
N LEU G 93 -57.23 -32.91 31.01
CA LEU G 93 -56.83 -33.80 32.08
C LEU G 93 -55.35 -33.60 32.37
N GLU G 94 -54.87 -34.27 33.42
CA GLU G 94 -53.60 -33.98 34.05
C GLU G 94 -52.44 -34.55 33.20
N VAL G 95 -51.23 -34.06 33.49
CA VAL G 95 -50.04 -34.41 32.71
C VAL G 95 -49.70 -35.89 32.86
N ASP G 96 -49.58 -36.37 34.09
CA ASP G 96 -49.12 -37.74 34.30
C ASP G 96 -50.17 -38.73 33.82
N GLU G 97 -51.44 -38.33 33.82
CA GLU G 97 -52.47 -39.12 33.18
C GLU G 97 -52.25 -39.20 31.67
N LEU G 98 -51.81 -38.09 31.05
CA LEU G 98 -51.46 -38.12 29.64
C LEU G 98 -50.28 -39.05 29.38
N VAL G 99 -49.28 -39.01 30.25
CA VAL G 99 -48.11 -39.86 30.10
C VAL G 99 -48.50 -41.33 30.22
N ARG G 100 -49.34 -41.65 31.20
CA ARG G 100 -49.83 -43.02 31.36
C ARG G 100 -50.66 -43.46 30.16
N CYS G 101 -51.50 -42.55 29.63
CA CYS G 101 -52.32 -42.88 28.47
C CYS G 101 -51.46 -43.17 27.25
N VAL G 102 -50.44 -42.34 27.00
CA VAL G 102 -49.61 -42.58 25.82
C VAL G 102 -48.71 -43.79 26.02
N GLN G 103 -48.33 -44.09 27.26
CA GLN G 103 -47.56 -45.31 27.50
C GLN G 103 -48.45 -46.55 27.39
N ALA G 104 -49.75 -46.38 27.61
CA ALA G 104 -50.72 -47.47 27.45
C ALA G 104 -51.49 -47.39 26.14
N GLN G 105 -51.18 -46.39 25.30
CA GLN G 105 -51.87 -46.18 24.01
C GLN G 105 -53.37 -46.03 24.20
N ASP G 106 -53.78 -45.23 25.16
CA ASP G 106 -55.19 -45.01 25.47
C ASP G 106 -55.71 -43.87 24.59
N THR G 107 -56.25 -44.22 23.41
CA THR G 107 -56.83 -43.21 22.54
C THR G 107 -58.20 -42.77 23.05
N SER G 108 -58.90 -43.64 23.78
CA SER G 108 -60.26 -43.34 24.19
C SER G 108 -60.31 -42.18 25.17
N THR G 109 -59.48 -42.21 26.21
CA THR G 109 -59.47 -41.15 27.21
C THR G 109 -59.04 -39.82 26.57
N LEU G 110 -58.09 -39.87 25.64
CA LEU G 110 -57.69 -38.66 24.94
C LEU G 110 -58.80 -38.14 24.02
N VAL G 111 -59.67 -39.02 23.54
CA VAL G 111 -60.82 -38.58 22.74
C VAL G 111 -61.78 -37.76 23.59
N LYS G 112 -62.00 -38.15 24.85
CA LYS G 112 -62.93 -37.41 25.71
C LYS G 112 -62.44 -36.00 26.04
N ILE G 113 -61.17 -35.70 25.79
CA ILE G 113 -60.74 -34.30 25.87
C ILE G 113 -61.41 -33.51 24.77
N PRO G 114 -62.07 -32.38 25.07
CA PRO G 114 -62.82 -31.66 24.04
C PRO G 114 -61.90 -31.08 22.97
N GLY G 115 -62.43 -30.98 21.75
CA GLY G 115 -61.67 -30.49 20.62
C GLY G 115 -60.71 -31.49 20.01
N VAL G 116 -60.73 -32.74 20.46
CA VAL G 116 -59.78 -33.75 20.00
C VAL G 116 -60.58 -34.88 19.36
N GLY G 117 -60.29 -35.16 18.09
CA GLY G 117 -60.87 -36.29 17.41
C GLY G 117 -60.05 -37.55 17.62
N LYS G 118 -60.57 -38.65 17.07
CA LYS G 118 -59.86 -39.92 17.15
C LYS G 118 -58.52 -39.86 16.40
N LYS G 119 -58.53 -39.25 15.20
CA LYS G 119 -57.32 -39.16 14.40
C LYS G 119 -56.22 -38.38 15.11
N THR G 120 -56.57 -37.19 15.62
CA THR G 120 -55.59 -36.39 16.34
C THR G 120 -55.09 -37.11 17.60
N ALA G 121 -56.00 -37.80 18.30
CA ALA G 121 -55.60 -38.54 19.50
C ALA G 121 -54.59 -39.63 19.18
N GLU G 122 -54.82 -40.38 18.10
CA GLU G 122 -53.89 -41.46 17.80
C GLU G 122 -52.59 -40.92 17.21
N ARG G 123 -52.64 -39.79 16.48
CA ARG G 123 -51.40 -39.06 16.16
C ARG G 123 -50.60 -38.74 17.42
N LEU G 124 -51.25 -38.14 18.42
CA LEU G 124 -50.54 -37.83 19.66
C LEU G 124 -49.96 -39.08 20.30
N LEU G 125 -50.73 -40.17 20.31
CA LEU G 125 -50.25 -41.43 20.87
C LEU G 125 -48.98 -41.91 20.17
N VAL G 126 -49.02 -41.97 18.83
CA VAL G 126 -47.90 -42.56 18.10
C VAL G 126 -46.67 -41.65 18.09
N GLU G 127 -46.84 -40.32 18.03
CA GLU G 127 -45.69 -39.43 18.12
C GLU G 127 -45.24 -39.14 19.53
N LEU G 128 -45.94 -39.65 20.56
CA LEU G 128 -45.47 -39.45 21.92
C LEU G 128 -45.17 -40.77 22.64
N LYS G 129 -45.32 -41.91 21.96
CA LYS G 129 -44.98 -43.18 22.57
C LYS G 129 -43.49 -43.25 22.93
N ASP G 130 -42.61 -42.88 22.00
CA ASP G 130 -41.17 -43.01 22.21
C ASP G 130 -40.48 -41.71 22.54
N ARG G 131 -41.16 -40.57 22.40
CA ARG G 131 -40.50 -39.29 22.63
C ARG G 131 -40.22 -39.07 24.12
N PHE G 132 -41.12 -39.55 24.99
CA PHE G 132 -40.85 -39.50 26.43
C PHE G 132 -39.71 -40.42 26.83
N LYS G 133 -39.57 -41.56 26.15
CA LYS G 133 -38.53 -42.59 26.38
C LYS G 133 -38.32 -42.90 27.87
N ALA G 134 -39.40 -42.85 28.64
CA ALA G 134 -39.39 -43.04 30.10
C ALA G 134 -38.38 -42.10 30.76
N TRP G 135 -38.42 -40.84 30.34
CA TRP G 135 -37.51 -39.78 30.81
C TRP G 135 -36.05 -40.16 30.64
N MET H 1 -42.21 0.75 19.41
CA MET H 1 -42.36 0.11 20.71
C MET H 1 -41.57 0.88 21.78
N ILE H 2 -40.36 1.29 21.43
CA ILE H 2 -39.44 1.89 22.40
C ILE H 2 -39.02 3.28 21.92
N GLY H 3 -39.02 4.24 22.83
CA GLY H 3 -38.57 5.58 22.48
C GLY H 3 -37.47 6.14 23.36
N ARG H 4 -37.44 5.76 24.64
CA ARG H 4 -36.52 6.36 25.60
C ARG H 4 -35.97 5.29 26.54
N LEU H 5 -34.71 5.46 26.95
CA LEU H 5 -34.10 4.63 27.98
C LEU H 5 -33.44 5.55 28.99
N ARG H 6 -33.57 5.21 30.28
CA ARG H 6 -32.94 5.96 31.37
C ARG H 6 -32.26 4.95 32.30
N GLY H 7 -30.99 4.67 32.04
CA GLY H 7 -30.22 3.76 32.87
C GLY H 7 -28.85 4.34 33.15
N THR H 8 -27.89 3.43 33.37
CA THR H 8 -26.53 3.81 33.73
C THR H 8 -25.59 3.24 32.67
N LEU H 9 -24.62 4.06 32.25
CA LEU H 9 -23.67 3.66 31.20
C LEU H 9 -22.72 2.60 31.72
N ALA H 10 -23.06 1.33 31.49
CA ALA H 10 -22.24 0.23 32.00
C ALA H 10 -20.94 0.10 31.22
N GLU H 11 -20.98 0.29 29.90
CA GLU H 11 -19.80 0.18 29.06
C GLU H 11 -19.98 1.05 27.83
N LYS H 12 -18.88 1.63 27.35
CA LYS H 12 -18.95 2.53 26.19
C LYS H 12 -17.74 2.24 25.31
N GLN H 13 -17.94 1.42 24.28
CA GLN H 13 -16.94 1.25 23.22
C GLN H 13 -17.49 1.80 21.93
N PRO H 14 -16.73 2.62 21.19
CA PRO H 14 -17.30 3.27 20.01
C PRO H 14 -17.50 2.28 18.88
N PRO H 15 -18.54 2.47 18.05
CA PRO H 15 -19.51 3.56 18.14
C PRO H 15 -20.76 3.19 18.95
N HIS H 16 -20.64 2.15 19.77
CA HIS H 16 -21.77 1.65 20.56
C HIS H 16 -21.68 2.12 22.00
N LEU H 17 -22.56 1.57 22.83
CA LEU H 17 -22.54 1.78 24.27
C LEU H 17 -23.33 0.66 24.94
N ILE H 18 -23.17 0.55 26.26
CA ILE H 18 -23.94 -0.37 27.07
C ILE H 18 -24.59 0.46 28.18
N LEU H 19 -25.90 0.64 28.09
CA LEU H 19 -26.67 1.39 29.08
C LEU H 19 -27.45 0.39 29.92
N ASP H 20 -26.97 0.15 31.13
CA ASP H 20 -27.63 -0.79 32.03
C ASP H 20 -28.90 -0.17 32.59
N VAL H 21 -30.03 -0.40 31.93
CA VAL H 21 -31.30 0.21 32.32
C VAL H 21 -32.03 -0.81 33.18
N ASN H 22 -32.00 -0.60 34.50
CA ASN H 22 -32.66 -1.47 35.47
C ASN H 22 -32.19 -2.91 35.34
N GLY H 23 -30.88 -3.11 35.48
CA GLY H 23 -30.28 -4.43 35.45
C GLY H 23 -30.04 -5.00 34.07
N VAL H 24 -30.63 -4.40 33.03
CA VAL H 24 -30.50 -4.91 31.68
C VAL H 24 -29.69 -3.91 30.86
N GLY H 25 -28.61 -4.39 30.24
CA GLY H 25 -27.79 -3.54 29.40
C GLY H 25 -28.11 -3.69 27.93
N TYR H 26 -28.15 -2.57 27.21
CA TYR H 26 -28.48 -2.55 25.79
C TYR H 26 -27.28 -2.06 24.98
N GLU H 27 -26.97 -2.78 23.90
CA GLU H 27 -25.98 -2.31 22.93
C GLU H 27 -26.65 -1.30 22.01
N VAL H 28 -26.32 -0.02 22.19
CA VAL H 28 -26.92 1.07 21.43
C VAL H 28 -25.81 1.80 20.69
N GLU H 29 -25.96 1.90 19.37
CA GLU H 29 -24.98 2.56 18.52
C GLU H 29 -25.34 4.02 18.37
N VAL H 30 -24.40 4.90 18.72
CA VAL H 30 -24.66 6.34 18.76
C VAL H 30 -23.61 7.05 17.93
N PRO H 31 -23.94 8.24 17.39
CA PRO H 31 -22.99 8.96 16.54
C PRO H 31 -21.77 9.50 17.27
N MET H 32 -20.82 10.04 16.50
CA MET H 32 -19.59 10.58 17.09
C MET H 32 -19.87 11.79 17.95
N THR H 33 -20.76 12.68 17.50
CA THR H 33 -21.12 13.85 18.29
C THR H 33 -21.81 13.45 19.58
N THR H 34 -22.70 12.45 19.52
CA THR H 34 -23.34 11.95 20.72
C THR H 34 -22.31 11.38 21.69
N LEU H 35 -21.36 10.58 21.18
CA LEU H 35 -20.29 10.06 22.02
C LEU H 35 -19.46 11.18 22.64
N TYR H 36 -19.29 12.28 21.90
CA TYR H 36 -18.63 13.45 22.45
C TYR H 36 -19.43 14.08 23.59
N ARG H 37 -20.75 14.13 23.49
CA ARG H 37 -21.57 14.71 24.55
C ARG H 37 -22.07 13.70 25.57
N LEU H 38 -21.70 12.41 25.43
CA LEU H 38 -22.04 11.48 26.50
C LEU H 38 -21.16 11.70 27.73
N PRO H 39 -21.68 11.40 28.93
CA PRO H 39 -20.83 11.42 30.12
C PRO H 39 -19.95 10.18 30.21
N SER H 40 -19.24 10.04 31.32
CA SER H 40 -18.32 8.93 31.47
C SER H 40 -19.07 7.62 31.70
N VAL H 41 -18.31 6.53 31.75
CA VAL H 41 -18.88 5.22 32.03
C VAL H 41 -19.33 5.16 33.48
N GLY H 42 -20.58 4.77 33.70
CA GLY H 42 -21.16 4.72 35.02
C GLY H 42 -22.01 5.92 35.38
N GLU H 43 -22.15 6.89 34.47
CA GLU H 43 -23.01 8.02 34.76
C GLU H 43 -24.40 7.83 34.14
N PRO H 44 -25.45 8.05 34.91
CA PRO H 44 -26.80 7.91 34.36
C PRO H 44 -27.10 8.97 33.31
N VAL H 45 -27.92 8.59 32.34
CA VAL H 45 -28.28 9.47 31.23
C VAL H 45 -29.56 8.94 30.60
N THR H 46 -30.34 9.84 30.01
CA THR H 46 -31.56 9.50 29.30
C THR H 46 -31.33 9.72 27.81
N LEU H 47 -31.74 8.75 26.99
CA LEU H 47 -31.38 8.71 25.58
C LEU H 47 -32.63 8.56 24.73
N HIS H 48 -32.66 9.30 23.61
CA HIS H 48 -33.77 9.24 22.66
C HIS H 48 -33.51 8.10 21.68
N THR H 49 -33.92 6.91 22.09
CA THR H 49 -33.63 5.71 21.32
C THR H 49 -34.70 5.45 20.27
N HIS H 50 -34.27 5.03 19.09
CA HIS H 50 -35.17 4.70 17.99
C HIS H 50 -35.19 3.21 17.75
N LEU H 51 -36.41 2.65 17.63
CA LEU H 51 -36.57 1.22 17.41
C LEU H 51 -36.24 0.86 15.98
N VAL H 52 -35.31 -0.08 15.81
CA VAL H 52 -34.91 -0.60 14.50
C VAL H 52 -35.18 -2.09 14.51
N VAL H 53 -35.94 -2.56 13.51
CA VAL H 53 -36.34 -3.96 13.44
C VAL H 53 -36.11 -4.46 12.01
N ARG H 54 -35.37 -5.55 11.89
CA ARG H 54 -35.22 -6.30 10.64
C ARG H 54 -35.83 -7.67 10.90
N GLU H 55 -36.12 -8.39 9.81
CA GLU H 55 -36.74 -9.71 9.93
C GLU H 55 -35.86 -10.68 10.69
N ASP H 56 -34.54 -10.47 10.69
CA ASP H 56 -33.61 -11.35 11.37
C ASP H 56 -32.66 -10.61 12.32
N ALA H 57 -32.91 -9.33 12.60
CA ALA H 57 -32.11 -8.59 13.55
C ALA H 57 -32.91 -7.39 14.06
N HIS H 58 -32.48 -6.84 15.18
CA HIS H 58 -33.05 -5.60 15.68
C HIS H 58 -31.94 -4.76 16.28
N LEU H 59 -32.05 -3.44 16.14
CA LEU H 59 -31.06 -2.50 16.67
C LEU H 59 -31.74 -1.35 17.39
N LEU H 60 -30.92 -0.56 18.07
CA LEU H 60 -31.29 0.75 18.63
C LEU H 60 -30.27 1.77 18.18
N TYR H 61 -30.73 3.01 18.01
CA TYR H 61 -29.87 4.15 17.72
C TYR H 61 -30.38 5.32 18.55
N GLY H 62 -29.66 5.62 19.63
CA GLY H 62 -30.14 6.60 20.59
C GLY H 62 -29.58 7.99 20.34
N PHE H 63 -30.25 8.98 20.92
CA PHE H 63 -29.88 10.38 20.72
C PHE H 63 -30.05 11.14 22.03
N ALA H 64 -29.30 12.23 22.16
CA ALA H 64 -29.45 13.10 23.31
C ALA H 64 -30.58 14.10 23.11
N GLU H 65 -31.09 14.23 21.89
CA GLU H 65 -32.17 15.16 21.58
C GLU H 65 -33.16 14.48 20.64
N LYS H 66 -34.44 14.82 20.82
CA LYS H 66 -35.50 14.13 20.08
C LYS H 66 -35.44 14.43 18.58
N ARG H 67 -35.21 15.70 18.20
CA ARG H 67 -35.27 16.09 16.80
C ARG H 67 -34.28 15.30 15.96
N GLU H 68 -33.15 14.92 16.56
CA GLU H 68 -32.25 13.96 15.93
C GLU H 68 -32.98 12.65 15.63
N ARG H 69 -33.80 12.18 16.58
CA ARG H 69 -34.49 10.91 16.38
C ARG H 69 -35.55 10.99 15.29
N GLU H 70 -36.34 12.07 15.24
CA GLU H 70 -37.31 12.16 14.13
C GLU H 70 -36.62 12.36 12.79
N LEU H 71 -35.53 13.15 12.73
CA LEU H 71 -34.87 13.30 11.44
C LEU H 71 -34.26 11.98 10.97
N PHE H 72 -33.67 11.21 11.89
CA PHE H 72 -33.27 9.84 11.57
C PHE H 72 -34.45 9.02 11.08
N ARG H 73 -35.63 9.24 11.65
CA ARG H 73 -36.81 8.49 11.24
C ARG H 73 -37.15 8.77 9.78
N GLU H 74 -37.18 10.04 9.37
CA GLU H 74 -37.54 10.29 7.96
C GLU H 74 -36.38 9.98 7.02
N LEU H 75 -35.14 9.97 7.53
CA LEU H 75 -34.04 9.50 6.69
C LEU H 75 -34.18 8.01 6.39
N ILE H 76 -34.43 7.20 7.42
CA ILE H 76 -34.65 5.77 7.20
C ILE H 76 -35.94 5.50 6.43
N ARG H 77 -36.93 6.41 6.51
CA ARG H 77 -38.15 6.25 5.75
C ARG H 77 -37.92 6.25 4.24
N LEU H 78 -36.82 6.85 3.77
CA LEU H 78 -36.46 6.75 2.37
C LEU H 78 -35.92 5.36 2.06
N ASN H 79 -36.34 4.82 0.91
CA ASN H 79 -35.89 3.49 0.50
C ASN H 79 -34.37 3.48 0.26
N GLY H 80 -33.84 4.53 -0.36
CA GLY H 80 -32.45 4.59 -0.74
C GLY H 80 -31.48 4.94 0.36
N VAL H 81 -31.93 5.02 1.61
CA VAL H 81 -31.07 5.36 2.73
C VAL H 81 -31.08 4.22 3.73
N GLY H 82 -29.89 3.70 4.04
CA GLY H 82 -29.73 2.70 5.07
C GLY H 82 -29.36 3.34 6.39
N PRO H 83 -29.22 2.53 7.44
CA PRO H 83 -28.84 3.11 8.74
C PRO H 83 -27.41 3.60 8.80
N LYS H 84 -26.49 2.93 8.09
CA LYS H 84 -25.09 3.33 8.12
C LYS H 84 -24.89 4.71 7.50
N LEU H 85 -25.63 5.02 6.44
CA LEU H 85 -25.52 6.32 5.78
C LEU H 85 -25.97 7.44 6.71
N ALA H 86 -27.13 7.26 7.35
CA ALA H 86 -27.63 8.25 8.29
C ALA H 86 -26.67 8.43 9.46
N LEU H 87 -26.18 7.31 10.01
CA LEU H 87 -25.26 7.37 11.13
C LEU H 87 -23.98 8.11 10.76
N ALA H 88 -23.45 7.84 9.56
CA ALA H 88 -22.24 8.50 9.11
C ALA H 88 -22.46 10.01 8.92
N LEU H 89 -23.58 10.39 8.30
CA LEU H 89 -23.80 11.80 8.03
C LEU H 89 -24.04 12.59 9.31
N MET H 90 -24.73 11.99 10.29
CA MET H 90 -24.95 12.71 11.54
C MET H 90 -23.73 12.64 12.45
N SER H 91 -22.89 11.61 12.31
CA SER H 91 -21.64 11.57 13.07
C SER H 91 -20.66 12.60 12.55
N GLY H 92 -20.66 12.85 11.24
CA GLY H 92 -19.70 13.78 10.67
C GLY H 92 -20.00 15.23 10.95
N LEU H 93 -21.28 15.58 11.11
CA LEU H 93 -21.67 16.99 11.13
C LEU H 93 -22.93 17.15 11.97
N GLU H 94 -23.25 18.41 12.29
CA GLU H 94 -24.40 18.76 13.11
C GLU H 94 -25.62 19.03 12.24
N VAL H 95 -26.79 19.01 12.86
CA VAL H 95 -28.06 18.96 12.13
C VAL H 95 -28.51 20.33 11.64
N ASP H 96 -28.09 21.40 12.32
CA ASP H 96 -28.53 22.74 11.92
C ASP H 96 -27.95 23.13 10.56
N GLU H 97 -26.67 22.87 10.34
CA GLU H 97 -26.10 23.11 9.02
C GLU H 97 -26.69 22.16 8.00
N LEU H 98 -27.12 20.97 8.44
CA LEU H 98 -27.79 20.05 7.52
C LEU H 98 -29.09 20.63 7.00
N VAL H 99 -29.94 21.14 7.90
CA VAL H 99 -31.22 21.69 7.45
C VAL H 99 -30.99 22.99 6.66
N ARG H 100 -29.96 23.77 7.02
CA ARG H 100 -29.70 24.98 6.24
C ARG H 100 -29.18 24.65 4.84
N CYS H 101 -28.30 23.65 4.73
CA CYS H 101 -27.83 23.23 3.41
C CYS H 101 -28.94 22.59 2.60
N VAL H 102 -29.92 21.96 3.26
CA VAL H 102 -31.12 21.53 2.56
C VAL H 102 -31.87 22.74 2.02
N GLN H 103 -32.00 23.78 2.83
CA GLN H 103 -32.60 25.02 2.34
C GLN H 103 -31.72 25.71 1.31
N ALA H 104 -30.40 25.64 1.47
CA ALA H 104 -29.47 26.28 0.56
C ALA H 104 -29.13 25.44 -0.65
N GLN H 105 -29.58 24.18 -0.70
CA GLN H 105 -29.31 23.25 -1.80
C GLN H 105 -27.80 23.09 -2.03
N ASP H 106 -27.10 22.74 -0.95
CA ASP H 106 -25.66 22.58 -0.97
C ASP H 106 -25.32 21.09 -1.02
N THR H 107 -24.35 20.75 -1.87
CA THR H 107 -23.94 19.35 -2.05
C THR H 107 -22.54 19.07 -1.52
N SER H 108 -21.56 19.92 -1.83
CA SER H 108 -20.17 19.66 -1.46
C SER H 108 -19.98 19.61 0.05
N THR H 109 -20.83 20.30 0.80
CA THR H 109 -20.82 20.17 2.26
C THR H 109 -21.15 18.74 2.68
N LEU H 110 -22.12 18.12 2.00
CA LEU H 110 -22.52 16.76 2.35
C LEU H 110 -21.52 15.74 1.80
N VAL H 111 -20.90 16.04 0.66
CA VAL H 111 -20.01 15.08 0.00
C VAL H 111 -18.79 14.79 0.84
N LYS H 112 -18.27 15.79 1.56
CA LYS H 112 -17.03 15.60 2.32
C LYS H 112 -17.21 14.64 3.49
N ILE H 113 -18.46 14.38 3.87
CA ILE H 113 -18.73 13.32 4.86
C ILE H 113 -18.33 11.98 4.26
N PRO H 114 -17.58 11.14 4.98
CA PRO H 114 -17.13 9.86 4.41
C PRO H 114 -18.28 8.95 4.04
N GLY H 115 -18.11 8.22 2.94
CA GLY H 115 -19.13 7.32 2.44
C GLY H 115 -20.25 7.99 1.66
N VAL H 116 -20.16 9.30 1.44
CA VAL H 116 -21.21 10.06 0.75
C VAL H 116 -20.73 10.38 -0.65
N GLY H 117 -21.44 9.86 -1.65
CA GLY H 117 -21.23 10.23 -3.03
C GLY H 117 -22.01 11.49 -3.41
N LYS H 118 -21.69 12.02 -4.58
CA LYS H 118 -22.40 13.19 -5.09
C LYS H 118 -23.86 12.86 -5.38
N LYS H 119 -24.11 11.66 -5.92
CA LYS H 119 -25.48 11.25 -6.20
C LYS H 119 -26.28 11.06 -4.91
N THR H 120 -25.65 10.49 -3.89
CA THR H 120 -26.37 10.26 -2.62
C THR H 120 -26.81 11.58 -2.00
N ALA H 121 -25.88 12.54 -1.88
CA ALA H 121 -26.20 13.83 -1.29
C ALA H 121 -27.20 14.60 -2.15
N GLU H 122 -27.06 14.51 -3.48
CA GLU H 122 -27.97 15.22 -4.37
C GLU H 122 -29.38 14.62 -4.30
N ARG H 123 -29.50 13.30 -4.19
CA ARG H 123 -30.80 12.71 -3.88
C ARG H 123 -31.34 13.19 -2.55
N LEU H 124 -30.53 13.17 -1.48
CA LEU H 124 -30.97 13.69 -0.19
C LEU H 124 -31.55 15.09 -0.31
N LEU H 125 -30.90 15.94 -1.12
CA LEU H 125 -31.48 17.23 -1.45
C LEU H 125 -32.85 17.08 -2.12
N VAL H 126 -32.96 16.16 -3.08
CA VAL H 126 -34.17 16.03 -3.90
C VAL H 126 -35.38 15.65 -3.04
N GLU H 127 -35.22 14.67 -2.16
CA GLU H 127 -36.38 14.34 -1.31
C GLU H 127 -36.52 15.24 -0.09
N LEU H 128 -35.43 15.82 0.42
CA LEU H 128 -35.57 16.63 1.62
C LEU H 128 -36.15 18.02 1.33
N LYS H 129 -35.96 18.56 0.13
CA LYS H 129 -36.58 19.84 -0.20
C LYS H 129 -38.10 19.76 -0.16
N ASP H 130 -38.67 18.58 -0.38
CA ASP H 130 -40.10 18.36 -0.22
C ASP H 130 -40.48 17.77 1.12
N ARG H 131 -39.54 17.10 1.81
CA ARG H 131 -39.82 16.62 3.15
C ARG H 131 -39.95 17.76 4.15
N PHE H 132 -39.08 18.75 4.07
CA PHE H 132 -39.10 19.87 5.03
C PHE H 132 -40.11 20.91 4.58
N LYS H 133 -41.19 21.05 5.33
CA LYS H 133 -42.20 22.09 5.13
C LYS H 133 -42.08 23.25 6.09
N ALA H 134 -42.17 23.00 7.40
CA ALA H 134 -42.11 24.05 8.40
C ALA H 134 -40.89 23.95 9.30
N TRP H 135 -40.68 22.81 9.94
CA TRP H 135 -39.56 22.56 10.85
C TRP H 135 -39.45 23.60 11.96
N VAL H 154 -10.80 30.46 7.99
CA VAL H 154 -10.53 30.21 6.58
C VAL H 154 -10.79 31.46 5.75
N SER H 155 -9.87 31.76 4.83
CA SER H 155 -9.97 32.94 3.98
C SER H 155 -9.16 32.70 2.72
N SER H 156 -9.00 33.75 1.92
CA SER H 156 -8.16 33.66 0.73
C SER H 156 -6.70 33.48 1.10
N ALA H 157 -6.25 34.19 2.15
CA ALA H 157 -4.87 34.03 2.62
C ALA H 157 -4.63 32.65 3.21
N GLU H 158 -5.69 32.00 3.71
CA GLU H 158 -5.56 30.64 4.22
C GLU H 158 -5.13 29.68 3.13
N ALA H 159 -5.71 29.80 1.93
CA ALA H 159 -5.29 28.99 0.81
C ALA H 159 -3.99 29.50 0.19
N ASP H 160 -3.77 30.82 0.24
CA ASP H 160 -2.54 31.39 -0.30
C ASP H 160 -1.30 30.91 0.44
N ALA H 161 -1.38 30.84 1.77
CA ALA H 161 -0.25 30.32 2.55
C ALA H 161 0.02 28.87 2.23
N VAL H 162 -1.03 28.07 2.07
CA VAL H 162 -0.88 26.65 1.73
C VAL H 162 -0.21 26.51 0.35
N SER H 163 -0.66 27.29 -0.63
CA SER H 163 -0.06 27.24 -1.96
C SER H 163 1.39 27.69 -1.94
N ALA H 164 1.69 28.75 -1.19
CA ALA H 164 3.07 29.24 -1.10
C ALA H 164 3.98 28.21 -0.44
N LEU H 165 3.49 27.54 0.61
CA LEU H 165 4.28 26.50 1.26
C LEU H 165 4.46 25.29 0.35
N ILE H 166 3.44 24.93 -0.43
CA ILE H 166 3.54 23.81 -1.35
C ILE H 166 4.58 24.12 -2.43
N ALA H 167 4.52 25.32 -3.00
CA ALA H 167 5.49 25.69 -4.03
C ALA H 167 6.89 25.89 -3.45
N LEU H 168 6.98 26.26 -2.17
CA LEU H 168 8.28 26.42 -1.52
C LEU H 168 9.01 25.09 -1.40
N GLY H 169 8.28 24.03 -1.11
CA GLY H 169 8.89 22.72 -0.95
C GLY H 169 8.25 21.89 0.13
N PHE H 170 7.33 22.48 0.89
CA PHE H 170 6.69 21.77 2.00
C PHE H 170 5.71 20.69 1.56
N LYS H 171 5.63 19.60 2.32
CA LYS H 171 4.68 18.54 1.99
C LYS H 171 3.27 19.09 2.12
N PRO H 172 2.40 18.77 1.16
CA PRO H 172 1.05 19.36 1.15
C PRO H 172 0.14 19.19 2.36
N GLN H 173 0.25 18.12 3.14
CA GLN H 173 -0.74 17.94 4.21
C GLN H 173 -0.22 18.47 5.54
N GLU H 174 1.08 18.32 5.81
CA GLU H 174 1.67 18.90 7.00
C GLU H 174 1.77 20.43 6.90
N ALA H 175 1.94 20.96 5.69
CA ALA H 175 1.89 22.40 5.51
C ALA H 175 0.50 22.94 5.83
N SER H 176 -0.54 22.25 5.36
CA SER H 176 -1.90 22.65 5.72
C SER H 176 -2.18 22.45 7.21
N ARG H 177 -1.55 21.44 7.82
CA ARG H 177 -1.67 21.28 9.28
C ARG H 177 -1.07 22.47 10.01
N ALA H 178 0.11 22.94 9.57
CA ALA H 178 0.72 24.12 10.19
C ALA H 178 -0.12 25.36 9.95
N VAL H 179 -0.70 25.49 8.75
CA VAL H 179 -1.55 26.63 8.44
C VAL H 179 -2.80 26.64 9.31
N ALA H 180 -3.45 25.48 9.47
CA ALA H 180 -4.69 25.43 10.23
C ALA H 180 -4.49 25.32 11.72
N ALA H 181 -3.26 25.07 12.18
CA ALA H 181 -3.00 25.02 13.61
C ALA H 181 -3.14 26.41 14.24
N VAL H 182 -2.55 27.41 13.61
CA VAL H 182 -2.72 28.81 14.03
C VAL H 182 -3.00 29.67 12.79
N PRO H 183 -4.25 29.70 12.33
CA PRO H 183 -4.58 30.44 11.12
C PRO H 183 -4.47 31.94 11.31
N GLY H 184 -4.36 32.66 10.19
CA GLY H 184 -4.32 34.11 10.20
C GLY H 184 -5.70 34.71 10.04
N GLU H 185 -6.61 34.34 10.93
CA GLU H 185 -7.98 34.87 10.85
C GLU H 185 -8.01 36.35 11.20
N ASP H 186 -7.15 36.78 12.14
CA ASP H 186 -7.12 38.17 12.59
C ASP H 186 -5.77 38.84 12.32
N LEU H 187 -4.97 38.27 11.43
CA LEU H 187 -3.64 38.81 11.16
C LEU H 187 -3.20 38.37 9.76
N SER H 188 -2.11 38.99 9.29
CA SER H 188 -1.70 38.88 7.90
C SER H 188 -1.18 37.48 7.57
N SER H 189 -1.09 37.21 6.27
CA SER H 189 -0.65 35.89 5.81
C SER H 189 0.81 35.63 6.12
N GLU H 190 1.67 36.66 5.98
CA GLU H 190 3.08 36.47 6.29
C GLU H 190 3.32 36.18 7.76
N GLU H 191 2.58 36.83 8.66
CA GLU H 191 2.76 36.57 10.09
C GLU H 191 2.19 35.23 10.50
N MET H 192 1.11 34.78 9.88
CA MET H 192 0.60 33.46 10.22
C MET H 192 1.49 32.36 9.64
N ILE H 193 2.14 32.61 8.50
CA ILE H 193 3.18 31.69 8.05
C ILE H 193 4.35 31.69 9.04
N ARG H 194 4.72 32.87 9.54
CA ARG H 194 5.80 32.99 10.52
C ARG H 194 5.51 32.18 11.78
N GLN H 195 4.27 32.24 12.27
CA GLN H 195 3.94 31.48 13.48
C GLN H 195 3.56 30.03 13.17
N ALA H 196 3.28 29.72 11.89
CA ALA H 196 3.02 28.33 11.51
C ALA H 196 4.32 27.55 11.38
N LEU H 197 5.41 28.22 10.99
CA LEU H 197 6.71 27.58 10.96
C LEU H 197 7.28 27.31 12.36
N LYS H 198 6.61 27.79 13.41
CA LYS H 198 6.98 27.42 14.77
C LYS H 198 6.79 25.93 15.03
N GLY H 199 5.78 25.32 14.41
CA GLY H 199 5.38 23.97 14.79
C GLY H 199 6.42 22.91 14.47
N MET H 200 6.92 22.89 13.24
CA MET H 200 7.89 21.86 12.87
C MET H 200 9.32 22.31 13.15
N VAL H 201 9.50 23.56 13.59
CA VAL H 201 10.81 24.14 13.92
C VAL H 201 11.78 24.05 12.75
N ARG I 22 32.02 -40.17 -22.33
CA ARG I 22 31.27 -41.19 -23.06
C ARG I 22 29.80 -40.78 -23.18
N ALA I 23 29.35 -39.88 -22.31
CA ALA I 23 27.99 -39.35 -22.37
C ALA I 23 27.98 -38.10 -23.25
N ILE I 24 26.87 -37.35 -23.22
CA ILE I 24 26.84 -36.07 -23.91
C ILE I 24 27.86 -35.11 -23.30
N ARG I 25 28.04 -35.16 -21.98
CA ARG I 25 29.15 -34.54 -21.30
C ARG I 25 29.91 -35.61 -20.55
N PRO I 26 31.18 -35.88 -20.90
CA PRO I 26 31.94 -36.92 -20.20
C PRO I 26 32.20 -36.54 -18.75
N LEU I 27 32.24 -37.56 -17.89
CA LEU I 27 32.41 -37.36 -16.46
C LEU I 27 33.82 -37.68 -15.97
N LYS I 28 34.76 -37.92 -16.88
CA LYS I 28 36.11 -38.32 -16.51
C LYS I 28 37.06 -37.14 -16.66
N LEU I 29 37.95 -36.97 -15.68
CA LEU I 29 38.90 -35.86 -15.72
C LEU I 29 39.88 -36.02 -16.88
N ALA I 30 40.24 -37.25 -17.23
CA ALA I 30 41.08 -37.49 -18.40
C ALA I 30 40.33 -37.35 -19.70
N ASP I 31 39.00 -37.45 -19.69
CA ASP I 31 38.20 -37.33 -20.90
C ASP I 31 37.91 -35.88 -21.28
N TYR I 32 38.26 -34.91 -20.44
CA TYR I 32 38.04 -33.51 -20.74
C TYR I 32 39.40 -32.82 -20.80
N ILE I 33 39.81 -32.42 -22.00
CA ILE I 33 41.11 -31.80 -22.22
C ILE I 33 40.90 -30.29 -22.08
N GLY I 34 41.00 -29.81 -20.84
CA GLY I 34 40.81 -28.41 -20.54
C GLY I 34 42.09 -27.61 -20.62
N GLN I 35 42.09 -26.47 -19.93
CA GLN I 35 43.27 -25.64 -19.84
C GLN I 35 44.38 -26.41 -19.12
N PRO I 36 45.62 -26.36 -19.63
CA PRO I 36 46.70 -27.19 -19.02
C PRO I 36 46.95 -26.90 -17.55
N SER I 37 46.85 -25.64 -17.11
CA SER I 37 46.93 -25.35 -15.69
C SER I 37 45.76 -25.96 -14.94
N VAL I 38 44.56 -25.85 -15.50
CA VAL I 38 43.38 -26.48 -14.90
C VAL I 38 43.49 -28.00 -15.03
N ARG I 39 44.01 -28.49 -16.16
CA ARG I 39 44.18 -29.92 -16.35
C ARG I 39 45.19 -30.52 -15.37
N GLU I 40 46.13 -29.70 -14.88
CA GLU I 40 47.16 -30.20 -13.99
C GLU I 40 46.84 -30.00 -12.51
N GLN I 41 46.69 -28.75 -12.08
CA GLN I 41 46.82 -28.42 -10.66
C GLN I 41 45.76 -28.99 -9.71
N MET I 42 44.52 -28.52 -9.81
CA MET I 42 43.63 -28.60 -8.64
C MET I 42 42.98 -29.96 -8.48
N GLU I 43 42.62 -30.64 -9.58
CA GLU I 43 42.04 -31.97 -9.38
C GLU I 43 43.10 -32.98 -8.96
N LEU I 44 44.34 -32.84 -9.43
CA LEU I 44 45.41 -33.68 -8.90
C LEU I 44 45.67 -33.37 -7.42
N PHE I 45 45.59 -32.09 -7.05
CA PHE I 45 45.75 -31.70 -5.65
C PHE I 45 44.70 -32.36 -4.77
N ILE I 46 43.44 -32.30 -5.18
CA ILE I 46 42.39 -32.86 -4.34
C ILE I 46 42.37 -34.38 -4.42
N HIS I 47 42.82 -34.97 -5.54
CA HIS I 47 42.96 -36.42 -5.61
C HIS I 47 44.01 -36.92 -4.63
N ALA I 48 45.13 -36.21 -4.51
CA ALA I 48 46.14 -36.61 -3.55
C ALA I 48 45.84 -36.15 -2.13
N ALA I 49 44.89 -35.23 -1.97
CA ALA I 49 44.53 -34.74 -0.64
C ALA I 49 43.34 -35.46 -0.01
N ARG I 50 42.50 -36.09 -0.82
CA ARG I 50 41.34 -36.79 -0.28
C ARG I 50 41.77 -38.04 0.49
N GLY I 51 40.89 -38.49 1.38
CA GLY I 51 41.20 -39.59 2.26
C GLY I 51 41.93 -39.23 3.54
N ARG I 52 42.16 -37.94 3.79
CA ARG I 52 42.83 -37.48 4.99
C ARG I 52 41.87 -37.19 6.13
N GLN I 53 40.59 -37.50 5.95
CA GLN I 53 39.52 -37.15 6.89
C GLN I 53 39.55 -35.64 7.17
N GLU I 54 39.67 -34.87 6.09
CA GLU I 54 39.64 -33.41 6.14
C GLU I 54 38.58 -32.92 5.16
N ALA I 55 37.71 -32.03 5.63
CA ALA I 55 36.67 -31.49 4.77
C ALA I 55 37.28 -30.55 3.74
N LEU I 56 36.93 -30.76 2.47
CA LEU I 56 37.43 -29.91 1.40
C LEU I 56 36.88 -28.49 1.53
N ASP I 57 37.73 -27.51 1.22
CA ASP I 57 37.33 -26.12 1.29
C ASP I 57 36.64 -25.72 -0.01
N HIS I 58 36.14 -24.48 -0.05
CA HIS I 58 35.27 -24.03 -1.11
C HIS I 58 36.06 -23.64 -2.36
N THR I 59 35.54 -24.02 -3.52
CA THR I 59 36.23 -23.86 -4.79
C THR I 59 35.29 -23.19 -5.79
N LEU I 60 35.82 -22.22 -6.53
CA LEU I 60 35.05 -21.44 -7.49
C LEU I 60 35.57 -21.69 -8.90
N ILE I 61 34.64 -21.82 -9.83
CA ILE I 61 34.95 -21.88 -11.26
C ILE I 61 34.02 -20.91 -11.99
N PHE I 62 34.57 -20.13 -12.90
CA PHE I 62 33.79 -19.13 -13.62
C PHE I 62 34.44 -18.86 -14.97
N GLY I 63 33.68 -18.19 -15.83
CA GLY I 63 34.16 -17.86 -17.16
C GLY I 63 33.03 -17.53 -18.11
N PRO I 64 33.23 -17.81 -19.39
CA PRO I 64 32.15 -17.60 -20.37
C PRO I 64 30.97 -18.50 -20.07
N PRO I 65 29.76 -18.06 -20.40
CA PRO I 65 28.58 -18.88 -20.14
C PRO I 65 28.52 -20.09 -21.05
N GLY I 66 27.80 -21.11 -20.61
CA GLY I 66 27.62 -22.31 -21.39
C GLY I 66 28.83 -23.21 -21.47
N LEU I 67 29.76 -23.10 -20.52
CA LEU I 67 30.96 -23.92 -20.51
C LEU I 67 30.87 -25.09 -19.55
N GLY I 68 29.69 -25.39 -19.03
CA GLY I 68 29.49 -26.53 -18.17
C GLY I 68 30.27 -26.48 -16.86
N LYS I 69 30.30 -25.30 -16.21
CA LYS I 69 30.96 -25.18 -14.92
C LYS I 69 30.26 -26.04 -13.87
N THR I 70 28.93 -26.07 -13.90
CA THR I 70 28.19 -26.98 -13.03
C THR I 70 28.49 -28.43 -13.38
N THR I 71 28.58 -28.73 -14.69
CA THR I 71 28.94 -30.07 -15.11
C THR I 71 30.36 -30.43 -14.68
N LEU I 72 31.28 -29.47 -14.77
CA LEU I 72 32.66 -29.71 -14.33
C LEU I 72 32.73 -29.95 -12.83
N ALA I 73 31.94 -29.21 -12.05
CA ALA I 73 31.87 -29.44 -10.61
C ALA I 73 31.28 -30.81 -10.30
N ASN I 74 30.26 -31.22 -11.06
CA ASN I 74 29.70 -32.56 -10.91
C ASN I 74 30.74 -33.62 -11.26
N ILE I 75 31.56 -33.37 -12.28
CA ILE I 75 32.64 -34.28 -12.64
C ILE I 75 33.61 -34.43 -11.46
N ILE I 76 34.04 -33.29 -10.91
CA ILE I 76 35.00 -33.30 -9.80
C ILE I 76 34.43 -34.06 -8.60
N ALA I 77 33.18 -33.79 -8.25
CA ALA I 77 32.56 -34.52 -7.16
C ALA I 77 32.37 -36.00 -7.50
N GLN I 78 32.29 -36.33 -8.79
CA GLN I 78 32.20 -37.72 -9.20
C GLN I 78 33.51 -38.45 -8.93
N GLU I 79 34.66 -37.83 -9.25
CA GLU I 79 35.90 -38.48 -8.83
C GLU I 79 36.11 -38.42 -7.33
N MET I 80 35.52 -37.45 -6.63
CA MET I 80 35.64 -37.44 -5.17
C MET I 80 34.83 -38.54 -4.51
N GLY I 81 33.85 -39.11 -5.19
CA GLY I 81 33.05 -40.19 -4.63
C GLY I 81 32.19 -39.78 -3.46
N VAL I 82 31.67 -38.55 -3.48
CA VAL I 82 30.85 -38.01 -2.40
C VAL I 82 29.50 -37.62 -3.00
N SER I 83 28.43 -37.84 -2.23
CA SER I 83 27.08 -37.53 -2.70
C SER I 83 26.95 -36.05 -3.05
N ILE I 84 26.40 -35.79 -4.23
CA ILE I 84 26.41 -34.46 -4.83
C ILE I 84 25.14 -34.29 -5.68
N LYS I 85 24.54 -33.11 -5.60
CA LYS I 85 23.43 -32.72 -6.47
C LYS I 85 23.54 -31.22 -6.75
N SER I 86 23.79 -30.89 -8.02
CA SER I 86 23.93 -29.50 -8.44
C SER I 86 22.55 -28.87 -8.59
N THR I 87 22.33 -27.75 -7.89
CA THR I 87 21.07 -27.02 -7.92
C THR I 87 21.32 -25.59 -8.36
N SER I 88 20.41 -25.05 -9.15
CA SER I 88 20.52 -23.71 -9.70
C SER I 88 20.06 -22.68 -8.67
N GLY I 89 20.89 -21.66 -8.45
CA GLY I 89 20.59 -20.60 -7.53
C GLY I 89 19.34 -19.78 -7.82
N PRO I 90 19.16 -19.34 -9.08
CA PRO I 90 17.90 -18.68 -9.44
C PRO I 90 16.66 -19.53 -9.21
N VAL I 91 16.76 -20.85 -9.33
CA VAL I 91 15.66 -21.72 -8.96
C VAL I 91 15.44 -21.69 -7.45
N LEU I 92 16.53 -21.76 -6.68
CA LEU I 92 16.46 -21.84 -5.23
C LEU I 92 16.66 -20.44 -4.63
N GLU I 93 15.58 -19.67 -4.62
CA GLU I 93 15.64 -18.30 -4.12
C GLU I 93 15.55 -18.25 -2.60
N ARG I 94 15.16 -19.36 -1.97
CA ARG I 94 14.68 -19.29 -0.60
C ARG I 94 15.66 -19.93 0.39
N PRO I 95 15.89 -19.28 1.52
CA PRO I 95 16.75 -19.88 2.56
C PRO I 95 16.19 -21.16 3.17
N GLY I 96 14.88 -21.39 3.11
CA GLY I 96 14.34 -22.64 3.60
C GLY I 96 14.81 -23.83 2.80
N ASP I 97 14.81 -23.71 1.47
CA ASP I 97 15.39 -24.75 0.64
C ASP I 97 16.90 -24.83 0.82
N LEU I 98 17.54 -23.71 1.19
CA LEU I 98 18.97 -23.76 1.54
C LEU I 98 19.18 -24.61 2.80
N ALA I 99 18.32 -24.46 3.80
CA ALA I 99 18.41 -25.32 4.97
C ALA I 99 18.10 -26.76 4.62
N ALA I 100 17.20 -26.97 3.66
CA ALA I 100 16.89 -28.33 3.19
C ALA I 100 18.11 -28.97 2.54
N LEU I 101 18.85 -28.23 1.71
CA LEU I 101 20.05 -28.80 1.11
C LEU I 101 21.16 -28.99 2.14
N LEU I 102 21.23 -28.11 3.14
CA LEU I 102 22.21 -28.31 4.22
C LEU I 102 21.90 -29.58 5.02
N THR I 103 20.63 -29.83 5.33
CA THR I 103 20.27 -31.02 6.10
C THR I 103 20.21 -32.29 5.26
N ASN I 104 20.12 -32.17 3.93
CA ASN I 104 20.11 -33.37 3.10
C ASN I 104 21.49 -34.02 3.06
N LEU I 105 22.54 -33.23 3.18
CA LEU I 105 23.90 -33.74 3.12
C LEU I 105 24.45 -33.92 4.55
N GLU I 106 25.58 -34.60 4.65
CA GLU I 106 26.12 -34.95 5.96
C GLU I 106 27.57 -34.51 6.11
N ALA I 107 28.24 -35.02 7.16
CA ALA I 107 29.59 -34.59 7.49
C ALA I 107 30.57 -34.90 6.37
N GLY I 108 31.42 -33.91 6.05
CA GLY I 108 32.43 -34.07 5.03
C GLY I 108 31.91 -34.24 3.63
N ASP I 109 30.83 -33.55 3.28
CA ASP I 109 30.22 -33.68 1.97
C ASP I 109 30.52 -32.46 1.11
N VAL I 110 30.11 -32.51 -0.15
CA VAL I 110 30.36 -31.45 -1.12
C VAL I 110 29.04 -31.07 -1.79
N LEU I 111 28.89 -29.78 -2.09
CA LEU I 111 27.69 -29.27 -2.71
C LEU I 111 28.07 -28.25 -3.78
N PHE I 112 27.39 -28.31 -4.93
CA PHE I 112 27.67 -27.43 -6.05
C PHE I 112 26.50 -26.47 -6.23
N VAL I 113 26.79 -25.18 -6.29
CA VAL I 113 25.79 -24.14 -6.42
C VAL I 113 26.04 -23.38 -7.72
N ASP I 114 24.97 -23.12 -8.46
CA ASP I 114 25.05 -22.41 -9.74
C ASP I 114 24.54 -20.99 -9.56
N GLU I 115 25.32 -20.03 -10.06
CA GLU I 115 24.96 -18.60 -10.06
C GLU I 115 24.68 -18.10 -8.65
N ILE I 116 25.73 -18.13 -7.82
CA ILE I 116 25.62 -17.65 -6.44
C ILE I 116 25.31 -16.16 -6.40
N HIS I 117 25.85 -15.40 -7.36
CA HIS I 117 25.59 -13.96 -7.42
C HIS I 117 24.13 -13.63 -7.71
N ARG I 118 23.35 -14.59 -8.21
CA ARG I 118 21.94 -14.37 -8.49
C ARG I 118 21.04 -14.86 -7.35
N LEU I 119 21.51 -14.80 -6.11
CA LEU I 119 20.70 -15.18 -4.95
C LEU I 119 20.13 -13.96 -4.25
N SER I 120 18.93 -14.14 -3.69
CA SER I 120 18.38 -13.14 -2.78
C SER I 120 19.28 -13.04 -1.54
N PRO I 121 19.49 -11.82 -1.03
CA PRO I 121 20.49 -11.64 0.03
C PRO I 121 20.25 -12.46 1.29
N ILE I 122 18.98 -12.72 1.64
CA ILE I 122 18.67 -13.46 2.87
C ILE I 122 19.35 -14.82 2.88
N VAL I 123 19.48 -15.45 1.71
CA VAL I 123 20.30 -16.64 1.55
C VAL I 123 21.74 -16.33 1.96
N GLU I 124 22.25 -15.15 1.59
CA GLU I 124 23.64 -14.84 1.93
C GLU I 124 23.85 -14.66 3.43
N GLU I 125 22.98 -13.91 4.13
CA GLU I 125 23.31 -13.78 5.56
C GLU I 125 22.92 -15.01 6.36
N VAL I 126 22.06 -15.90 5.84
CA VAL I 126 21.93 -17.19 6.51
C VAL I 126 23.04 -18.15 6.07
N LEU I 127 23.84 -17.78 5.08
CA LEU I 127 24.95 -18.61 4.63
C LEU I 127 26.30 -18.20 5.23
N TYR I 128 26.46 -16.93 5.64
CA TYR I 128 27.75 -16.51 6.20
C TYR I 128 28.18 -17.28 7.45
N PRO I 129 27.35 -17.49 8.48
CA PRO I 129 27.85 -18.26 9.64
C PRO I 129 28.17 -19.71 9.31
N ALA I 130 27.54 -20.28 8.28
CA ALA I 130 27.93 -21.59 7.79
C ALA I 130 29.32 -21.58 7.17
N MET I 131 29.72 -20.47 6.55
CA MET I 131 31.09 -20.30 6.12
C MET I 131 32.03 -19.96 7.26
N GLU I 132 31.50 -19.41 8.35
CA GLU I 132 32.33 -19.00 9.47
C GLU I 132 32.71 -20.19 10.34
N ASP I 133 31.73 -20.87 10.92
CA ASP I 133 31.99 -21.96 11.85
C ASP I 133 31.05 -23.13 11.61
N PHE I 134 30.55 -23.24 10.37
CA PHE I 134 29.58 -24.27 9.98
C PHE I 134 28.36 -24.21 10.89
N GLN I 135 27.86 -22.99 11.09
CA GLN I 135 26.80 -22.70 12.04
C GLN I 135 25.60 -22.12 11.32
N LEU I 136 24.41 -22.64 11.63
CA LEU I 136 23.15 -22.14 11.08
C LEU I 136 22.41 -21.43 12.21
N ASP I 137 22.70 -20.15 12.37
CA ASP I 137 22.02 -19.33 13.38
C ASP I 137 20.61 -19.06 12.91
N ILE I 138 19.62 -19.48 13.70
CA ILE I 138 18.22 -19.41 13.32
C ILE I 138 17.49 -18.51 14.31
N MET I 139 16.80 -17.52 13.79
CA MET I 139 15.99 -16.60 14.59
C MET I 139 14.61 -17.21 14.70
N ILE I 140 13.94 -16.98 15.82
CA ILE I 140 12.61 -17.52 16.03
C ILE I 140 11.55 -16.43 15.91
N ALA I 145 10.85 -12.26 25.37
CA ALA I 145 11.98 -11.87 24.53
C ALA I 145 12.47 -13.05 23.70
N ALA I 146 12.22 -13.00 22.39
CA ALA I 146 12.66 -14.06 21.49
C ALA I 146 14.18 -14.04 21.35
N ARG I 147 14.75 -15.24 21.24
CA ARG I 147 16.19 -15.41 21.13
C ARG I 147 16.50 -16.39 20.00
N SER I 148 17.66 -16.18 19.37
CA SER I 148 18.11 -17.09 18.32
C SER I 148 18.53 -18.41 18.93
N ILE I 149 18.50 -19.46 18.10
CA ILE I 149 18.84 -20.81 18.53
C ILE I 149 20.11 -21.24 17.81
N LYS I 150 20.90 -22.08 18.48
CA LYS I 150 22.24 -22.43 18.03
C LYS I 150 22.15 -23.81 17.36
N LEU I 151 22.14 -23.83 16.03
CA LEU I 151 21.92 -25.06 15.27
C LEU I 151 23.18 -25.36 14.47
N ASP I 152 24.00 -26.28 14.98
CA ASP I 152 25.24 -26.65 14.32
C ASP I 152 24.95 -27.45 13.04
N LEU I 153 25.93 -27.46 12.15
CA LEU I 153 25.83 -28.15 10.88
C LEU I 153 26.99 -29.12 10.73
N PRO I 154 26.78 -30.24 10.03
CA PRO I 154 27.89 -31.14 9.74
C PRO I 154 28.84 -30.49 8.76
N PRO I 155 30.12 -30.88 8.76
CA PRO I 155 31.07 -30.30 7.79
C PRO I 155 30.66 -30.59 6.37
N PHE I 156 30.81 -29.58 5.51
CA PHE I 156 30.30 -29.62 4.15
C PHE I 156 31.11 -28.62 3.32
N THR I 157 30.83 -28.58 2.01
CA THR I 157 31.60 -27.77 1.08
C THR I 157 30.69 -27.20 0.02
N LEU I 158 30.84 -25.90 -0.26
CA LEU I 158 30.19 -25.25 -1.37
C LEU I 158 31.15 -25.13 -2.54
N VAL I 159 30.73 -25.63 -3.70
CA VAL I 159 31.48 -25.49 -4.93
C VAL I 159 30.73 -24.50 -5.81
N GLY I 160 31.42 -23.43 -6.21
CA GLY I 160 30.79 -22.33 -6.91
C GLY I 160 31.00 -22.41 -8.42
N ALA I 161 29.91 -22.20 -9.16
CA ALA I 161 29.92 -22.22 -10.62
C ALA I 161 29.03 -21.07 -11.10
N THR I 162 29.66 -19.92 -11.38
CA THR I 162 28.96 -18.73 -11.78
C THR I 162 29.40 -18.29 -13.17
N THR I 163 28.47 -17.68 -13.92
CA THR I 163 28.85 -16.99 -15.14
C THR I 163 29.69 -15.76 -14.82
N ARG I 164 29.24 -14.94 -13.88
CA ARG I 164 30.01 -13.79 -13.42
C ARG I 164 29.53 -13.42 -12.02
N ALA I 165 30.36 -13.70 -11.02
CA ALA I 165 30.06 -13.38 -9.63
C ALA I 165 30.71 -12.07 -9.20
N GLY I 166 30.79 -11.10 -10.13
CA GLY I 166 31.46 -9.85 -9.83
C GLY I 166 30.74 -9.03 -8.78
N MET I 167 29.41 -9.04 -8.79
CA MET I 167 28.64 -8.28 -7.81
C MET I 167 28.41 -9.05 -6.52
N LEU I 168 29.02 -10.21 -6.35
CA LEU I 168 28.97 -10.91 -5.07
C LEU I 168 29.74 -10.14 -4.01
N THR I 169 29.34 -10.32 -2.75
CA THR I 169 29.94 -9.57 -1.66
C THR I 169 31.35 -10.07 -1.36
N ASN I 170 32.28 -9.13 -1.22
CA ASN I 170 33.68 -9.46 -0.98
C ASN I 170 33.96 -10.27 0.28
N PRO I 171 33.30 -10.07 1.43
CA PRO I 171 33.52 -11.00 2.55
C PRO I 171 33.16 -12.44 2.21
N LEU I 172 32.18 -12.66 1.33
CA LEU I 172 31.87 -14.02 0.89
C LEU I 172 33.01 -14.58 0.03
N ARG I 173 33.67 -13.73 -0.74
CA ARG I 173 34.90 -14.13 -1.43
C ARG I 173 35.99 -14.50 -0.43
N ASP I 174 36.11 -13.71 0.65
CA ASP I 174 37.13 -13.98 1.66
C ASP I 174 36.85 -15.29 2.39
N ARG I 175 35.59 -15.66 2.56
CA ARG I 175 35.26 -16.97 3.11
C ARG I 175 35.57 -18.08 2.13
N PHE I 176 35.52 -17.79 0.83
CA PHE I 176 35.83 -18.78 -0.20
C PHE I 176 37.33 -18.88 -0.42
N GLY I 177 37.80 -20.08 -0.75
CA GLY I 177 39.23 -20.32 -0.84
C GLY I 177 39.84 -20.33 -2.24
N ILE I 178 39.22 -21.04 -3.17
CA ILE I 178 39.81 -21.36 -4.46
C ILE I 178 38.92 -20.84 -5.58
N VAL I 179 39.50 -20.11 -6.52
CA VAL I 179 38.80 -19.58 -7.69
C VAL I 179 39.64 -19.89 -8.93
N GLN I 180 38.98 -20.43 -9.97
CA GLN I 180 39.58 -20.59 -11.29
C GLN I 180 38.72 -19.92 -12.35
N ARG I 181 39.39 -19.28 -13.30
CA ARG I 181 38.76 -18.66 -14.45
C ARG I 181 38.65 -19.65 -15.60
N LEU I 182 37.82 -19.29 -16.57
CA LEU I 182 37.77 -19.97 -17.86
C LEU I 182 38.08 -18.95 -18.95
N GLU I 183 38.84 -19.37 -19.95
CA GLU I 183 39.35 -18.47 -20.98
C GLU I 183 39.06 -19.06 -22.35
N PHE I 184 39.17 -18.19 -23.36
CA PHE I 184 39.04 -18.60 -24.76
C PHE I 184 40.15 -19.59 -25.09
N TYR I 185 39.80 -20.85 -25.32
CA TYR I 185 40.79 -21.88 -25.56
C TYR I 185 41.41 -21.72 -26.94
N ASN I 186 42.71 -22.04 -27.03
CA ASN I 186 43.41 -21.96 -28.30
C ASN I 186 42.98 -23.08 -29.23
N VAL I 187 43.47 -23.01 -30.47
CA VAL I 187 42.98 -23.89 -31.52
C VAL I 187 43.38 -25.34 -31.27
N GLU I 188 44.53 -25.58 -30.63
CA GLU I 188 44.96 -26.95 -30.37
C GLU I 188 44.07 -27.63 -29.33
N ASP I 189 43.74 -26.91 -28.25
CA ASP I 189 42.85 -27.47 -27.23
C ASP I 189 41.46 -27.71 -27.79
N LEU I 190 40.95 -26.77 -28.61
CA LEU I 190 39.65 -26.94 -29.23
C LEU I 190 39.64 -28.14 -30.18
N ALA I 191 40.73 -28.32 -30.94
CA ALA I 191 40.81 -29.46 -31.85
C ALA I 191 40.85 -30.78 -31.09
N THR I 192 41.61 -30.84 -29.99
CA THR I 192 41.65 -32.04 -29.18
C THR I 192 40.29 -32.33 -28.54
N ILE I 193 39.59 -31.28 -28.09
CA ILE I 193 38.26 -31.43 -27.52
C ILE I 193 37.30 -31.97 -28.57
N VAL I 194 37.38 -31.43 -29.79
CA VAL I 194 36.53 -31.89 -30.90
C VAL I 194 36.82 -33.36 -31.19
N SER I 195 38.10 -33.74 -31.21
CA SER I 195 38.47 -35.13 -31.49
C SER I 195 37.94 -36.08 -30.43
N ARG I 196 38.12 -35.75 -29.14
CA ARG I 196 37.65 -36.65 -28.09
C ARG I 196 36.13 -36.72 -28.05
N SER I 197 35.45 -35.60 -28.30
CA SER I 197 33.99 -35.62 -28.27
C SER I 197 33.41 -36.33 -29.47
N ALA I 198 34.08 -36.26 -30.63
CA ALA I 198 33.64 -37.02 -31.79
C ALA I 198 33.93 -38.51 -31.61
N GLY I 199 35.01 -38.84 -30.91
CA GLY I 199 35.22 -40.23 -30.52
C GLY I 199 34.15 -40.71 -29.57
N ILE I 200 33.68 -39.82 -28.69
CA ILE I 200 32.50 -40.13 -27.88
C ILE I 200 31.27 -40.29 -28.77
N LEU I 201 31.11 -39.40 -29.74
CA LEU I 201 29.99 -39.46 -30.68
C LEU I 201 30.10 -40.61 -31.67
N GLY I 202 31.23 -41.29 -31.73
CA GLY I 202 31.44 -42.33 -32.73
C GLY I 202 31.55 -41.78 -34.14
N LEU I 203 32.25 -40.67 -34.32
CA LEU I 203 32.41 -40.05 -35.62
C LEU I 203 33.69 -40.55 -36.30
N GLU I 204 33.75 -40.34 -37.61
CA GLU I 204 34.91 -40.69 -38.41
C GLU I 204 35.55 -39.43 -38.99
N ILE I 205 35.60 -38.37 -38.19
CA ILE I 205 36.09 -37.08 -38.64
C ILE I 205 37.61 -37.10 -38.73
N GLU I 206 38.14 -36.54 -39.81
CA GLU I 206 39.58 -36.42 -39.97
C GLU I 206 40.12 -35.32 -39.06
N PRO I 207 41.42 -35.38 -38.74
CA PRO I 207 42.02 -34.29 -37.95
C PRO I 207 41.92 -32.93 -38.63
N GLN I 208 41.98 -32.89 -39.96
CA GLN I 208 41.73 -31.64 -40.68
C GLN I 208 40.29 -31.17 -40.47
N GLY I 209 39.34 -32.10 -40.53
CA GLY I 209 37.96 -31.75 -40.22
C GLY I 209 37.77 -31.36 -38.78
N ALA I 210 38.51 -31.98 -37.86
CA ALA I 210 38.45 -31.60 -36.45
C ALA I 210 38.95 -30.17 -36.25
N ALA I 211 40.05 -29.81 -36.93
CA ALA I 211 40.54 -28.44 -36.87
C ALA I 211 39.56 -27.47 -37.51
N GLU I 212 38.91 -27.87 -38.59
CA GLU I 212 37.91 -27.02 -39.23
C GLU I 212 36.71 -26.79 -38.31
N ILE I 213 36.28 -27.83 -37.60
CA ILE I 213 35.16 -27.69 -36.65
C ILE I 213 35.58 -26.83 -35.47
N ALA I 214 36.83 -26.97 -35.01
CA ALA I 214 37.33 -26.15 -33.91
C ALA I 214 37.40 -24.68 -34.31
N LYS I 215 37.87 -24.39 -35.52
CA LYS I 215 37.96 -22.99 -35.97
C LYS I 215 36.58 -22.42 -36.26
N ARG I 216 35.66 -23.24 -36.77
CA ARG I 216 34.29 -22.79 -36.97
C ARG I 216 33.61 -22.47 -35.65
N ALA I 217 33.88 -23.27 -34.62
CA ALA I 217 33.38 -22.98 -33.29
C ALA I 217 34.08 -21.74 -32.73
N ARG I 218 33.30 -20.89 -32.06
CA ARG I 218 33.81 -19.63 -31.51
C ARG I 218 34.42 -19.86 -30.13
N GLY I 219 35.45 -20.69 -30.09
CA GLY I 219 35.98 -21.14 -28.81
C GLY I 219 34.92 -21.95 -28.08
N THR I 220 34.74 -21.63 -26.79
CA THR I 220 33.64 -22.11 -25.95
C THR I 220 33.50 -23.62 -25.98
N PRO I 221 34.37 -24.36 -25.29
CA PRO I 221 34.52 -25.81 -25.53
C PRO I 221 33.24 -26.63 -25.39
N ARG I 222 32.36 -26.31 -24.44
CA ARG I 222 31.09 -27.04 -24.38
C ARG I 222 30.13 -26.57 -25.47
N ILE I 223 30.09 -25.26 -25.74
CA ILE I 223 29.32 -24.80 -26.89
C ILE I 223 29.97 -25.27 -28.18
N ALA I 224 31.30 -25.43 -28.18
CA ALA I 224 31.96 -26.08 -29.31
C ALA I 224 31.50 -27.53 -29.47
N ASN I 225 31.29 -28.23 -28.35
CA ASN I 225 30.75 -29.59 -28.41
C ASN I 225 29.34 -29.59 -28.98
N ARG I 226 28.50 -28.63 -28.58
CA ARG I 226 27.16 -28.52 -29.15
C ARG I 226 27.21 -28.23 -30.64
N LEU I 227 28.12 -27.34 -31.07
CA LEU I 227 28.27 -27.04 -32.49
C LEU I 227 28.76 -28.26 -33.26
N LEU I 228 29.66 -29.05 -32.66
CA LEU I 228 30.10 -30.28 -33.30
C LEU I 228 28.96 -31.29 -33.40
N ARG I 229 28.09 -31.34 -32.38
CA ARG I 229 26.90 -32.19 -32.45
C ARG I 229 26.00 -31.77 -33.60
N ARG I 230 25.77 -30.46 -33.75
CA ARG I 230 24.94 -29.97 -34.84
C ARG I 230 25.56 -30.26 -36.20
N VAL I 231 26.88 -30.08 -36.32
CA VAL I 231 27.58 -30.36 -37.57
C VAL I 231 27.50 -31.85 -37.89
N ARG I 232 27.63 -32.70 -36.88
CA ARG I 232 27.50 -34.15 -37.06
C ARG I 232 26.11 -34.53 -37.54
N ASP I 233 25.07 -33.92 -36.95
CA ASP I 233 23.71 -34.21 -37.37
C ASP I 233 23.46 -33.74 -38.80
N PHE I 234 23.97 -32.55 -39.16
CA PHE I 234 23.78 -32.04 -40.51
C PHE I 234 24.55 -32.88 -41.53
N ALA I 235 25.75 -33.36 -41.17
CA ALA I 235 26.50 -34.23 -42.06
C ALA I 235 25.82 -35.58 -42.22
N GLU I 236 25.23 -36.11 -41.15
CA GLU I 236 24.47 -37.35 -41.24
C GLU I 236 23.20 -37.17 -42.06
N VAL I 237 22.68 -35.95 -42.11
CA VAL I 237 21.54 -35.66 -42.98
C VAL I 237 21.95 -35.76 -44.44
N ARG I 238 23.16 -35.32 -44.76
CA ARG I 238 23.66 -35.31 -46.14
C ARG I 238 24.67 -36.43 -46.39
N GLY I 239 24.86 -37.35 -45.45
CA GLY I 239 25.82 -38.42 -45.66
C GLY I 239 25.99 -39.27 -44.42
N GLN I 240 27.23 -39.69 -44.20
CA GLN I 240 27.59 -40.54 -43.07
C GLN I 240 28.26 -39.71 -41.99
N GLY I 241 28.80 -40.40 -40.97
CA GLY I 241 29.46 -39.71 -39.87
C GLY I 241 30.80 -39.11 -40.23
N ASP I 242 31.43 -39.59 -41.30
CA ASP I 242 32.70 -39.02 -41.74
C ASP I 242 32.50 -37.59 -42.24
N ILE I 243 33.43 -36.72 -41.88
CA ILE I 243 33.38 -35.31 -42.25
C ILE I 243 34.59 -34.99 -43.13
N THR I 244 34.31 -34.48 -44.32
CA THR I 244 35.33 -34.10 -45.30
C THR I 244 35.37 -32.58 -45.35
N ARG I 245 36.43 -32.03 -45.96
CA ARG I 245 36.54 -30.58 -46.09
C ARG I 245 35.39 -30.01 -46.92
N VAL I 246 34.85 -30.78 -47.86
CA VAL I 246 33.65 -30.37 -48.56
C VAL I 246 32.45 -30.35 -47.61
N ILE I 247 32.38 -31.32 -46.69
CA ILE I 247 31.32 -31.32 -45.69
C ILE I 247 31.47 -30.12 -44.76
N ALA I 248 32.70 -29.79 -44.39
CA ALA I 248 32.95 -28.60 -43.57
C ALA I 248 32.56 -27.33 -44.31
N ASP I 249 32.85 -27.26 -45.61
CA ASP I 249 32.45 -26.10 -46.41
C ASP I 249 30.94 -25.98 -46.50
N LYS I 250 30.24 -27.10 -46.68
CA LYS I 250 28.78 -27.08 -46.72
C LYS I 250 28.20 -26.66 -45.38
N ALA I 251 28.79 -27.13 -44.28
CA ALA I 251 28.35 -26.72 -42.95
C ALA I 251 28.57 -25.23 -42.73
N LEU I 252 29.71 -24.71 -43.20
CA LEU I 252 29.95 -23.27 -43.10
C LEU I 252 28.97 -22.47 -43.95
N ASN I 253 28.60 -23.00 -45.12
CA ASN I 253 27.64 -22.30 -45.97
C ASN I 253 26.25 -22.29 -45.37
N LEU I 254 25.81 -23.42 -44.81
CA LEU I 254 24.46 -23.47 -44.25
C LEU I 254 24.36 -22.66 -42.95
N LEU I 255 25.42 -22.68 -42.15
CA LEU I 255 25.47 -21.86 -40.95
C LEU I 255 25.83 -20.42 -41.23
N ASP I 256 26.27 -20.10 -42.46
CA ASP I 256 26.65 -18.75 -42.88
C ASP I 256 27.78 -18.18 -42.03
N VAL I 257 28.63 -19.06 -41.49
CA VAL I 257 29.78 -18.67 -40.68
C VAL I 257 31.00 -19.39 -41.24
N ASP I 258 32.02 -18.62 -41.62
CA ASP I 258 33.22 -19.18 -42.23
C ASP I 258 34.14 -19.76 -41.15
N GLU I 259 35.33 -20.20 -41.57
CA GLU I 259 36.30 -20.74 -40.63
C GLU I 259 36.86 -19.68 -39.68
N ARG I 260 36.80 -18.41 -40.06
CA ARG I 260 37.21 -17.33 -39.16
C ARG I 260 36.21 -17.09 -38.05
N GLY I 261 35.02 -17.70 -38.11
CA GLY I 261 34.00 -17.52 -37.11
C GLY I 261 33.14 -16.29 -37.28
N PHE I 262 33.33 -15.52 -38.35
CA PHE I 262 32.54 -14.33 -38.56
C PHE I 262 31.09 -14.69 -38.87
N ASP I 263 30.17 -14.06 -38.16
CA ASP I 263 28.75 -14.23 -38.45
C ASP I 263 28.41 -13.57 -39.77
N HIS I 264 27.33 -14.05 -40.40
CA HIS I 264 26.88 -13.47 -41.66
C HIS I 264 26.49 -12.01 -41.48
N LEU I 265 25.78 -11.69 -40.40
CA LEU I 265 25.53 -10.30 -40.05
C LEU I 265 26.83 -9.57 -39.75
N ASP I 266 27.74 -10.20 -39.01
CA ASP I 266 29.03 -9.60 -38.72
C ASP I 266 29.84 -9.38 -39.99
N ARG I 267 29.83 -10.36 -40.89
CA ARG I 267 30.54 -10.23 -42.16
C ARG I 267 29.97 -9.09 -42.99
N ARG I 268 28.65 -8.96 -43.02
CA ARG I 268 28.01 -7.87 -43.77
C ARG I 268 28.37 -6.52 -43.17
N LEU I 269 28.36 -6.41 -41.84
CA LEU I 269 28.68 -5.14 -41.20
C LEU I 269 30.14 -4.76 -41.43
N LEU I 270 31.06 -5.73 -41.34
CA LEU I 270 32.46 -5.41 -41.57
C LEU I 270 32.73 -5.10 -43.04
N LEU I 271 32.00 -5.74 -43.95
CA LEU I 271 32.10 -5.38 -45.36
C LEU I 271 31.62 -3.97 -45.62
N THR I 272 30.54 -3.57 -44.94
CA THR I 272 30.08 -2.18 -45.05
C THR I 272 31.10 -1.21 -44.47
N MET I 273 31.72 -1.57 -43.34
CA MET I 273 32.73 -0.71 -42.73
C MET I 273 33.95 -0.54 -43.62
N ILE I 274 34.44 -1.63 -44.22
CA ILE I 274 35.58 -1.50 -45.12
C ILE I 274 35.17 -0.81 -46.42
N ASP I 275 33.90 -0.90 -46.81
CA ASP I 275 33.42 -0.21 -48.00
C ASP I 275 33.11 1.27 -47.76
N LYS I 276 33.12 1.73 -46.51
CA LYS I 276 32.77 3.10 -46.19
C LYS I 276 33.94 3.90 -45.63
N PHE I 277 34.56 3.43 -44.55
CA PHE I 277 35.60 4.20 -43.88
C PHE I 277 36.99 3.57 -43.99
N ASP I 278 37.10 2.41 -44.65
CA ASP I 278 38.38 1.72 -44.86
C ASP I 278 39.08 1.41 -43.54
N GLY I 279 38.31 1.11 -42.50
CA GLY I 279 38.89 0.81 -41.20
C GLY I 279 39.33 2.01 -40.39
N GLY I 280 38.98 3.22 -40.81
CA GLY I 280 39.34 4.41 -40.08
C GLY I 280 38.61 4.52 -38.76
N PRO I 281 39.21 5.23 -37.80
CA PRO I 281 38.55 5.38 -36.49
C PRO I 281 37.33 6.28 -36.56
N VAL I 282 36.14 5.69 -36.50
CA VAL I 282 34.88 6.41 -36.59
C VAL I 282 34.06 6.10 -35.35
N GLY I 283 33.00 6.88 -35.15
CA GLY I 283 32.19 6.73 -33.97
C GLY I 283 31.31 5.50 -34.02
N ILE I 284 31.04 4.94 -32.83
CA ILE I 284 30.15 3.79 -32.73
C ILE I 284 28.73 4.17 -33.11
N ASP I 285 28.29 5.37 -32.70
CA ASP I 285 26.97 5.86 -33.08
C ASP I 285 26.85 6.07 -34.59
N ASN I 286 27.92 6.57 -35.23
CA ASN I 286 27.89 6.80 -36.66
C ASN I 286 27.72 5.50 -37.43
N LEU I 287 28.50 4.47 -37.07
CA LEU I 287 28.36 3.18 -37.75
C LEU I 287 27.05 2.51 -37.40
N ALA I 288 26.55 2.70 -36.17
CA ALA I 288 25.26 2.15 -35.80
C ALA I 288 24.14 2.75 -36.63
N ALA I 289 24.19 4.06 -36.86
CA ALA I 289 23.21 4.70 -37.73
C ALA I 289 23.39 4.28 -39.18
N ALA I 290 24.64 4.03 -39.60
CA ALA I 290 24.90 3.62 -40.97
C ALA I 290 24.34 2.22 -41.25
N LEU I 291 24.49 1.30 -40.29
CA LEU I 291 24.03 -0.07 -40.48
C LEU I 291 22.59 -0.29 -40.08
N SER I 292 21.92 0.73 -39.52
CA SER I 292 20.53 0.66 -39.06
C SER I 292 20.33 -0.49 -38.06
N GLU I 293 21.28 -0.64 -37.15
CA GLU I 293 21.24 -1.66 -36.12
C GLU I 293 21.42 -1.01 -34.75
N GLU I 294 20.85 -1.65 -33.73
CA GLU I 294 20.93 -1.12 -32.38
C GLU I 294 22.34 -1.27 -31.84
N ARG I 295 22.88 -0.20 -31.26
CA ARG I 295 24.31 -0.15 -30.96
C ARG I 295 24.68 -1.01 -29.75
N HIS I 296 23.79 -1.08 -28.75
CA HIS I 296 24.11 -1.86 -27.55
C HIS I 296 24.22 -3.36 -27.86
N THR I 297 23.29 -3.88 -28.68
CA THR I 297 23.38 -5.27 -29.10
C THR I 297 24.63 -5.53 -29.92
N ILE I 298 25.02 -4.56 -30.75
CA ILE I 298 26.28 -4.65 -31.48
C ILE I 298 27.44 -4.78 -30.50
N GLU I 299 27.45 -3.93 -29.46
CA GLU I 299 28.54 -3.92 -28.50
C GLU I 299 28.62 -5.23 -27.72
N ASP I 300 27.48 -5.80 -27.37
CA ASP I 300 27.52 -7.01 -26.55
C ASP I 300 27.52 -8.31 -27.36
N VAL I 301 27.38 -8.26 -28.69
CA VAL I 301 27.36 -9.47 -29.51
C VAL I 301 28.46 -9.47 -30.56
N LEU I 302 28.50 -8.43 -31.40
CA LEU I 302 29.22 -8.53 -32.68
C LEU I 302 30.73 -8.45 -32.48
N GLU I 303 31.22 -7.31 -31.99
CA GLU I 303 32.65 -7.14 -31.79
C GLU I 303 33.30 -7.97 -30.68
N PRO I 304 32.61 -8.45 -29.61
CA PRO I 304 33.32 -9.29 -28.62
C PRO I 304 34.07 -10.48 -29.19
N TYR I 305 33.43 -11.27 -30.07
CA TYR I 305 34.07 -12.48 -30.59
C TYR I 305 35.35 -12.13 -31.34
N LEU I 306 35.31 -11.07 -32.16
CA LEU I 306 36.52 -10.67 -32.88
C LEU I 306 37.54 -10.04 -31.94
N ILE I 307 37.11 -9.47 -30.81
CA ILE I 307 37.99 -8.64 -30.02
C ILE I 307 38.68 -9.41 -28.90
N GLN I 308 38.27 -10.65 -28.59
CA GLN I 308 39.16 -11.48 -27.79
C GLN I 308 40.47 -11.71 -28.52
N GLN I 309 40.41 -11.89 -29.84
CA GLN I 309 41.61 -11.95 -30.66
C GLN I 309 41.95 -10.56 -31.18
N GLY I 310 43.03 -10.46 -31.94
CA GLY I 310 43.46 -9.18 -32.47
C GLY I 310 42.75 -8.80 -33.76
N TYR I 311 41.49 -8.36 -33.66
CA TYR I 311 40.75 -7.92 -34.82
C TYR I 311 40.30 -6.47 -34.72
N ILE I 312 39.62 -6.09 -33.64
CA ILE I 312 39.01 -4.77 -33.51
C ILE I 312 39.70 -4.03 -32.37
N MET I 313 40.11 -2.80 -32.62
CA MET I 313 40.99 -2.03 -31.75
C MET I 313 40.40 -0.64 -31.50
N ARG I 314 39.15 -0.57 -31.03
CA ARG I 314 38.50 0.73 -30.86
C ARG I 314 39.29 1.64 -29.92
N THR I 315 39.47 2.89 -30.34
CA THR I 315 40.37 3.87 -29.73
C THR I 315 39.57 5.07 -29.22
N PRO I 316 40.23 6.04 -28.56
CA PRO I 316 39.57 7.34 -28.33
C PRO I 316 39.13 8.04 -29.61
N ARG I 317 39.73 7.72 -30.76
CA ARG I 317 39.24 8.28 -32.01
C ARG I 317 38.18 7.40 -32.67
N GLY I 318 38.22 6.10 -32.43
CA GLY I 318 37.22 5.21 -32.97
C GLY I 318 37.79 3.82 -33.22
N ARG I 319 37.07 3.07 -34.04
CA ARG I 319 37.37 1.66 -34.25
C ARG I 319 38.49 1.47 -35.26
N VAL I 320 39.42 0.56 -34.93
CA VAL I 320 40.53 0.18 -35.81
C VAL I 320 40.48 -1.33 -36.00
N VAL I 321 40.69 -1.77 -37.25
CA VAL I 321 40.54 -3.17 -37.62
C VAL I 321 41.85 -3.64 -38.24
N THR I 322 42.33 -4.82 -37.81
CA THR I 322 43.51 -5.43 -38.40
C THR I 322 43.26 -5.82 -39.86
N ARG I 323 44.36 -5.99 -40.59
CA ARG I 323 44.29 -6.52 -41.94
C ARG I 323 44.13 -8.04 -41.97
N HIS I 324 44.34 -8.72 -40.84
CA HIS I 324 44.05 -10.15 -40.78
C HIS I 324 42.56 -10.42 -40.91
N ALA I 325 41.73 -9.51 -40.37
CA ALA I 325 40.30 -9.56 -40.65
C ALA I 325 40.02 -9.28 -42.11
N TYR I 326 40.86 -8.46 -42.75
CA TYR I 326 40.71 -8.19 -44.18
C TYR I 326 41.15 -9.36 -45.04
N LEU I 327 41.95 -10.28 -44.48
CA LEU I 327 42.41 -11.45 -45.20
C LEU I 327 41.28 -12.40 -45.57
N HIS I 328 40.10 -12.25 -44.99
CA HIS I 328 38.94 -13.03 -45.42
C HIS I 328 38.57 -12.69 -46.86
N PHE I 329 38.74 -11.43 -47.26
CA PHE I 329 38.52 -11.02 -48.64
C PHE I 329 39.79 -10.51 -49.32
N GLY I 330 40.84 -10.20 -48.57
CA GLY I 330 42.12 -9.88 -49.16
C GLY I 330 42.32 -8.45 -49.62
N LEU I 331 41.48 -7.51 -49.18
CA LEU I 331 41.60 -6.12 -49.57
C LEU I 331 41.94 -5.29 -48.33
N ASN I 332 43.04 -4.53 -48.40
CA ASN I 332 43.51 -3.75 -47.26
C ASN I 332 44.12 -2.45 -47.76
N ILE I 333 44.24 -1.50 -46.84
CA ILE I 333 44.84 -0.20 -47.12
C ILE I 333 45.98 0.03 -46.13
N PRO I 334 46.99 0.85 -46.48
CA PRO I 334 48.05 1.18 -45.53
C PRO I 334 47.55 2.04 -44.36
N ARG J 22 16.17 55.24 2.64
CA ARG J 22 17.28 55.93 1.99
C ARG J 22 18.39 54.95 1.63
N ALA J 23 18.78 54.93 0.37
CA ALA J 23 19.79 54.01 -0.14
C ALA J 23 20.92 54.79 -0.78
N ILE J 24 22.16 54.34 -0.57
CA ILE J 24 23.32 54.96 -1.21
C ILE J 24 23.49 54.54 -2.65
N ARG J 25 22.69 53.60 -3.14
CA ARG J 25 22.80 53.15 -4.52
C ARG J 25 22.34 54.27 -5.47
N PRO J 26 23.00 54.41 -6.61
CA PRO J 26 22.57 55.42 -7.60
C PRO J 26 21.33 54.96 -8.34
N LEU J 27 20.23 55.70 -8.18
CA LEU J 27 19.00 55.42 -8.89
C LEU J 27 18.92 56.20 -10.20
N LYS J 28 19.19 57.51 -10.15
CA LYS J 28 19.19 58.33 -11.34
C LYS J 28 20.58 58.34 -11.99
N LEU J 29 20.63 58.89 -13.20
CA LEU J 29 21.87 58.89 -13.97
C LEU J 29 22.92 59.81 -13.36
N ALA J 30 22.50 60.96 -12.83
CA ALA J 30 23.45 61.89 -12.22
C ALA J 30 24.13 61.29 -11.00
N ASP J 31 23.42 60.43 -10.27
CA ASP J 31 24.00 59.73 -9.13
C ASP J 31 25.01 58.67 -9.51
N TYR J 32 25.04 58.24 -10.78
CA TYR J 32 25.95 57.18 -11.20
C TYR J 32 27.40 57.63 -11.13
N ILE J 33 28.27 56.72 -10.74
CA ILE J 33 29.71 56.94 -10.67
C ILE J 33 30.40 55.88 -11.51
N GLY J 34 31.19 56.32 -12.49
CA GLY J 34 31.85 55.39 -13.38
C GLY J 34 32.70 56.11 -14.40
N GLN J 35 33.04 55.40 -15.46
CA GLN J 35 33.85 55.97 -16.53
C GLN J 35 33.06 57.05 -17.27
N PRO J 36 33.60 58.26 -17.43
CA PRO J 36 32.89 59.29 -18.20
C PRO J 36 32.68 58.92 -19.66
N SER J 37 33.61 58.17 -20.27
CA SER J 37 33.44 57.76 -21.66
C SER J 37 32.26 56.83 -21.83
N VAL J 38 32.11 55.86 -20.93
CA VAL J 38 30.96 54.97 -20.96
C VAL J 38 29.68 55.75 -20.71
N ARG J 39 29.74 56.74 -19.82
CA ARG J 39 28.57 57.57 -19.53
C ARG J 39 28.11 58.35 -20.75
N GLU J 40 29.04 58.99 -21.46
CA GLU J 40 28.68 59.71 -22.67
C GLU J 40 28.21 58.76 -23.76
N GLN J 41 28.79 57.55 -23.79
CA GLN J 41 28.38 56.54 -24.77
C GLN J 41 26.92 56.13 -24.55
N MET J 42 26.52 55.89 -23.29
CA MET J 42 25.15 55.47 -23.08
C MET J 42 24.21 56.67 -23.13
N GLU J 43 24.73 57.88 -22.89
CA GLU J 43 23.98 59.09 -23.24
C GLU J 43 23.59 59.11 -24.71
N LEU J 44 24.56 58.92 -25.60
CA LEU J 44 24.24 59.00 -27.03
C LEU J 44 23.36 57.83 -27.46
N PHE J 45 23.56 56.65 -26.86
CA PHE J 45 22.68 55.53 -27.16
C PHE J 45 21.24 55.79 -26.71
N ILE J 46 21.07 56.32 -25.50
CA ILE J 46 19.73 56.62 -24.99
C ILE J 46 19.05 57.70 -25.82
N HIS J 47 19.81 58.73 -26.21
CA HIS J 47 19.25 59.79 -27.04
C HIS J 47 18.86 59.27 -28.42
N ALA J 48 19.68 58.40 -29.01
CA ALA J 48 19.35 57.82 -30.31
C ALA J 48 18.11 56.94 -30.22
N ALA J 49 17.97 56.17 -29.13
CA ALA J 49 16.78 55.34 -28.97
C ALA J 49 15.54 56.19 -28.73
N ARG J 50 15.67 57.27 -27.94
CA ARG J 50 14.53 58.13 -27.65
C ARG J 50 14.10 58.92 -28.88
N GLY J 51 15.03 59.26 -29.77
CA GLY J 51 14.67 59.92 -31.01
C GLY J 51 13.91 59.04 -31.97
N ARG J 52 13.96 57.72 -31.79
CA ARG J 52 13.24 56.77 -32.62
C ARG J 52 11.87 56.40 -32.05
N GLN J 53 11.50 56.97 -30.89
CA GLN J 53 10.27 56.63 -30.17
C GLN J 53 10.17 55.13 -29.92
N GLU J 54 11.28 54.52 -29.52
CA GLU J 54 11.34 53.10 -29.23
C GLU J 54 12.15 52.90 -27.97
N ALA J 55 12.07 51.69 -27.42
CA ALA J 55 12.89 51.33 -26.27
C ALA J 55 14.36 51.25 -26.66
N LEU J 56 15.23 51.30 -25.65
CA LEU J 56 16.66 51.19 -25.90
C LEU J 56 17.00 49.84 -26.51
N ASP J 57 17.81 49.86 -27.55
CA ASP J 57 18.17 48.63 -28.25
C ASP J 57 19.14 47.81 -27.41
N HIS J 58 19.38 46.58 -27.87
CA HIS J 58 20.19 45.63 -27.12
C HIS J 58 21.65 46.07 -27.10
N THR J 59 22.18 46.27 -25.90
CA THR J 59 23.56 46.73 -25.71
C THR J 59 24.40 45.60 -25.16
N LEU J 60 25.56 45.36 -25.78
CA LEU J 60 26.53 44.40 -25.29
C LEU J 60 27.52 45.14 -24.40
N ILE J 61 27.67 44.69 -23.16
CA ILE J 61 28.57 45.29 -22.20
C ILE J 61 29.52 44.20 -21.73
N PHE J 62 30.75 44.21 -22.23
CA PHE J 62 31.74 43.23 -21.83
C PHE J 62 32.78 43.87 -20.92
N GLY J 63 33.05 43.20 -19.80
CA GLY J 63 33.93 43.73 -18.79
C GLY J 63 33.68 43.10 -17.43
N PRO J 64 33.92 43.86 -16.37
CA PRO J 64 33.79 43.32 -15.01
C PRO J 64 32.34 43.04 -14.65
N PRO J 65 32.01 41.82 -14.27
CA PRO J 65 30.63 41.52 -13.86
C PRO J 65 30.26 42.27 -12.58
N GLY J 66 29.00 42.67 -12.52
CA GLY J 66 28.51 43.45 -11.37
C GLY J 66 28.92 44.91 -11.38
N LEU J 67 30.21 45.19 -11.52
CA LEU J 67 30.72 46.55 -11.60
C LEU J 67 30.26 47.22 -12.88
N GLY J 68 29.37 48.19 -12.77
CA GLY J 68 28.93 48.95 -13.92
C GLY J 68 27.99 48.21 -14.87
N LYS J 69 27.42 47.09 -14.44
CA LYS J 69 26.48 46.34 -15.27
C LYS J 69 25.09 46.31 -14.66
N THR J 70 24.96 45.85 -13.42
CA THR J 70 23.66 45.90 -12.74
C THR J 70 23.22 47.35 -12.51
N THR J 71 24.16 48.21 -12.12
CA THR J 71 23.87 49.63 -11.98
C THR J 71 23.49 50.24 -13.33
N LEU J 72 24.17 49.84 -14.40
CA LEU J 72 23.83 50.33 -15.74
C LEU J 72 22.42 49.90 -16.15
N ALA J 73 22.05 48.65 -15.84
CA ALA J 73 20.69 48.20 -16.12
C ALA J 73 19.66 48.98 -15.31
N ASN J 74 19.98 49.27 -14.05
CA ASN J 74 19.09 50.10 -13.22
C ASN J 74 18.94 51.50 -13.80
N ILE J 75 20.03 52.07 -14.33
CA ILE J 75 19.97 53.39 -14.95
C ILE J 75 19.10 53.35 -16.21
N ILE J 76 19.23 52.29 -17.01
CA ILE J 76 18.40 52.15 -18.21
C ILE J 76 16.93 52.04 -17.82
N ALA J 77 16.63 51.25 -16.78
CA ALA J 77 15.26 51.12 -16.32
C ALA J 77 14.70 52.45 -15.81
N GLN J 78 15.52 53.21 -15.09
CA GLN J 78 15.06 54.52 -14.59
C GLN J 78 14.83 55.49 -15.73
N GLU J 79 15.72 55.51 -16.72
CA GLU J 79 15.57 56.40 -17.86
C GLU J 79 14.33 56.04 -18.68
N MET J 80 14.08 54.73 -18.88
CA MET J 80 12.88 54.29 -19.56
C MET J 80 11.65 54.35 -18.67
N GLY J 81 11.83 54.51 -17.36
CA GLY J 81 10.72 54.55 -16.43
C GLY J 81 9.92 53.26 -16.36
N VAL J 82 10.60 52.12 -16.37
CA VAL J 82 9.94 50.82 -16.37
C VAL J 82 10.50 49.98 -15.23
N SER J 83 9.75 48.93 -14.89
CA SER J 83 10.21 47.99 -13.87
C SER J 83 11.42 47.21 -14.38
N ILE J 84 12.27 46.80 -13.43
CA ILE J 84 13.51 46.09 -13.74
C ILE J 84 13.40 44.65 -13.24
N LYS J 85 13.81 43.72 -14.11
CA LYS J 85 13.94 42.31 -13.77
C LYS J 85 15.31 41.84 -14.21
N SER J 86 16.01 41.12 -13.33
CA SER J 86 17.38 40.70 -13.58
C SER J 86 17.49 39.19 -13.48
N THR J 87 18.41 38.65 -14.28
CA THR J 87 18.69 37.21 -14.28
C THR J 87 20.16 37.01 -14.66
N SER J 88 20.54 35.76 -14.92
CA SER J 88 21.91 35.42 -15.26
C SER J 88 21.92 34.37 -16.37
N GLY J 89 23.08 34.23 -17.00
CA GLY J 89 23.29 33.26 -18.05
C GLY J 89 23.11 31.81 -17.62
N PRO J 90 23.82 31.39 -16.57
CA PRO J 90 23.58 30.03 -16.03
C PRO J 90 22.17 29.79 -15.54
N VAL J 91 21.46 30.85 -15.13
CA VAL J 91 20.05 30.70 -14.77
C VAL J 91 19.24 30.27 -15.98
N LEU J 92 19.55 30.81 -17.16
CA LEU J 92 18.88 30.44 -18.39
C LEU J 92 19.46 29.13 -18.92
N GLU J 93 19.14 28.05 -18.19
CA GLU J 93 19.53 26.72 -18.64
C GLU J 93 18.68 26.23 -19.80
N ARG J 94 17.46 26.76 -19.92
CA ARG J 94 16.50 26.38 -20.93
C ARG J 94 16.02 27.61 -21.71
N PRO J 95 15.85 27.50 -23.03
CA PRO J 95 15.26 28.62 -23.78
C PRO J 95 13.83 28.93 -23.36
N GLY J 96 13.12 27.94 -22.80
CA GLY J 96 11.75 28.17 -22.37
C GLY J 96 11.66 29.17 -21.23
N ASP J 97 12.60 29.10 -20.29
CA ASP J 97 12.62 30.08 -19.20
C ASP J 97 12.93 31.48 -19.71
N LEU J 98 13.84 31.59 -20.69
CA LEU J 98 14.11 32.87 -21.32
C LEU J 98 12.88 33.43 -22.01
N ALA J 99 12.14 32.58 -22.73
CA ALA J 99 10.90 33.01 -23.35
C ALA J 99 9.85 33.38 -22.31
N ALA J 100 9.85 32.69 -21.16
CA ALA J 100 8.91 33.00 -20.09
C ALA J 100 9.17 34.39 -19.52
N LEU J 101 10.44 34.72 -19.27
CA LEU J 101 10.73 36.04 -18.73
C LEU J 101 10.55 37.13 -19.80
N LEU J 102 10.79 36.80 -21.08
CA LEU J 102 10.53 37.77 -22.14
C LEU J 102 9.05 38.04 -22.29
N THR J 103 8.21 37.03 -22.13
CA THR J 103 6.76 37.24 -22.09
C THR J 103 6.37 38.03 -20.84
N ASN J 104 7.07 37.80 -19.72
CA ASN J 104 6.85 38.61 -18.53
C ASN J 104 7.22 40.06 -18.78
N LEU J 105 8.27 40.31 -19.55
CA LEU J 105 8.65 41.67 -19.89
C LEU J 105 7.64 42.28 -20.86
N GLU J 106 7.06 43.41 -20.47
CA GLU J 106 6.13 44.12 -21.33
C GLU J 106 6.90 45.12 -22.19
N ALA J 107 6.19 46.01 -22.89
CA ALA J 107 6.82 46.90 -23.85
C ALA J 107 7.70 47.92 -23.14
N GLY J 108 8.93 48.08 -23.63
CA GLY J 108 9.87 49.02 -23.08
C GLY J 108 10.62 48.55 -21.86
N ASP J 109 10.45 47.30 -21.45
CA ASP J 109 11.10 46.79 -20.26
C ASP J 109 12.61 46.59 -20.50
N VAL J 110 13.34 46.51 -19.40
CA VAL J 110 14.79 46.37 -19.42
C VAL J 110 15.16 45.04 -18.77
N LEU J 111 15.99 44.25 -19.45
CA LEU J 111 16.41 42.94 -18.99
C LEU J 111 17.91 42.94 -18.75
N PHE J 112 18.33 42.43 -17.60
CA PHE J 112 19.73 42.31 -17.24
C PHE J 112 20.09 40.83 -17.10
N VAL J 113 20.97 40.35 -17.97
CA VAL J 113 21.46 38.98 -17.93
C VAL J 113 22.96 39.04 -17.72
N ASP J 114 23.42 38.57 -16.56
CA ASP J 114 24.85 38.52 -16.28
C ASP J 114 25.46 37.23 -16.83
N GLU J 115 26.70 37.34 -17.28
CA GLU J 115 27.45 36.24 -17.91
C GLU J 115 26.69 35.68 -19.11
N ILE J 116 26.54 36.53 -20.13
CA ILE J 116 25.73 36.18 -21.30
C ILE J 116 26.45 35.13 -22.15
N HIS J 117 27.76 34.94 -21.95
CA HIS J 117 28.53 33.98 -22.73
C HIS J 117 28.26 32.54 -22.33
N ARG J 118 27.72 32.31 -21.15
CA ARG J 118 27.50 30.97 -20.61
C ARG J 118 26.20 30.35 -21.08
N LEU J 119 25.47 31.02 -21.97
CA LEU J 119 24.22 30.48 -22.48
C LEU J 119 24.48 29.26 -23.36
N SER J 120 23.54 28.32 -23.32
CA SER J 120 23.57 27.22 -24.25
C SER J 120 23.27 27.72 -25.66
N PRO J 121 23.78 27.05 -26.70
CA PRO J 121 23.54 27.52 -28.07
C PRO J 121 22.08 27.58 -28.46
N ILE J 122 21.24 26.70 -27.93
CA ILE J 122 19.81 26.74 -28.26
C ILE J 122 19.15 27.96 -27.62
N VAL J 123 19.62 28.37 -26.43
CA VAL J 123 19.10 29.59 -25.82
C VAL J 123 19.43 30.81 -26.68
N GLU J 124 20.67 30.87 -27.18
CA GLU J 124 21.07 31.96 -28.06
C GLU J 124 20.28 31.92 -29.37
N GLU J 125 20.03 30.73 -29.91
CA GLU J 125 19.27 30.60 -31.14
C GLU J 125 17.83 31.09 -30.97
N VAL J 126 17.23 30.79 -29.81
CA VAL J 126 15.89 31.30 -29.52
C VAL J 126 15.92 32.82 -29.31
N LEU J 127 16.98 33.33 -28.68
CA LEU J 127 17.11 34.76 -28.45
C LEU J 127 17.38 35.55 -29.72
N TYR J 128 17.92 34.91 -30.76
CA TYR J 128 18.29 35.64 -31.98
C TYR J 128 17.13 36.38 -32.65
N PRO J 129 15.93 35.81 -32.85
CA PRO J 129 14.85 36.63 -33.42
C PRO J 129 14.40 37.76 -32.50
N ALA J 130 14.35 37.54 -31.19
CA ALA J 130 14.02 38.62 -30.27
C ALA J 130 15.12 39.67 -30.23
N MET J 131 16.37 39.25 -30.44
CA MET J 131 17.46 40.20 -30.57
C MET J 131 17.37 40.96 -31.90
N GLU J 132 16.73 40.35 -32.89
CA GLU J 132 16.67 40.96 -34.22
C GLU J 132 15.56 41.99 -34.32
N ASP J 133 14.32 41.59 -34.03
CA ASP J 133 13.18 42.49 -34.24
C ASP J 133 12.20 42.46 -33.08
N PHE J 134 12.67 42.02 -31.91
CA PHE J 134 11.84 41.94 -30.69
C PHE J 134 10.59 41.11 -30.91
N GLN J 135 10.71 40.04 -31.68
CA GLN J 135 9.61 39.13 -31.95
C GLN J 135 10.13 37.70 -31.91
N LEU J 136 9.29 36.80 -31.40
CA LEU J 136 9.68 35.39 -31.25
C LEU J 136 9.43 34.70 -32.59
N ASP J 137 10.36 34.91 -33.52
CA ASP J 137 10.30 34.28 -34.84
C ASP J 137 11.19 33.03 -34.86
N ILE J 138 10.78 32.04 -34.06
CA ILE J 138 11.61 30.86 -33.84
C ILE J 138 11.71 30.05 -35.14
N MET J 139 12.80 29.29 -35.24
CA MET J 139 13.10 28.51 -36.43
C MET J 139 12.69 27.05 -36.32
N ILE J 140 12.10 26.64 -35.20
CA ILE J 140 11.68 25.27 -35.01
C ILE J 140 10.23 25.09 -35.46
N ALA J 145 6.72 17.83 -37.82
CA ALA J 145 7.44 17.40 -36.62
C ALA J 145 7.80 18.59 -35.74
N ALA J 146 8.27 19.66 -36.37
CA ALA J 146 8.67 20.88 -35.66
C ALA J 146 7.69 21.99 -35.98
N ARG J 147 7.20 22.67 -34.94
CA ARG J 147 6.25 23.76 -35.09
C ARG J 147 6.94 25.08 -34.77
N SER J 148 6.84 26.03 -35.69
CA SER J 148 7.44 27.36 -35.51
C SER J 148 6.46 28.22 -34.73
N ILE J 149 6.64 28.29 -33.42
CA ILE J 149 5.75 29.08 -32.58
C ILE J 149 6.05 30.57 -32.76
N LYS J 150 4.98 31.36 -32.80
CA LYS J 150 5.06 32.82 -32.98
C LYS J 150 4.36 33.47 -31.79
N LEU J 151 5.12 33.68 -30.71
CA LEU J 151 4.56 34.29 -29.51
C LEU J 151 4.73 35.80 -29.58
N ASP J 152 3.71 36.53 -29.11
CA ASP J 152 3.73 37.99 -29.11
C ASP J 152 4.73 38.48 -28.08
N LEU J 153 5.95 38.75 -28.51
CA LEU J 153 7.01 39.18 -27.61
C LEU J 153 7.05 40.70 -27.57
N PRO J 154 6.74 41.34 -26.44
CA PRO J 154 6.85 42.79 -26.37
C PRO J 154 8.30 43.22 -26.44
N PRO J 155 8.59 44.39 -27.02
CA PRO J 155 9.97 44.85 -27.10
C PRO J 155 10.60 45.04 -25.73
N PHE J 156 11.88 44.71 -25.63
CA PHE J 156 12.59 44.76 -24.36
C PHE J 156 14.02 45.21 -24.60
N THR J 157 14.64 45.74 -23.55
CA THR J 157 16.03 46.18 -23.58
C THR J 157 16.89 45.11 -22.92
N LEU J 158 17.85 44.58 -23.67
CA LEU J 158 18.74 43.53 -23.19
C LEU J 158 20.06 44.15 -22.75
N VAL J 159 20.34 44.11 -21.45
CA VAL J 159 21.62 44.56 -20.91
C VAL J 159 22.53 43.35 -20.91
N GLY J 160 23.19 43.12 -22.04
CA GLY J 160 24.10 42.00 -22.19
C GLY J 160 25.37 42.17 -21.37
N ALA J 161 25.53 41.36 -20.33
CA ALA J 161 26.66 41.43 -19.43
C ALA J 161 27.52 40.19 -19.59
N THR J 162 28.82 40.39 -19.80
CA THR J 162 29.76 39.28 -19.97
C THR J 162 31.14 39.73 -19.55
N THR J 163 32.02 38.75 -19.31
CA THR J 163 33.40 39.06 -18.96
C THR J 163 34.13 39.71 -20.14
N ARG J 164 33.96 39.15 -21.33
CA ARG J 164 34.61 39.68 -22.52
C ARG J 164 33.83 39.21 -23.74
N ALA J 165 34.11 39.84 -24.88
CA ALA J 165 33.52 39.45 -26.15
C ALA J 165 34.34 38.40 -26.89
N GLY J 166 35.51 38.02 -26.36
CA GLY J 166 36.36 37.07 -27.06
C GLY J 166 35.78 35.68 -27.14
N MET J 167 35.30 35.15 -26.01
CA MET J 167 34.70 33.83 -25.98
C MET J 167 33.22 33.85 -26.31
N LEU J 168 32.63 35.01 -26.55
CA LEU J 168 31.25 35.10 -27.00
C LEU J 168 31.09 34.47 -28.37
N THR J 169 29.93 33.87 -28.60
CA THR J 169 29.64 33.28 -29.90
C THR J 169 29.54 34.38 -30.96
N ASN J 170 30.13 34.08 -32.13
CA ASN J 170 30.28 35.09 -33.18
C ASN J 170 28.95 35.64 -33.73
N PRO J 171 27.94 34.82 -34.07
CA PRO J 171 26.67 35.43 -34.54
C PRO J 171 25.99 36.30 -33.49
N LEU J 172 26.11 35.94 -32.21
CA LEU J 172 25.51 36.75 -31.15
C LEU J 172 26.18 38.12 -31.06
N ARG J 173 27.52 38.14 -31.17
CA ARG J 173 28.24 39.41 -31.18
C ARG J 173 27.96 40.21 -32.45
N ASP J 174 27.78 39.52 -33.58
CA ASP J 174 27.49 40.22 -34.83
C ASP J 174 26.10 40.86 -34.80
N ARG J 175 25.13 40.19 -34.16
CA ARG J 175 23.79 40.75 -34.05
C ARG J 175 23.74 41.94 -33.10
N PHE J 176 24.75 42.13 -32.26
CA PHE J 176 24.81 43.28 -31.37
C PHE J 176 25.10 44.56 -32.14
N GLY J 177 24.05 45.29 -32.53
CA GLY J 177 24.25 46.57 -33.17
C GLY J 177 24.86 47.60 -32.25
N ILE J 178 24.48 47.57 -30.98
CA ILE J 178 25.01 48.47 -29.96
C ILE J 178 25.94 47.68 -29.05
N VAL J 179 27.20 48.10 -29.00
CA VAL J 179 28.24 47.41 -28.24
C VAL J 179 29.09 48.45 -27.51
N GLN J 180 29.48 48.14 -26.28
CA GLN J 180 30.33 49.03 -25.49
C GLN J 180 31.09 48.19 -24.46
N ARG J 181 32.11 48.81 -23.86
CA ARG J 181 33.01 48.13 -22.94
C ARG J 181 33.08 48.87 -21.61
N LEU J 182 33.56 48.14 -20.60
CA LEU J 182 33.82 48.70 -19.28
C LEU J 182 35.26 48.42 -18.88
N GLU J 183 35.65 49.02 -17.75
CA GLU J 183 36.97 48.84 -17.18
C GLU J 183 36.90 49.24 -15.71
N PHE J 184 37.82 48.70 -14.91
CA PHE J 184 37.97 49.18 -13.54
C PHE J 184 38.28 50.67 -13.52
N TYR J 185 37.54 51.40 -12.69
CA TYR J 185 37.70 52.84 -12.60
C TYR J 185 38.94 53.18 -11.78
N ASN J 186 39.47 54.38 -12.03
CA ASN J 186 40.61 54.89 -11.27
C ASN J 186 40.10 55.44 -9.94
N VAL J 187 40.95 56.16 -9.20
CA VAL J 187 40.58 56.67 -7.89
C VAL J 187 39.49 57.74 -7.94
N GLU J 188 39.14 58.23 -9.14
CA GLU J 188 38.08 59.21 -9.26
C GLU J 188 36.73 58.64 -8.83
N ASP J 189 36.50 57.34 -9.01
CA ASP J 189 35.25 56.76 -8.55
C ASP J 189 35.20 56.73 -7.02
N LEU J 190 36.34 56.46 -6.37
CA LEU J 190 36.40 56.52 -4.91
C LEU J 190 36.17 57.93 -4.41
N ALA J 191 36.77 58.92 -5.09
CA ALA J 191 36.56 60.31 -4.70
C ALA J 191 35.10 60.72 -4.85
N THR J 192 34.46 60.32 -5.95
CA THR J 192 33.05 60.65 -6.15
C THR J 192 32.15 59.89 -5.18
N ILE J 193 32.53 58.67 -4.80
CA ILE J 193 31.80 57.93 -3.77
C ILE J 193 31.88 58.65 -2.43
N VAL J 194 33.07 59.12 -2.07
CA VAL J 194 33.24 59.90 -0.85
C VAL J 194 32.41 61.17 -0.90
N SER J 195 32.35 61.81 -2.07
CA SER J 195 31.55 63.02 -2.23
C SER J 195 30.06 62.74 -2.07
N ARG J 196 29.58 61.64 -2.66
CA ARG J 196 28.14 61.39 -2.78
C ARG J 196 27.58 60.53 -1.66
N SER J 197 28.07 59.28 -1.53
CA SER J 197 27.46 58.33 -0.60
C SER J 197 27.71 58.71 0.86
N ALA J 198 28.90 59.24 1.16
CA ALA J 198 29.17 59.70 2.52
C ALA J 198 28.29 60.89 2.88
N GLY J 199 28.02 61.77 1.89
CA GLY J 199 27.05 62.82 2.11
C GLY J 199 25.66 62.28 2.34
N ILE J 200 25.27 61.25 1.59
CA ILE J 200 24.02 60.55 1.88
C ILE J 200 24.09 59.86 3.24
N LEU J 201 25.25 59.30 3.57
CA LEU J 201 25.45 58.75 4.91
C LEU J 201 25.38 59.83 5.97
N GLY J 202 26.01 60.98 5.70
CA GLY J 202 25.90 62.14 6.57
C GLY J 202 27.00 62.31 7.59
N LEU J 203 27.91 61.37 7.72
CA LEU J 203 29.00 61.46 8.69
C LEU J 203 30.21 62.12 8.06
N GLU J 204 31.03 62.74 8.91
CA GLU J 204 32.20 63.48 8.43
C GLU J 204 33.28 62.53 7.95
N ILE J 205 33.86 62.85 6.79
CA ILE J 205 35.01 62.12 6.25
C ILE J 205 36.03 63.13 5.75
N GLU J 206 37.30 62.91 6.11
CA GLU J 206 38.36 63.78 5.66
C GLU J 206 38.69 63.50 4.20
N PRO J 207 39.04 64.53 3.41
CA PRO J 207 39.42 64.25 2.01
C PRO J 207 40.80 63.61 1.87
N GLN J 208 41.79 64.08 2.63
CA GLN J 208 43.05 63.34 2.74
C GLN J 208 42.81 61.98 3.39
N GLY J 209 41.92 61.93 4.38
CA GLY J 209 41.51 60.64 4.92
C GLY J 209 40.83 59.78 3.89
N ALA J 210 40.05 60.38 2.99
CA ALA J 210 39.45 59.63 1.88
C ALA J 210 40.52 59.08 0.95
N ALA J 211 41.57 59.87 0.67
CA ALA J 211 42.65 59.39 -0.18
C ALA J 211 43.42 58.25 0.47
N GLU J 212 43.56 58.30 1.80
CA GLU J 212 44.26 57.22 2.50
C GLU J 212 43.38 55.98 2.63
N ILE J 213 42.06 56.15 2.72
CA ILE J 213 41.16 55.01 2.63
C ILE J 213 41.22 54.39 1.24
N ALA J 214 41.37 55.23 0.22
CA ALA J 214 41.56 54.77 -1.16
C ALA J 214 42.81 53.92 -1.35
N LYS J 215 43.78 53.99 -0.42
CA LYS J 215 44.93 53.10 -0.46
C LYS J 215 44.54 51.66 -0.15
N ARG J 216 43.32 51.43 0.35
CA ARG J 216 42.78 50.09 0.53
C ARG J 216 41.45 49.88 -0.19
N ALA J 217 40.87 50.92 -0.78
CA ALA J 217 39.58 50.75 -1.45
C ALA J 217 39.71 50.08 -2.81
N ARG J 218 40.91 50.09 -3.38
CA ARG J 218 41.25 49.34 -4.61
C ARG J 218 40.39 49.75 -5.79
N GLY J 219 39.91 50.99 -5.81
CA GLY J 219 39.16 51.51 -6.95
C GLY J 219 37.88 50.76 -7.25
N THR J 220 37.23 50.21 -6.24
CA THR J 220 36.05 49.39 -6.42
C THR J 220 34.88 50.00 -5.63
N PRO J 221 33.72 50.17 -6.26
CA PRO J 221 32.57 50.71 -5.52
C PRO J 221 32.12 49.85 -4.35
N ARG J 222 32.22 48.52 -4.47
CA ARG J 222 31.80 47.65 -3.37
C ARG J 222 32.75 47.77 -2.19
N ILE J 223 34.07 47.76 -2.45
CA ILE J 223 35.04 47.94 -1.38
C ILE J 223 34.93 49.34 -0.80
N ALA J 224 34.63 50.34 -1.62
CA ALA J 224 34.41 51.69 -1.11
C ALA J 224 33.21 51.74 -0.18
N ASN J 225 32.12 51.05 -0.53
CA ASN J 225 30.96 50.99 0.36
C ASN J 225 31.30 50.25 1.65
N ARG J 226 32.08 49.17 1.55
CA ARG J 226 32.50 48.44 2.74
C ARG J 226 33.31 49.33 3.67
N LEU J 227 34.27 50.07 3.13
CA LEU J 227 35.08 50.95 3.96
C LEU J 227 34.27 52.13 4.48
N LEU J 228 33.26 52.57 3.72
CA LEU J 228 32.34 53.60 4.20
C LEU J 228 31.56 53.12 5.41
N ARG J 229 31.11 51.86 5.38
CA ARG J 229 30.40 51.31 6.54
C ARG J 229 31.35 51.02 7.69
N ARG J 230 32.62 50.73 7.40
CA ARG J 230 33.56 50.29 8.42
C ARG J 230 34.33 51.44 9.07
N VAL J 231 34.34 52.62 8.46
CA VAL J 231 34.86 53.81 9.15
C VAL J 231 33.96 54.14 10.33
N ARG J 232 32.65 53.94 10.18
CA ARG J 232 31.71 54.13 11.27
C ARG J 232 31.98 53.21 12.45
N ASP J 233 32.60 52.05 12.20
CA ASP J 233 32.92 51.12 13.29
C ASP J 233 33.90 51.76 14.28
N PHE J 234 34.92 52.47 13.77
CA PHE J 234 35.83 53.13 14.68
C PHE J 234 35.17 54.33 15.34
N ALA J 235 34.24 54.99 14.64
CA ALA J 235 33.51 56.10 15.25
C ALA J 235 32.64 55.64 16.40
N GLU J 236 32.12 54.41 16.34
CA GLU J 236 31.28 53.91 17.41
C GLU J 236 32.01 53.04 18.43
N VAL J 237 33.28 52.67 18.18
CA VAL J 237 34.01 51.96 19.23
C VAL J 237 34.59 52.95 20.25
N ARG J 238 34.92 54.16 19.82
CA ARG J 238 35.61 55.13 20.65
C ARG J 238 34.99 56.50 20.43
N GLY J 239 34.74 57.23 21.51
CA GLY J 239 34.01 58.48 21.43
C GLY J 239 34.84 59.70 21.09
N GLN J 240 36.17 59.57 21.08
CA GLN J 240 37.01 60.72 20.79
C GLN J 240 36.90 61.16 19.33
N GLY J 241 36.70 60.21 18.43
CA GLY J 241 36.55 60.52 17.02
C GLY J 241 37.78 61.10 16.36
N ASP J 242 38.96 60.66 16.80
CA ASP J 242 40.20 61.08 16.16
C ASP J 242 40.34 60.40 14.80
N ILE J 243 41.01 61.09 13.87
CA ILE J 243 41.23 60.58 12.52
C ILE J 243 42.73 60.64 12.23
N THR J 244 43.40 59.49 12.32
CA THR J 244 44.80 59.36 11.95
C THR J 244 44.92 58.25 10.91
N ARG J 245 46.14 58.02 10.45
CA ARG J 245 46.37 57.03 9.40
C ARG J 245 46.18 55.61 9.93
N VAL J 246 46.73 55.32 11.11
CA VAL J 246 46.47 54.04 11.76
C VAL J 246 44.99 53.92 12.11
N ILE J 247 44.34 55.04 12.44
CA ILE J 247 42.91 55.03 12.69
C ILE J 247 42.14 54.73 11.40
N ALA J 248 42.60 55.30 10.27
CA ALA J 248 41.96 55.00 8.99
C ALA J 248 42.12 53.53 8.62
N ASP J 249 43.28 52.94 8.90
CA ASP J 249 43.49 51.52 8.65
C ASP J 249 42.91 50.62 9.74
N LYS J 250 42.43 51.19 10.84
CA LYS J 250 41.87 50.39 11.94
C LYS J 250 40.64 49.60 11.50
N ALA J 251 39.92 50.07 10.48
CA ALA J 251 38.81 49.30 9.93
C ALA J 251 39.30 47.96 9.39
N LEU J 252 40.43 47.98 8.70
CA LEU J 252 41.18 46.77 8.33
C LEU J 252 42.61 47.01 8.79
N ASN J 253 42.91 46.55 10.01
CA ASN J 253 44.10 46.95 10.75
C ASN J 253 45.38 46.68 9.97
N LEU J 254 45.53 45.47 9.45
CA LEU J 254 46.71 45.16 8.65
C LEU J 254 46.64 45.90 7.32
N LEU J 255 47.79 46.45 6.90
CA LEU J 255 47.83 47.20 5.65
C LEU J 255 47.62 46.28 4.45
N ASP J 256 48.00 45.01 4.57
CA ASP J 256 47.77 43.95 3.59
C ASP J 256 48.40 44.24 2.22
N VAL J 257 49.20 45.30 2.09
CA VAL J 257 49.82 45.66 0.83
C VAL J 257 50.94 46.65 1.14
N ASP J 258 51.89 46.76 0.21
CA ASP J 258 52.79 47.91 0.24
C ASP J 258 52.01 49.21 0.09
N GLU J 259 51.38 49.41 -1.07
CA GLU J 259 50.60 50.61 -1.36
C GLU J 259 49.50 50.27 -2.35
N ARG J 260 48.54 51.18 -2.45
CA ARG J 260 47.61 51.30 -3.59
C ARG J 260 46.70 50.07 -3.74
N GLY J 261 45.84 49.88 -2.74
CA GLY J 261 44.61 49.13 -2.95
C GLY J 261 44.56 47.64 -2.64
N PHE J 262 45.61 46.91 -2.99
CA PHE J 262 45.55 45.46 -2.98
C PHE J 262 45.43 44.91 -1.55
N ASP J 263 45.13 43.62 -1.45
CA ASP J 263 44.79 42.99 -0.17
C ASP J 263 45.76 41.86 0.14
N HIS J 264 45.45 41.11 1.21
CA HIS J 264 46.30 40.00 1.64
C HIS J 264 46.38 38.91 0.59
N LEU J 265 45.28 38.70 -0.15
CA LEU J 265 45.31 37.72 -1.24
C LEU J 265 46.30 38.13 -2.32
N ASP J 266 46.34 39.43 -2.66
CA ASP J 266 47.32 39.89 -3.63
C ASP J 266 48.73 39.83 -3.08
N ARG J 267 48.91 39.99 -1.77
CA ARG J 267 50.23 39.75 -1.19
C ARG J 267 50.61 38.27 -1.29
N ARG J 268 49.64 37.36 -1.16
CA ARG J 268 49.93 35.95 -1.39
C ARG J 268 50.34 35.71 -2.84
N LEU J 269 49.67 36.36 -3.78
CA LEU J 269 50.08 36.30 -5.19
C LEU J 269 51.51 36.78 -5.36
N LEU J 270 51.85 37.92 -4.76
CA LEU J 270 53.20 38.47 -4.87
C LEU J 270 54.24 37.54 -4.26
N LEU J 271 53.93 36.96 -3.10
CA LEU J 271 54.87 36.07 -2.43
C LEU J 271 55.10 34.80 -3.23
N THR J 272 54.04 34.17 -3.71
CA THR J 272 54.20 32.96 -4.51
C THR J 272 54.71 33.25 -5.91
N MET J 273 54.72 34.52 -6.33
CA MET J 273 55.25 34.85 -7.65
C MET J 273 56.73 35.18 -7.58
N ILE J 274 57.16 35.80 -6.48
CA ILE J 274 58.56 36.22 -6.34
C ILE J 274 59.39 35.11 -5.70
N ASP J 275 58.93 34.58 -4.57
CA ASP J 275 59.72 33.58 -3.85
C ASP J 275 59.74 32.25 -4.60
N LYS J 276 58.63 31.90 -5.27
CA LYS J 276 58.50 30.60 -5.93
C LYS J 276 58.72 30.73 -7.44
N PHE J 277 57.95 31.57 -8.11
CA PHE J 277 57.98 31.68 -9.57
C PHE J 277 59.05 32.65 -10.06
N ASP J 278 59.72 33.38 -9.16
CA ASP J 278 60.82 34.30 -9.45
C ASP J 278 60.42 35.44 -10.37
N GLY J 279 59.13 35.68 -10.58
CA GLY J 279 58.68 36.79 -11.39
C GLY J 279 58.76 36.58 -12.89
N GLY J 280 59.19 35.40 -13.35
CA GLY J 280 59.33 35.14 -14.76
C GLY J 280 58.12 34.48 -15.36
N PRO J 281 58.32 33.68 -16.41
CA PRO J 281 57.19 32.94 -16.99
C PRO J 281 56.68 31.87 -16.04
N VAL J 282 55.38 31.63 -16.09
CA VAL J 282 54.74 30.63 -15.25
C VAL J 282 53.48 30.14 -15.96
N GLY J 283 53.23 28.83 -15.88
CA GLY J 283 52.01 28.29 -16.46
C GLY J 283 50.77 28.89 -15.83
N ILE J 284 49.80 29.24 -16.68
CA ILE J 284 48.56 29.84 -16.20
C ILE J 284 47.79 28.84 -15.34
N ASP J 285 47.68 27.59 -15.80
CA ASP J 285 47.11 26.55 -14.97
C ASP J 285 47.99 26.27 -13.76
N ASN J 286 49.31 26.36 -13.95
CA ASN J 286 50.22 26.24 -12.81
C ASN J 286 50.01 27.36 -11.80
N LEU J 287 49.77 28.58 -12.30
CA LEU J 287 49.49 29.71 -11.42
C LEU J 287 48.19 29.48 -10.65
N ALA J 288 47.16 28.99 -11.35
CA ALA J 288 45.87 28.73 -10.71
C ALA J 288 45.99 27.63 -9.65
N ALA J 289 46.76 26.58 -9.95
CA ALA J 289 46.99 25.51 -8.97
C ALA J 289 47.76 26.04 -7.76
N ALA J 290 48.79 26.85 -8.01
CA ALA J 290 49.61 27.37 -6.92
C ALA J 290 48.82 28.31 -6.02
N LEU J 291 47.89 29.08 -6.58
CA LEU J 291 47.08 29.96 -5.74
C LEU J 291 45.88 29.26 -5.13
N SER J 292 45.61 28.00 -5.50
CA SER J 292 44.49 27.21 -4.99
C SER J 292 43.15 27.93 -5.20
N GLU J 293 43.02 28.61 -6.34
CA GLU J 293 41.84 29.39 -6.64
C GLU J 293 41.50 29.21 -8.12
N GLU J 294 40.26 29.55 -8.45
CA GLU J 294 39.81 29.45 -9.84
C GLU J 294 40.56 30.46 -10.71
N ARG J 295 41.05 29.98 -11.86
CA ARG J 295 41.77 30.84 -12.78
C ARG J 295 40.87 31.92 -13.35
N HIS J 296 39.62 31.58 -13.66
CA HIS J 296 38.66 32.56 -14.15
C HIS J 296 38.37 33.62 -13.09
N THR J 297 38.22 33.20 -11.82
CA THR J 297 37.96 34.16 -10.75
C THR J 297 39.12 35.13 -10.58
N ILE J 298 40.36 34.62 -10.62
CA ILE J 298 41.52 35.48 -10.49
C ILE J 298 41.61 36.45 -11.66
N GLU J 299 41.49 35.93 -12.89
CA GLU J 299 41.59 36.76 -14.08
C GLU J 299 40.40 37.69 -14.27
N ASP J 300 39.33 37.52 -13.51
CA ASP J 300 38.21 38.44 -13.55
C ASP J 300 38.23 39.46 -12.41
N VAL J 301 38.85 39.15 -11.27
CA VAL J 301 38.85 40.02 -10.11
C VAL J 301 40.21 40.69 -9.91
N LEU J 302 41.26 39.89 -9.70
CA LEU J 302 42.54 40.44 -9.27
C LEU J 302 43.41 40.89 -10.44
N GLU J 303 43.52 40.05 -11.47
CA GLU J 303 44.43 40.33 -12.59
C GLU J 303 44.12 41.61 -13.35
N PRO J 304 42.87 41.93 -13.72
CA PRO J 304 42.65 43.17 -14.49
C PRO J 304 43.05 44.46 -13.77
N TYR J 305 42.87 44.54 -12.45
CA TYR J 305 43.25 45.75 -11.74
C TYR J 305 44.77 45.92 -11.70
N LEU J 306 45.49 44.86 -11.36
CA LEU J 306 46.95 44.96 -11.31
C LEU J 306 47.55 45.13 -12.70
N ILE J 307 46.89 44.60 -13.73
CA ILE J 307 47.30 44.85 -15.11
C ILE J 307 47.09 46.32 -15.45
N GLN J 308 45.94 46.87 -15.08
CA GLN J 308 45.70 48.30 -15.25
C GLN J 308 46.68 49.13 -14.44
N GLN J 309 46.94 48.71 -13.19
CA GLN J 309 47.94 49.39 -12.36
C GLN J 309 49.35 49.13 -12.85
N GLY J 310 49.55 48.15 -13.74
CA GLY J 310 50.86 47.87 -14.28
C GLY J 310 51.68 46.96 -13.40
N TYR J 311 51.12 45.82 -13.01
CA TYR J 311 51.83 44.85 -12.19
C TYR J 311 52.12 43.54 -12.92
N ILE J 312 51.40 43.23 -14.00
CA ILE J 312 51.67 42.09 -14.86
C ILE J 312 51.43 42.52 -16.30
N MET J 313 52.39 42.26 -17.18
CA MET J 313 52.14 42.34 -18.62
C MET J 313 51.73 40.95 -19.08
N ARG J 314 50.74 40.90 -19.97
CA ARG J 314 50.18 39.63 -20.40
C ARG J 314 50.99 39.06 -21.56
N THR J 315 51.49 37.84 -21.37
CA THR J 315 52.18 37.10 -22.41
C THR J 315 51.58 35.70 -22.51
N PRO J 316 51.43 35.17 -23.73
CA PRO J 316 50.85 33.82 -23.88
C PRO J 316 51.69 32.72 -23.27
N ARG J 317 53.02 32.88 -23.21
CA ARG J 317 53.87 31.84 -22.65
C ARG J 317 53.77 31.76 -21.13
N GLY J 318 53.57 32.90 -20.47
CA GLY J 318 53.47 32.89 -19.02
C GLY J 318 53.02 34.23 -18.49
N ARG J 319 52.68 34.24 -17.21
CA ARG J 319 52.30 35.46 -16.51
C ARG J 319 53.55 36.06 -15.90
N VAL J 320 54.02 37.16 -16.48
CA VAL J 320 55.23 37.84 -16.03
C VAL J 320 54.83 39.14 -15.36
N VAL J 321 55.44 39.44 -14.22
CA VAL J 321 55.14 40.66 -13.48
C VAL J 321 55.97 41.81 -14.01
N THR J 322 55.48 43.03 -13.82
CA THR J 322 56.18 44.23 -14.27
C THR J 322 57.20 44.66 -13.21
N ARG J 323 57.75 45.87 -13.39
CA ARG J 323 58.75 46.38 -12.46
C ARG J 323 58.13 46.81 -11.14
N HIS J 324 56.83 47.13 -11.14
CA HIS J 324 56.15 47.55 -9.92
C HIS J 324 56.16 46.44 -8.87
N ALA J 325 55.91 45.20 -9.30
CA ALA J 325 55.90 44.07 -8.38
C ALA J 325 57.27 43.86 -7.73
N TYR J 326 58.34 44.04 -8.52
CA TYR J 326 59.68 43.91 -7.95
C TYR J 326 60.02 45.07 -7.02
N LEU J 327 59.62 46.30 -7.40
CA LEU J 327 60.02 47.47 -6.62
C LEU J 327 59.26 47.59 -5.31
N HIS J 328 57.97 47.25 -5.30
CA HIS J 328 57.23 47.29 -4.04
C HIS J 328 57.74 46.25 -3.06
N PHE J 329 58.09 45.06 -3.54
CA PHE J 329 58.67 44.04 -2.67
C PHE J 329 60.07 44.40 -2.21
N GLY J 330 60.79 45.24 -2.95
CA GLY J 330 62.09 45.71 -2.54
C GLY J 330 63.29 44.95 -3.06
N LEU J 331 63.10 44.07 -4.05
CA LEU J 331 64.21 43.33 -4.64
C LEU J 331 64.55 43.90 -6.01
N ASN J 332 65.73 43.55 -6.49
CA ASN J 332 66.17 43.97 -7.80
C ASN J 332 65.39 43.23 -8.89
N ILE J 333 65.20 43.90 -10.02
CA ILE J 333 64.47 43.33 -11.15
C ILE J 333 65.34 42.28 -11.82
N PRO J 334 64.89 41.03 -11.93
CA PRO J 334 65.66 39.94 -12.57
C PRO J 334 65.86 40.17 -14.07
N ARG K 22 28.82 19.90 31.76
CA ARG K 22 30.23 19.79 32.10
C ARG K 22 31.08 19.87 30.84
N ALA K 23 31.41 21.10 30.43
CA ALA K 23 32.16 21.33 29.21
C ALA K 23 33.43 22.12 29.49
N ILE K 24 34.53 21.68 28.88
CA ILE K 24 35.79 22.43 28.92
C ILE K 24 35.71 23.75 28.18
N ARG K 25 34.79 23.86 27.20
CA ARG K 25 34.70 24.86 26.14
C ARG K 25 35.01 26.28 26.61
N PRO K 26 35.89 27.00 25.91
CA PRO K 26 36.20 28.38 26.30
C PRO K 26 35.03 29.31 26.04
N LEU K 27 34.47 29.84 27.12
CA LEU K 27 33.31 30.72 27.08
C LEU K 27 33.72 32.19 27.11
N LYS K 28 34.96 32.47 26.70
CA LYS K 28 35.51 33.82 26.80
C LYS K 28 36.12 34.24 25.47
N LEU K 29 36.06 35.56 25.21
CA LEU K 29 36.70 36.12 24.03
C LEU K 29 38.21 36.03 24.10
N ALA K 30 38.80 36.39 25.24
CA ALA K 30 40.25 36.45 25.39
C ALA K 30 40.90 35.07 25.41
N ASP K 31 40.12 34.00 25.50
CA ASP K 31 40.68 32.65 25.44
C ASP K 31 41.34 32.38 24.09
N TYR K 32 40.72 32.89 23.01
CA TYR K 32 41.26 32.72 21.67
C TYR K 32 42.09 33.95 21.28
N ILE K 33 43.10 34.23 22.12
CA ILE K 33 43.91 35.43 21.95
C ILE K 33 44.84 35.33 20.74
N GLY K 34 44.96 34.15 20.13
CA GLY K 34 45.76 33.99 18.93
C GLY K 34 45.18 34.74 17.75
N GLN K 35 46.06 34.97 16.77
CA GLN K 35 45.84 35.87 15.64
C GLN K 35 45.41 37.22 16.21
N PRO K 36 46.30 37.94 16.90
CA PRO K 36 45.87 39.14 17.65
C PRO K 36 45.31 40.24 16.77
N SER K 37 45.83 40.40 15.56
CA SER K 37 45.26 41.37 14.63
C SER K 37 43.86 40.95 14.21
N VAL K 38 43.67 39.67 13.88
CA VAL K 38 42.36 39.18 13.47
C VAL K 38 41.37 39.23 14.64
N ARG K 39 41.81 38.82 15.83
CA ARG K 39 40.94 38.90 17.00
C ARG K 39 40.57 40.35 17.32
N GLU K 40 41.53 41.27 17.17
CA GLU K 40 41.22 42.68 17.41
C GLU K 40 40.27 43.20 16.34
N GLN K 41 40.34 42.64 15.14
CA GLN K 41 39.40 43.03 14.08
C GLN K 41 37.99 42.60 14.45
N MET K 42 37.82 41.35 14.91
CA MET K 42 36.49 40.96 15.38
C MET K 42 36.10 41.71 16.64
N GLU K 43 37.05 42.16 17.46
CA GLU K 43 36.70 43.00 18.60
C GLU K 43 36.14 44.34 18.15
N LEU K 44 36.75 44.93 17.12
CA LEU K 44 36.20 46.16 16.55
C LEU K 44 34.80 45.92 15.99
N PHE K 45 34.59 44.78 15.32
CA PHE K 45 33.26 44.45 14.83
C PHE K 45 32.27 44.22 15.98
N ILE K 46 32.74 43.62 17.08
CA ILE K 46 31.90 43.38 18.25
C ILE K 46 31.42 44.70 18.84
N HIS K 47 32.34 45.64 19.02
CA HIS K 47 31.95 46.93 19.59
C HIS K 47 31.17 47.78 18.59
N ALA K 48 31.36 47.55 17.29
CA ALA K 48 30.51 48.19 16.30
C ALA K 48 29.08 47.65 16.38
N ALA K 49 28.94 46.34 16.58
CA ALA K 49 27.61 45.75 16.75
C ALA K 49 26.96 46.25 18.02
N ARG K 50 27.74 46.38 19.11
CA ARG K 50 27.20 46.92 20.35
C ARG K 50 26.81 48.39 20.18
N GLY K 51 27.54 49.12 19.35
CA GLY K 51 27.24 50.53 19.12
C GLY K 51 26.19 50.79 18.07
N ARG K 52 26.11 49.95 17.04
CA ARG K 52 25.07 50.12 16.02
C ARG K 52 23.68 49.87 16.58
N GLN K 53 23.51 48.76 17.31
CA GLN K 53 22.20 48.28 17.78
C GLN K 53 21.21 48.17 16.62
N GLU K 54 21.72 47.73 15.47
CA GLU K 54 20.95 47.63 14.24
C GLU K 54 21.29 46.30 13.57
N ALA K 55 20.86 46.16 12.32
CA ALA K 55 21.20 44.97 11.55
C ALA K 55 22.67 45.02 11.13
N LEU K 56 23.42 43.99 11.49
CA LEU K 56 24.82 43.91 11.09
C LEU K 56 24.94 43.53 9.63
N ASP K 57 26.14 43.75 9.08
CA ASP K 57 26.49 43.14 7.81
C ASP K 57 26.58 41.63 7.98
N HIS K 58 26.26 40.91 6.92
CA HIS K 58 26.23 39.45 7.02
C HIS K 58 27.64 38.89 6.94
N THR K 59 27.96 37.97 7.84
CA THR K 59 29.31 37.53 8.13
C THR K 59 29.59 36.22 7.40
N LEU K 60 30.78 36.13 6.80
CA LEU K 60 31.26 34.90 6.16
C LEU K 60 32.73 34.73 6.48
N ILE K 61 33.04 33.90 7.47
CA ILE K 61 34.42 33.64 7.90
C ILE K 61 34.92 32.40 7.17
N PHE K 62 36.14 32.48 6.64
CA PHE K 62 36.78 31.36 5.96
C PHE K 62 38.05 30.97 6.69
N GLY K 63 38.18 29.68 7.00
CA GLY K 63 39.32 29.18 7.74
C GLY K 63 39.29 27.68 7.93
N PRO K 64 40.47 27.06 7.92
CA PRO K 64 40.57 25.60 8.10
C PRO K 64 40.08 25.18 9.47
N PRO K 65 39.59 23.94 9.62
CA PRO K 65 39.00 23.54 10.90
C PRO K 65 40.02 23.17 11.95
N GLY K 66 39.54 22.76 13.12
CA GLY K 66 40.39 22.54 14.27
C GLY K 66 40.59 23.77 15.13
N LEU K 67 40.25 24.95 14.62
CA LEU K 67 40.42 26.21 15.34
C LEU K 67 39.21 26.59 16.18
N GLY K 68 38.12 25.82 16.10
CA GLY K 68 36.92 26.15 16.85
C GLY K 68 36.15 27.30 16.25
N LYS K 69 35.74 27.16 14.98
CA LYS K 69 34.94 28.20 14.34
C LYS K 69 33.53 28.24 14.93
N THR K 70 32.96 27.09 15.30
CA THR K 70 31.72 27.07 16.06
C THR K 70 31.91 27.70 17.43
N THR K 71 33.07 27.43 18.05
CA THR K 71 33.43 28.08 19.30
C THR K 71 33.50 29.60 19.13
N LEU K 72 34.11 30.05 18.02
CA LEU K 72 34.17 31.48 17.74
C LEU K 72 32.79 32.09 17.55
N ALA K 73 31.90 31.38 16.84
CA ALA K 73 30.55 31.90 16.61
C ALA K 73 29.76 31.98 17.91
N ASN K 74 29.87 30.97 18.77
CA ASN K 74 29.14 31.01 20.03
C ASN K 74 29.74 32.04 20.98
N ILE K 75 31.06 32.27 20.89
CA ILE K 75 31.67 33.37 21.66
C ILE K 75 31.14 34.72 21.17
N ILE K 76 30.99 34.87 19.85
CA ILE K 76 30.41 36.08 19.28
C ILE K 76 29.00 36.28 19.81
N ALA K 77 28.22 35.20 19.86
CA ALA K 77 26.85 35.28 20.36
C ALA K 77 26.82 35.64 21.84
N GLN K 78 27.70 35.03 22.65
CA GLN K 78 27.74 35.33 24.08
C GLN K 78 28.12 36.78 24.32
N GLU K 79 29.06 37.31 23.53
CA GLU K 79 29.43 38.72 23.67
C GLU K 79 28.31 39.63 23.20
N MET K 80 27.56 39.23 22.17
CA MET K 80 26.38 39.98 21.77
C MET K 80 25.25 39.87 22.78
N GLY K 81 25.31 38.90 23.69
CA GLY K 81 24.20 38.64 24.58
C GLY K 81 22.98 38.11 23.87
N VAL K 82 23.18 37.29 22.83
CA VAL K 82 22.10 36.76 22.00
C VAL K 82 22.22 35.25 21.95
N SER K 83 21.08 34.61 21.69
CA SER K 83 21.04 33.16 21.55
C SER K 83 21.50 32.74 20.16
N ILE K 84 22.23 31.63 20.09
CA ILE K 84 22.80 31.13 18.84
C ILE K 84 22.25 29.74 18.57
N LYS K 85 21.88 29.51 17.32
CA LYS K 85 21.52 28.19 16.82
C LYS K 85 22.63 27.69 15.93
N SER K 86 23.01 26.42 16.09
CA SER K 86 24.12 25.83 15.35
C SER K 86 23.59 24.93 14.25
N THR K 87 23.77 25.36 13.01
CA THR K 87 23.41 24.56 11.84
C THR K 87 24.55 24.66 10.83
N SER K 88 24.38 24.01 9.68
CA SER K 88 25.41 24.03 8.65
C SER K 88 24.76 23.89 7.29
N GLY K 89 25.51 24.28 6.26
CA GLY K 89 25.11 24.12 4.88
C GLY K 89 24.81 22.68 4.48
N PRO K 90 25.67 21.72 4.85
CA PRO K 90 25.33 20.31 4.64
C PRO K 90 24.04 19.88 5.30
N VAL K 91 23.67 20.46 6.44
CA VAL K 91 22.41 20.10 7.09
C VAL K 91 21.22 20.51 6.24
N LEU K 92 21.24 21.74 5.74
CA LEU K 92 20.08 22.27 5.01
C LEU K 92 20.04 21.69 3.60
N GLU K 93 18.83 21.42 3.12
CA GLU K 93 18.62 20.92 1.77
C GLU K 93 17.48 21.60 1.02
N ARG K 94 16.57 22.29 1.71
CA ARG K 94 15.37 22.85 1.09
C ARG K 94 15.19 24.29 1.57
N PRO K 95 14.69 25.18 0.71
CA PRO K 95 14.37 26.54 1.16
C PRO K 95 13.32 26.59 2.25
N GLY K 96 12.43 25.59 2.35
CA GLY K 96 11.50 25.55 3.45
C GLY K 96 12.18 25.33 4.79
N ASP K 97 13.24 24.51 4.80
CA ASP K 97 14.05 24.36 6.00
C ASP K 97 14.73 25.67 6.37
N LEU K 98 15.19 26.42 5.36
CA LEU K 98 15.76 27.73 5.60
C LEU K 98 14.73 28.68 6.21
N ALA K 99 13.50 28.65 5.70
CA ALA K 99 12.44 29.48 6.25
C ALA K 99 12.13 29.10 7.69
N ALA K 100 12.11 27.80 7.98
CA ALA K 100 11.89 27.34 9.35
C ALA K 100 13.00 27.82 10.28
N LEU K 101 14.25 27.71 9.84
CA LEU K 101 15.37 28.16 10.66
C LEU K 101 15.33 29.67 10.89
N LEU K 102 14.93 30.43 9.87
CA LEU K 102 14.80 31.87 10.03
C LEU K 102 13.67 32.22 11.00
N THR K 103 12.55 31.49 10.94
CA THR K 103 11.43 31.76 11.83
C THR K 103 11.74 31.42 13.28
N ASN K 104 12.49 30.33 13.53
CA ASN K 104 12.81 29.95 14.91
C ASN K 104 13.65 31.02 15.60
N LEU K 105 14.54 31.66 14.85
CA LEU K 105 15.28 32.79 15.39
C LEU K 105 14.36 33.98 15.59
N GLU K 106 14.71 34.83 16.56
CA GLU K 106 13.90 36.00 16.89
C GLU K 106 14.74 37.27 16.82
N ALA K 107 14.17 38.38 17.28
CA ALA K 107 14.97 39.59 17.42
C ALA K 107 16.01 39.40 18.51
N GLY K 108 17.22 39.90 18.25
CA GLY K 108 18.33 39.65 19.15
C GLY K 108 18.74 38.20 19.19
N ASP K 109 18.83 37.57 18.02
CA ASP K 109 19.33 36.21 17.85
C ASP K 109 20.46 36.21 16.83
N VAL K 110 21.03 35.04 16.59
CA VAL K 110 22.08 34.88 15.59
C VAL K 110 22.08 33.41 15.16
N LEU K 111 22.45 33.17 13.91
CA LEU K 111 22.52 31.83 13.35
C LEU K 111 23.94 31.52 12.90
N PHE K 112 24.48 30.40 13.36
CA PHE K 112 25.76 29.89 12.91
C PHE K 112 25.52 28.91 11.77
N VAL K 113 26.14 29.18 10.62
CA VAL K 113 26.03 28.31 9.45
C VAL K 113 27.44 27.95 9.00
N ASP K 114 27.64 26.66 8.73
CA ASP K 114 28.94 26.14 8.34
C ASP K 114 28.84 25.54 6.94
N GLU K 115 29.87 25.80 6.13
CA GLU K 115 29.99 25.27 4.76
C GLU K 115 28.80 25.69 3.90
N ILE K 116 28.70 27.00 3.67
CA ILE K 116 27.72 27.56 2.76
C ILE K 116 28.10 27.25 1.31
N HIS K 117 29.32 26.72 1.10
CA HIS K 117 29.88 26.52 -0.24
C HIS K 117 28.99 25.66 -1.12
N ARG K 118 28.20 24.75 -0.54
CA ARG K 118 27.17 24.07 -1.33
C ARG K 118 25.82 24.65 -0.90
N LEU K 119 25.03 25.01 -1.90
CA LEU K 119 23.69 25.54 -1.67
C LEU K 119 22.90 25.49 -2.96
N SER K 120 21.61 25.20 -2.84
CA SER K 120 20.72 25.30 -3.98
C SER K 120 20.60 26.76 -4.40
N PRO K 121 20.54 27.04 -5.70
CA PRO K 121 20.39 28.44 -6.15
C PRO K 121 19.13 29.12 -5.62
N ILE K 122 18.03 28.37 -5.55
CA ILE K 122 16.77 28.92 -5.06
C ILE K 122 16.91 29.42 -3.63
N VAL K 123 17.69 28.72 -2.81
CA VAL K 123 18.00 29.20 -1.47
C VAL K 123 18.75 30.52 -1.54
N GLU K 124 19.62 30.67 -2.54
CA GLU K 124 20.38 31.92 -2.66
C GLU K 124 19.49 33.09 -3.06
N GLU K 125 18.59 32.92 -4.03
CA GLU K 125 17.70 34.02 -4.35
C GLU K 125 16.64 34.25 -3.27
N VAL K 126 16.37 33.25 -2.43
CA VAL K 126 15.53 33.50 -1.26
C VAL K 126 16.29 34.34 -0.24
N LEU K 127 17.58 34.04 -0.04
CA LEU K 127 18.40 34.75 0.94
C LEU K 127 18.80 36.14 0.49
N TYR K 128 18.73 36.43 -0.82
CA TYR K 128 19.12 37.76 -1.30
C TYR K 128 18.30 38.89 -0.68
N PRO K 129 16.96 38.87 -0.65
CA PRO K 129 16.27 39.89 0.14
C PRO K 129 16.31 39.64 1.64
N ALA K 130 16.50 38.38 2.06
CA ALA K 130 16.59 38.06 3.48
C ALA K 130 17.85 38.65 4.11
N MET K 131 18.86 38.96 3.30
CA MET K 131 20.02 39.69 3.81
C MET K 131 20.11 41.11 3.29
N GLU K 132 19.35 41.46 2.24
CA GLU K 132 19.19 42.85 1.87
C GLU K 132 18.44 43.61 2.97
N ASP K 133 17.18 43.24 3.21
CA ASP K 133 16.36 43.91 4.21
C ASP K 133 15.50 42.91 4.98
N PHE K 134 15.99 41.68 5.14
CA PHE K 134 15.28 40.58 5.80
C PHE K 134 13.95 40.27 5.13
N GLN K 135 13.83 40.55 3.83
CA GLN K 135 12.56 40.44 3.14
C GLN K 135 12.43 39.08 2.46
N LEU K 136 11.19 38.72 2.15
CA LEU K 136 10.88 37.53 1.36
C LEU K 136 9.81 37.92 0.35
N ASP K 137 10.13 37.81 -0.94
CA ASP K 137 9.23 38.23 -2.01
C ASP K 137 9.16 37.17 -3.10
N ILE K 138 9.13 35.91 -2.72
CA ILE K 138 9.08 34.83 -3.70
C ILE K 138 7.65 34.62 -4.18
N MET K 139 7.53 33.97 -5.34
CA MET K 139 6.23 33.69 -5.92
C MET K 139 5.52 32.61 -5.13
N ILE K 140 4.19 32.56 -5.27
CA ILE K 140 3.37 31.61 -4.53
C ILE K 140 3.55 30.18 -5.05
N ALA K 145 1.05 35.12 -10.65
CA ALA K 145 0.04 34.16 -10.19
C ALA K 145 -0.79 34.74 -9.06
N ALA K 146 -0.86 34.00 -7.96
CA ALA K 146 -1.61 34.43 -6.79
C ALA K 146 -0.73 35.31 -5.91
N ARG K 147 -1.18 35.54 -4.67
CA ARG K 147 -0.49 36.46 -3.77
C ARG K 147 0.89 35.94 -3.40
N SER K 148 1.91 36.78 -3.62
CA SER K 148 3.28 36.46 -3.24
C SER K 148 3.51 36.78 -1.78
N ILE K 149 4.56 36.16 -1.21
CA ILE K 149 4.91 36.42 0.18
C ILE K 149 5.53 37.80 0.31
N LYS K 150 5.31 38.43 1.46
CA LYS K 150 5.90 39.73 1.79
C LYS K 150 6.50 39.68 3.18
N LEU K 151 7.00 38.51 3.59
CA LEU K 151 7.48 38.33 4.96
C LEU K 151 8.79 39.06 5.17
N ASP K 152 8.84 39.88 6.22
CA ASP K 152 10.05 40.58 6.63
C ASP K 152 10.55 39.93 7.92
N LEU K 153 11.78 39.43 7.88
CA LEU K 153 12.32 38.71 9.02
C LEU K 153 12.73 39.68 10.12
N PRO K 154 12.77 39.23 11.37
CA PRO K 154 13.29 40.06 12.47
C PRO K 154 14.77 40.35 12.28
N PRO K 155 15.31 41.38 12.94
CA PRO K 155 16.73 41.66 12.79
C PRO K 155 17.62 40.66 13.51
N PHE K 156 18.25 39.78 12.74
CA PHE K 156 19.28 38.88 13.26
C PHE K 156 20.30 38.63 12.16
N THR K 157 21.56 38.49 12.56
CA THR K 157 22.68 38.42 11.62
C THR K 157 22.98 36.97 11.28
N LEU K 158 23.11 36.69 9.98
CA LEU K 158 23.56 35.39 9.53
C LEU K 158 25.08 35.36 9.49
N VAL K 159 25.67 34.40 10.20
CA VAL K 159 27.12 34.29 10.35
C VAL K 159 27.58 33.07 9.57
N GLY K 160 28.53 33.27 8.66
CA GLY K 160 29.06 32.20 7.84
C GLY K 160 30.44 31.79 8.31
N ALA K 161 30.66 30.48 8.38
CA ALA K 161 31.90 29.91 8.87
C ALA K 161 32.39 28.81 7.95
N THR K 162 32.47 29.10 6.65
CA THR K 162 33.02 28.14 5.70
C THR K 162 34.51 27.95 5.93
N THR K 163 35.08 26.94 5.29
CA THR K 163 36.54 26.77 5.33
C THR K 163 37.22 27.58 4.24
N ARG K 164 36.81 27.40 2.99
CA ARG K 164 37.36 28.13 1.87
C ARG K 164 36.24 28.88 1.16
N ALA K 165 36.46 30.17 0.93
CA ALA K 165 35.49 30.97 0.19
C ALA K 165 35.70 30.92 -1.31
N GLY K 166 36.76 30.25 -1.78
CA GLY K 166 36.99 30.18 -3.21
C GLY K 166 35.97 29.33 -3.94
N MET K 167 35.57 28.21 -3.34
CA MET K 167 34.64 27.30 -4.02
C MET K 167 33.21 27.83 -4.05
N LEU K 168 32.82 28.65 -3.08
CA LEU K 168 31.47 29.17 -3.05
C LEU K 168 31.30 30.29 -4.08
N THR K 169 30.05 30.69 -4.29
CA THR K 169 29.72 31.62 -5.37
C THR K 169 30.25 33.02 -5.06
N ASN K 170 30.84 33.65 -6.07
CA ASN K 170 31.34 35.01 -5.93
C ASN K 170 30.27 36.05 -5.56
N PRO K 171 29.04 36.02 -6.11
CA PRO K 171 28.03 36.99 -5.63
C PRO K 171 27.74 36.89 -4.15
N LEU K 172 27.71 35.67 -3.59
CA LEU K 172 27.48 35.54 -2.15
C LEU K 172 28.67 36.09 -1.36
N ARG K 173 29.90 35.79 -1.80
CA ARG K 173 31.08 36.29 -1.10
C ARG K 173 31.14 37.81 -1.12
N ASP K 174 30.80 38.41 -2.27
CA ASP K 174 30.73 39.87 -2.34
C ASP K 174 29.61 40.42 -1.48
N ARG K 175 28.47 39.73 -1.43
CA ARG K 175 27.31 40.23 -0.71
C ARG K 175 27.48 40.09 0.80
N PHE K 176 28.22 39.07 1.26
CA PHE K 176 28.55 38.97 2.67
C PHE K 176 29.50 40.10 3.08
N GLY K 177 29.20 40.72 4.21
CA GLY K 177 29.98 41.84 4.67
C GLY K 177 31.30 41.46 5.33
N ILE K 178 31.23 40.74 6.44
CA ILE K 178 32.41 40.39 7.21
C ILE K 178 33.07 39.15 6.59
N VAL K 179 34.33 39.29 6.20
CA VAL K 179 35.15 38.19 5.73
C VAL K 179 36.49 38.26 6.44
N GLN K 180 36.96 37.12 6.95
CA GLN K 180 38.21 37.08 7.71
C GLN K 180 38.94 35.77 7.44
N ARG K 181 40.26 35.83 7.55
CA ARG K 181 41.13 34.68 7.38
C ARG K 181 41.43 34.09 8.76
N LEU K 182 40.97 32.86 8.99
CA LEU K 182 41.30 32.11 10.19
C LEU K 182 42.50 31.23 9.88
N GLU K 183 43.56 31.37 10.68
CA GLU K 183 44.81 30.66 10.44
C GLU K 183 45.13 29.76 11.63
N PHE K 184 46.03 28.81 11.38
CA PHE K 184 46.55 27.97 12.45
C PHE K 184 47.30 28.82 13.47
N TYR K 185 47.12 28.50 14.73
CA TYR K 185 47.68 29.31 15.81
C TYR K 185 49.16 29.02 16.00
N ASN K 186 49.89 30.06 16.41
CA ASN K 186 51.33 29.93 16.61
C ASN K 186 51.61 29.20 17.91
N VAL K 187 52.90 29.02 18.20
CA VAL K 187 53.33 28.13 19.29
C VAL K 187 52.95 28.70 20.66
N GLU K 188 53.04 30.03 20.82
CA GLU K 188 52.78 30.61 22.14
C GLU K 188 51.29 30.59 22.47
N ASP K 189 50.43 30.87 21.49
CA ASP K 189 48.99 30.79 21.71
C ASP K 189 48.53 29.36 21.99
N LEU K 190 49.04 28.40 21.24
CA LEU K 190 48.64 27.02 21.48
C LEU K 190 49.17 26.52 22.81
N ALA K 191 50.36 26.96 23.21
CA ALA K 191 50.86 26.61 24.54
C ALA K 191 50.02 27.23 25.64
N THR K 192 49.58 28.48 25.45
CA THR K 192 48.70 29.12 26.42
C THR K 192 47.36 28.39 26.51
N ILE K 193 46.81 27.97 25.35
CA ILE K 193 45.55 27.23 25.34
C ILE K 193 45.72 25.88 26.05
N VAL K 194 46.85 25.21 25.82
CA VAL K 194 47.13 23.96 26.51
C VAL K 194 47.20 24.18 28.02
N SER K 195 47.88 25.24 28.45
CA SER K 195 48.02 25.51 29.87
C SER K 195 46.66 25.82 30.51
N ARG K 196 45.84 26.64 29.86
CA ARG K 196 44.55 27.00 30.45
C ARG K 196 43.56 25.83 30.40
N SER K 197 43.62 25.00 29.36
CA SER K 197 42.74 23.83 29.31
C SER K 197 43.15 22.80 30.35
N ALA K 198 44.45 22.64 30.59
CA ALA K 198 44.90 21.81 31.70
C ALA K 198 44.45 22.39 33.04
N GLY K 199 44.45 23.72 33.16
CA GLY K 199 43.93 24.34 34.36
C GLY K 199 42.44 24.08 34.55
N ILE K 200 41.69 23.99 33.45
CA ILE K 200 40.28 23.61 33.54
C ILE K 200 40.13 22.19 34.08
N LEU K 201 40.95 21.27 33.59
CA LEU K 201 40.90 19.88 34.06
C LEU K 201 41.66 19.66 35.36
N GLY K 202 42.32 20.69 35.89
CA GLY K 202 43.07 20.56 37.12
C GLY K 202 44.47 20.01 36.97
N LEU K 203 44.95 19.85 35.74
CA LEU K 203 46.31 19.37 35.51
C LEU K 203 47.22 20.54 35.16
N GLU K 204 48.52 20.24 35.09
CA GLU K 204 49.53 21.23 34.75
C GLU K 204 50.44 20.69 33.66
N ILE K 205 50.92 21.59 32.81
CA ILE K 205 51.76 21.24 31.67
C ILE K 205 53.10 21.96 31.82
N GLU K 206 54.18 21.25 31.52
CA GLU K 206 55.49 21.91 31.47
C GLU K 206 55.52 22.88 30.27
N PRO K 207 56.13 24.05 30.44
CA PRO K 207 56.20 25.00 29.30
C PRO K 207 56.90 24.44 28.08
N GLN K 208 57.91 23.59 28.26
CA GLN K 208 58.59 22.99 27.10
C GLN K 208 57.71 21.95 26.43
N GLY K 209 57.05 21.10 27.21
CA GLY K 209 56.10 20.15 26.63
C GLY K 209 54.91 20.86 26.00
N ALA K 210 54.43 21.92 26.64
CA ALA K 210 53.37 22.73 26.04
C ALA K 210 53.82 23.34 24.73
N ALA K 211 55.07 23.82 24.67
CA ALA K 211 55.59 24.40 23.44
C ALA K 211 55.70 23.37 22.33
N GLU K 212 56.17 22.16 22.65
CA GLU K 212 56.35 21.16 21.59
C GLU K 212 55.00 20.64 21.09
N ILE K 213 54.03 20.41 22.00
CA ILE K 213 52.70 20.01 21.54
C ILE K 213 51.92 21.20 20.99
N ALA K 214 52.42 22.42 21.17
CA ALA K 214 51.81 23.60 20.60
C ALA K 214 52.25 23.83 19.16
N LYS K 215 53.55 23.74 18.91
CA LYS K 215 54.07 23.74 17.55
C LYS K 215 53.65 22.48 16.79
N ARG K 216 53.32 21.41 17.51
CA ARG K 216 52.69 20.25 16.90
C ARG K 216 51.17 20.43 16.89
N ALA K 217 50.45 19.35 16.61
CA ALA K 217 48.98 19.30 16.61
C ALA K 217 48.38 20.30 15.64
N ARG K 218 49.09 20.59 14.54
CA ARG K 218 48.66 21.46 13.46
C ARG K 218 48.38 22.89 13.89
N GLY K 219 48.80 23.28 15.10
CA GLY K 219 48.51 24.62 15.60
C GLY K 219 47.03 24.90 15.76
N THR K 220 46.25 23.89 16.12
CA THR K 220 44.81 24.00 16.23
C THR K 220 44.34 23.58 17.61
N PRO K 221 43.53 24.41 18.28
CA PRO K 221 43.12 24.10 19.67
C PRO K 221 42.34 22.81 19.82
N ARG K 222 41.55 22.38 18.83
CA ARG K 222 40.82 21.13 18.96
C ARG K 222 41.78 19.94 18.94
N ILE K 223 42.69 19.92 17.97
CA ILE K 223 43.69 18.86 17.90
C ILE K 223 44.65 18.94 19.09
N ALA K 224 44.97 20.16 19.53
CA ALA K 224 45.81 20.33 20.71
C ALA K 224 45.14 19.76 21.95
N ASN K 225 43.82 19.97 22.09
CA ASN K 225 43.11 19.43 23.24
C ASN K 225 42.99 17.90 23.17
N ARG K 226 42.78 17.36 21.96
CA ARG K 226 42.76 15.92 21.81
C ARG K 226 44.11 15.29 22.16
N LEU K 227 45.19 15.92 21.70
CA LEU K 227 46.53 15.47 22.06
C LEU K 227 46.79 15.61 23.55
N LEU K 228 46.25 16.67 24.16
CA LEU K 228 46.34 16.84 25.60
C LEU K 228 45.65 15.69 26.33
N ARG K 229 44.48 15.27 25.84
CA ARG K 229 43.79 14.15 26.45
C ARG K 229 44.58 12.85 26.30
N ARG K 230 45.18 12.63 25.13
CA ARG K 230 45.99 11.42 24.95
C ARG K 230 47.21 11.42 25.87
N VAL K 231 47.91 12.56 25.97
CA VAL K 231 49.10 12.62 26.80
C VAL K 231 48.73 12.57 28.29
N ARG K 232 47.58 13.12 28.68
CA ARG K 232 47.17 13.03 30.07
C ARG K 232 46.75 11.62 30.44
N ASP K 233 46.16 10.85 29.51
CA ASP K 233 45.93 9.44 29.77
C ASP K 233 47.24 8.68 29.88
N PHE K 234 48.22 9.03 29.03
CA PHE K 234 49.55 8.46 29.12
C PHE K 234 50.17 8.70 30.49
N ALA K 235 50.07 9.92 30.99
CA ALA K 235 50.60 10.24 32.32
C ALA K 235 49.76 9.61 33.42
N GLU K 236 48.48 9.32 33.15
CA GLU K 236 47.66 8.62 34.12
C GLU K 236 48.10 7.17 34.27
N VAL K 237 48.57 6.54 33.20
CA VAL K 237 48.99 5.14 33.31
C VAL K 237 50.51 4.99 33.28
N ARG K 238 51.13 5.39 32.17
CA ARG K 238 52.58 5.19 32.04
C ARG K 238 53.34 6.13 32.96
N GLY K 239 52.90 7.38 33.08
CA GLY K 239 53.46 8.29 34.04
C GLY K 239 52.89 8.07 35.42
N GLN K 240 53.49 8.76 36.40
CA GLN K 240 53.03 8.73 37.78
C GLN K 240 52.82 10.14 38.31
N GLY K 241 52.23 11.00 37.49
CA GLY K 241 51.99 12.38 37.91
C GLY K 241 51.61 13.24 36.71
N ASP K 242 52.00 14.51 36.80
CA ASP K 242 51.70 15.46 35.75
C ASP K 242 52.60 15.24 34.53
N ILE K 243 52.28 15.96 33.46
CA ILE K 243 53.05 15.84 32.22
C ILE K 243 54.19 16.84 32.24
N THR K 244 55.40 16.35 32.06
CA THR K 244 56.59 17.18 31.89
C THR K 244 57.09 16.98 30.46
N ARG K 245 58.27 17.56 30.18
CA ARG K 245 58.86 17.41 28.85
C ARG K 245 59.18 15.95 28.55
N VAL K 246 59.76 15.23 29.51
CA VAL K 246 60.10 13.83 29.29
C VAL K 246 58.83 12.96 29.22
N ILE K 247 57.81 13.31 30.02
CA ILE K 247 56.54 12.59 29.96
C ILE K 247 55.91 12.74 28.59
N ALA K 248 55.87 13.96 28.06
CA ALA K 248 55.33 14.20 26.74
C ALA K 248 56.17 13.54 25.66
N ASP K 249 57.50 13.53 25.84
CA ASP K 249 58.38 12.92 24.85
C ASP K 249 58.15 11.41 24.75
N LYS K 250 58.09 10.72 25.88
CA LYS K 250 57.83 9.28 25.80
C LYS K 250 56.37 9.00 25.50
N ALA K 251 55.48 9.97 25.69
CA ALA K 251 54.12 9.85 25.19
C ALA K 251 54.10 9.82 23.67
N LEU K 252 54.76 10.79 23.04
CA LEU K 252 54.88 10.79 21.58
C LEU K 252 55.66 9.58 21.08
N ASN K 253 56.60 9.07 21.88
CA ASN K 253 57.25 7.81 21.55
C ASN K 253 56.25 6.66 21.54
N LEU K 254 55.34 6.62 22.52
CA LEU K 254 54.28 5.62 22.49
C LEU K 254 53.21 6.00 21.48
N LEU K 255 53.00 7.30 21.24
CA LEU K 255 52.07 7.74 20.21
C LEU K 255 52.65 7.63 18.81
N ASP K 256 53.96 7.35 18.68
CA ASP K 256 54.67 7.28 17.41
C ASP K 256 54.50 8.58 16.61
N VAL K 257 54.82 9.68 17.28
CA VAL K 257 54.70 11.02 16.71
C VAL K 257 56.05 11.71 16.82
N ASP K 258 56.49 12.33 15.72
CA ASP K 258 57.80 12.98 15.67
C ASP K 258 57.70 14.40 16.23
N GLU K 259 58.77 15.18 16.06
CA GLU K 259 58.78 16.55 16.53
C GLU K 259 57.91 17.46 15.67
N ARG K 260 57.61 17.08 14.43
CA ARG K 260 56.73 17.85 13.56
C ARG K 260 55.26 17.54 13.78
N GLY K 261 54.93 16.41 14.39
CA GLY K 261 53.55 16.02 14.53
C GLY K 261 53.10 15.06 13.44
N PHE K 262 53.91 14.04 13.18
CA PHE K 262 53.58 13.07 12.14
C PHE K 262 52.51 12.10 12.61
N ASP K 263 51.84 11.48 11.64
CA ASP K 263 50.97 10.34 11.85
C ASP K 263 51.48 9.17 11.02
N HIS K 264 51.00 7.97 11.36
CA HIS K 264 51.35 6.80 10.56
C HIS K 264 50.85 6.94 9.14
N LEU K 265 49.61 7.40 8.97
CA LEU K 265 49.07 7.67 7.64
C LEU K 265 49.85 8.78 6.95
N ASP K 266 50.27 9.81 7.70
CA ASP K 266 51.06 10.89 7.13
C ASP K 266 52.40 10.38 6.63
N ARG K 267 53.07 9.54 7.43
CA ARG K 267 54.35 8.97 7.00
C ARG K 267 54.18 8.08 5.78
N ARG K 268 53.11 7.26 5.76
CA ARG K 268 52.89 6.39 4.60
C ARG K 268 52.62 7.19 3.33
N LEU K 269 51.80 8.24 3.43
CA LEU K 269 51.53 9.05 2.24
C LEU K 269 52.78 9.80 1.78
N LEU K 270 53.57 10.32 2.72
CA LEU K 270 54.82 10.98 2.35
C LEU K 270 55.75 10.00 1.66
N LEU K 271 55.85 8.77 2.17
CA LEU K 271 56.69 7.76 1.54
C LEU K 271 56.20 7.41 0.15
N THR K 272 54.89 7.30 -0.04
CA THR K 272 54.36 6.99 -1.36
C THR K 272 54.67 8.11 -2.36
N MET K 273 54.45 9.37 -1.97
CA MET K 273 54.71 10.43 -2.93
C MET K 273 56.17 10.88 -2.99
N ILE K 274 57.08 10.31 -2.20
CA ILE K 274 58.49 10.58 -2.45
C ILE K 274 59.15 9.40 -3.15
N ASP K 275 58.57 8.21 -3.00
CA ASP K 275 59.18 6.98 -3.49
C ASP K 275 58.42 6.34 -4.64
N LYS K 276 57.12 6.09 -4.45
CA LYS K 276 56.35 5.39 -5.47
C LYS K 276 56.18 6.23 -6.72
N PHE K 277 55.77 7.48 -6.57
CA PHE K 277 55.52 8.34 -7.73
C PHE K 277 56.70 9.24 -8.06
N ASP K 278 57.80 9.16 -7.31
CA ASP K 278 59.03 9.90 -7.57
C ASP K 278 58.78 11.41 -7.58
N GLY K 279 58.35 11.92 -6.42
CA GLY K 279 57.98 13.31 -6.29
C GLY K 279 56.48 13.55 -6.27
N GLY K 280 55.68 12.58 -6.70
CA GLY K 280 54.24 12.69 -6.70
C GLY K 280 53.64 13.80 -7.55
N PRO K 281 53.97 13.85 -8.85
CA PRO K 281 53.33 14.85 -9.71
C PRO K 281 52.01 14.35 -10.28
N VAL K 282 51.18 13.75 -9.42
CA VAL K 282 49.92 13.14 -9.84
C VAL K 282 48.81 13.73 -8.98
N GLY K 283 47.59 13.67 -9.51
CA GLY K 283 46.48 14.35 -8.88
C GLY K 283 46.14 13.79 -7.52
N ILE K 284 45.48 14.64 -6.71
CA ILE K 284 45.09 14.24 -5.36
C ILE K 284 44.10 13.10 -5.40
N ASP K 285 43.29 13.02 -6.47
CA ASP K 285 42.33 11.95 -6.61
C ASP K 285 43.01 10.59 -6.69
N ASN K 286 44.11 10.50 -7.44
CA ASN K 286 44.80 9.23 -7.62
C ASN K 286 45.40 8.73 -6.31
N LEU K 287 46.10 9.61 -5.59
CA LEU K 287 46.70 9.23 -4.33
C LEU K 287 45.64 8.95 -3.26
N ALA K 288 44.53 9.68 -3.29
CA ALA K 288 43.44 9.42 -2.34
C ALA K 288 42.79 8.06 -2.62
N ALA K 289 42.60 7.71 -3.89
CA ALA K 289 42.06 6.41 -4.23
C ALA K 289 43.04 5.30 -3.88
N ALA K 290 44.34 5.55 -4.04
CA ALA K 290 45.35 4.59 -3.63
C ALA K 290 45.31 4.38 -2.12
N LEU K 291 45.14 5.46 -1.35
CA LEU K 291 45.00 5.38 0.09
C LEU K 291 43.59 4.99 0.52
N SER K 292 42.64 4.94 -0.42
CA SER K 292 41.22 4.73 -0.14
C SER K 292 40.71 5.76 0.87
N GLU K 293 41.13 7.01 0.68
CA GLU K 293 40.81 8.11 1.59
C GLU K 293 39.89 9.09 0.90
N GLU K 294 38.93 9.60 1.66
CA GLU K 294 38.02 10.61 1.14
C GLU K 294 38.76 11.90 0.83
N ARG K 295 38.31 12.59 -0.22
CA ARG K 295 39.02 13.75 -0.74
C ARG K 295 39.08 14.88 0.28
N HIS K 296 37.92 15.22 0.87
CA HIS K 296 37.85 16.35 1.79
C HIS K 296 38.67 16.09 3.06
N THR K 297 38.58 14.88 3.61
CA THR K 297 39.36 14.56 4.80
C THR K 297 40.85 14.58 4.51
N ILE K 298 41.26 14.03 3.36
CA ILE K 298 42.66 14.00 2.99
C ILE K 298 43.20 15.41 2.82
N GLU K 299 42.46 16.27 2.11
CA GLU K 299 42.95 17.63 1.89
C GLU K 299 42.94 18.46 3.17
N ASP K 300 41.94 18.26 4.04
CA ASP K 300 41.90 18.98 5.31
C ASP K 300 43.06 18.57 6.20
N VAL K 301 43.40 17.28 6.23
CA VAL K 301 44.56 16.83 6.99
C VAL K 301 45.85 17.37 6.37
N LEU K 302 45.93 17.39 5.05
CA LEU K 302 47.21 17.59 4.36
C LEU K 302 47.57 19.06 4.16
N GLU K 303 46.70 19.84 3.51
CA GLU K 303 47.14 21.13 2.97
C GLU K 303 47.64 22.15 4.00
N PRO K 304 47.00 22.39 5.19
CA PRO K 304 47.44 23.55 5.99
C PRO K 304 48.84 23.38 6.57
N TYR K 305 49.09 22.24 7.22
CA TYR K 305 50.37 22.04 7.87
C TYR K 305 51.49 21.78 6.86
N LEU K 306 51.18 21.07 5.78
CA LEU K 306 52.19 20.81 4.75
C LEU K 306 52.49 22.05 3.91
N ILE K 307 51.57 22.99 3.83
CA ILE K 307 51.82 24.23 3.10
C ILE K 307 52.52 25.26 3.97
N GLN K 308 52.14 25.36 5.25
CA GLN K 308 52.84 26.28 6.15
C GLN K 308 54.28 25.83 6.38
N GLN K 309 54.57 24.53 6.25
CA GLN K 309 55.94 24.07 6.19
C GLN K 309 56.53 24.15 4.79
N GLY K 310 55.69 24.33 3.77
CA GLY K 310 56.17 24.41 2.40
C GLY K 310 56.83 23.16 1.87
N TYR K 311 56.34 21.99 2.27
CA TYR K 311 56.95 20.74 1.80
C TYR K 311 56.47 20.37 0.40
N ILE K 312 55.24 20.74 0.04
CA ILE K 312 54.59 20.31 -1.18
C ILE K 312 53.75 21.45 -1.75
N MET K 313 53.88 21.71 -3.05
CA MET K 313 53.05 22.69 -3.73
C MET K 313 52.05 22.00 -4.64
N ARG K 314 51.32 22.79 -5.43
CA ARG K 314 50.25 22.30 -6.29
C ARG K 314 50.59 22.59 -7.74
N THR K 315 50.43 21.60 -8.60
CA THR K 315 50.54 21.75 -10.05
C THR K 315 49.32 21.12 -10.70
N PRO K 316 48.96 21.55 -11.91
CA PRO K 316 47.85 20.88 -12.61
C PRO K 316 48.12 19.40 -12.88
N ARG K 317 49.38 19.02 -13.06
CA ARG K 317 49.71 17.61 -13.13
C ARG K 317 49.45 16.92 -11.80
N GLY K 318 49.74 17.58 -10.70
CA GLY K 318 49.46 17.01 -9.40
C GLY K 318 50.12 17.81 -8.29
N ARG K 319 50.05 17.25 -7.08
CA ARG K 319 50.50 17.93 -5.88
C ARG K 319 51.94 17.48 -5.61
N VAL K 320 52.85 18.00 -6.45
CA VAL K 320 54.24 17.55 -6.43
C VAL K 320 54.97 18.16 -5.23
N VAL K 321 56.01 17.46 -4.77
CA VAL K 321 56.73 17.79 -3.56
C VAL K 321 57.82 18.83 -3.86
N THR K 322 58.37 19.42 -2.80
CA THR K 322 59.57 20.24 -2.88
C THR K 322 60.80 19.36 -2.76
N ARG K 323 61.96 19.97 -3.00
CA ARG K 323 63.22 19.28 -2.72
C ARG K 323 63.45 19.14 -1.22
N HIS K 324 62.98 20.10 -0.43
CA HIS K 324 63.19 20.06 1.02
C HIS K 324 62.45 18.88 1.65
N ALA K 325 61.23 18.61 1.18
CA ALA K 325 60.47 17.47 1.71
C ALA K 325 61.18 16.15 1.39
N TYR K 326 61.73 16.03 0.19
CA TYR K 326 62.42 14.81 -0.20
C TYR K 326 63.75 14.67 0.55
N LEU K 327 64.39 15.78 0.86
CA LEU K 327 65.60 15.78 1.68
C LEU K 327 65.32 15.61 3.16
N HIS K 328 64.06 15.76 3.60
CA HIS K 328 63.74 15.58 5.01
C HIS K 328 64.01 14.15 5.47
N PHE K 329 63.72 13.17 4.62
CA PHE K 329 64.02 11.77 4.89
C PHE K 329 65.43 11.39 4.50
N GLY K 330 66.33 12.36 4.34
CA GLY K 330 67.70 12.09 3.96
C GLY K 330 67.88 11.52 2.57
N LEU K 331 67.11 12.00 1.61
CA LEU K 331 67.17 11.52 0.24
C LEU K 331 67.49 12.68 -0.68
N ASN K 332 68.50 12.50 -1.54
CA ASN K 332 68.95 13.57 -2.42
C ASN K 332 68.15 13.60 -3.71
N ILE K 333 67.76 14.80 -4.13
CA ILE K 333 66.95 15.01 -5.33
C ILE K 333 67.76 14.63 -6.57
N PRO K 334 67.23 13.77 -7.45
CA PRO K 334 67.91 13.39 -8.69
C PRO K 334 67.85 14.47 -9.76
N ARG L 22 35.66 -22.28 14.90
CA ARG L 22 37.09 -22.39 15.14
C ARG L 22 37.84 -21.26 14.45
N ALA L 23 37.35 -20.04 14.62
CA ALA L 23 37.97 -18.88 13.97
C ALA L 23 39.27 -18.51 14.67
N ILE L 24 40.14 -17.82 13.92
CA ILE L 24 41.42 -17.36 14.48
C ILE L 24 41.19 -16.09 15.28
N ARG L 25 41.50 -16.16 16.58
CA ARG L 25 41.25 -15.03 17.45
C ARG L 25 42.17 -15.04 18.66
N PRO L 26 43.04 -14.04 18.82
CA PRO L 26 43.79 -13.92 20.07
C PRO L 26 42.89 -13.62 21.25
N LEU L 27 43.24 -14.17 22.41
CA LEU L 27 42.37 -14.08 23.58
C LEU L 27 42.49 -12.72 24.25
N LYS L 28 43.69 -12.15 24.30
CA LYS L 28 43.95 -10.93 25.06
C LYS L 28 44.49 -9.86 24.13
N LEU L 29 44.45 -8.61 24.61
CA LEU L 29 44.95 -7.50 23.81
C LEU L 29 46.47 -7.56 23.64
N ALA L 30 47.19 -7.99 24.69
CA ALA L 30 48.60 -8.30 24.53
C ALA L 30 48.79 -9.52 23.65
N ASP L 31 47.88 -10.50 23.77
CA ASP L 31 47.88 -11.63 22.86
C ASP L 31 47.55 -11.22 21.44
N TYR L 32 46.83 -10.11 21.25
CA TYR L 32 46.63 -9.57 19.92
C TYR L 32 47.96 -9.07 19.36
N ILE L 33 48.34 -9.60 18.20
CA ILE L 33 49.60 -9.30 17.55
C ILE L 33 49.29 -8.91 16.12
N GLY L 34 49.99 -7.90 15.61
CA GLY L 34 49.77 -7.44 14.26
C GLY L 34 49.93 -5.95 14.08
N GLN L 35 49.59 -5.19 15.11
CA GLN L 35 49.81 -3.73 15.14
C GLN L 35 50.40 -3.36 16.48
N PRO L 36 51.71 -3.61 16.67
CA PRO L 36 52.29 -3.48 18.03
C PRO L 36 52.24 -2.08 18.61
N SER L 37 52.52 -1.05 17.81
CA SER L 37 52.39 0.31 18.31
C SER L 37 50.94 0.66 18.59
N VAL L 38 50.04 0.27 17.69
CA VAL L 38 48.61 0.52 17.89
C VAL L 38 48.09 -0.31 19.07
N ARG L 39 48.58 -1.55 19.21
CA ARG L 39 48.18 -2.38 20.34
C ARG L 39 48.64 -1.77 21.66
N GLU L 40 49.86 -1.23 21.70
CA GLU L 40 50.34 -0.56 22.89
C GLU L 40 49.51 0.69 23.20
N GLN L 41 49.15 1.45 22.16
CA GLN L 41 48.33 2.65 22.33
C GLN L 41 46.97 2.30 22.92
N MET L 42 46.31 1.28 22.36
CA MET L 42 44.99 0.92 22.86
C MET L 42 45.06 0.20 24.20
N GLU L 43 46.16 -0.49 24.50
CA GLU L 43 46.38 -1.00 25.85
C GLU L 43 46.51 0.15 26.85
N LEU L 44 47.20 1.22 26.46
CA LEU L 44 47.27 2.41 27.30
C LEU L 44 45.88 2.98 27.53
N PHE L 45 45.04 3.02 26.49
CA PHE L 45 43.66 3.49 26.66
C PHE L 45 42.85 2.59 27.58
N ILE L 46 43.03 1.27 27.46
CA ILE L 46 42.35 0.31 28.34
C ILE L 46 42.75 0.52 29.79
N HIS L 47 44.05 0.66 30.04
CA HIS L 47 44.50 0.90 31.42
C HIS L 47 44.11 2.29 31.91
N ALA L 48 43.94 3.25 31.00
CA ALA L 48 43.41 4.55 31.41
C ALA L 48 41.97 4.45 31.85
N ALA L 49 41.17 3.64 31.14
CA ALA L 49 39.80 3.40 31.57
C ALA L 49 39.75 2.66 32.90
N ARG L 50 40.65 1.69 33.09
CA ARG L 50 40.63 0.91 34.32
C ARG L 50 41.09 1.74 35.53
N GLY L 51 42.18 2.48 35.39
CA GLY L 51 42.71 3.23 36.51
C GLY L 51 41.84 4.40 36.92
N ARG L 52 41.27 5.11 35.96
CA ARG L 52 40.45 6.29 36.26
C ARG L 52 39.08 5.93 36.81
N GLN L 53 38.68 4.66 36.75
CA GLN L 53 37.36 4.19 37.19
C GLN L 53 36.25 4.97 36.48
N GLU L 54 36.44 5.21 35.20
CA GLU L 54 35.47 5.91 34.36
C GLU L 54 35.30 5.15 33.06
N ALA L 55 34.20 5.45 32.37
CA ALA L 55 33.98 4.90 31.04
C ALA L 55 35.03 5.45 30.08
N LEU L 56 35.53 4.58 29.21
CA LEU L 56 36.56 4.97 28.26
C LEU L 56 35.97 5.91 27.22
N ASP L 57 36.81 6.74 26.63
CA ASP L 57 36.37 7.73 25.66
C ASP L 57 35.81 7.04 24.40
N HIS L 58 35.22 7.83 23.51
CA HIS L 58 34.79 7.25 22.25
C HIS L 58 36.01 6.93 21.40
N THR L 59 36.04 5.70 20.87
CA THR L 59 37.12 5.25 20.02
C THR L 59 36.60 5.11 18.60
N LEU L 60 37.20 5.83 17.66
CA LEU L 60 36.89 5.72 16.25
C LEU L 60 37.80 4.69 15.62
N ILE L 61 37.21 3.75 14.89
CA ILE L 61 37.95 2.65 14.27
C ILE L 61 37.62 2.62 12.78
N PHE L 62 38.65 2.57 11.95
CA PHE L 62 38.45 2.43 10.51
C PHE L 62 39.68 1.75 9.91
N GLY L 63 39.50 1.19 8.71
CA GLY L 63 40.55 0.49 8.04
C GLY L 63 40.01 -0.53 7.05
N PRO L 64 40.51 -1.76 7.12
CA PRO L 64 40.01 -2.84 6.25
C PRO L 64 38.54 -3.11 6.51
N PRO L 65 37.78 -3.45 5.47
CA PRO L 65 36.33 -3.68 5.66
C PRO L 65 36.03 -4.93 6.49
N GLY L 66 36.62 -6.07 6.12
CA GLY L 66 36.37 -7.30 6.84
C GLY L 66 37.55 -7.75 7.69
N LEU L 67 37.44 -7.57 9.01
CA LEU L 67 38.51 -7.98 9.91
C LEU L 67 38.00 -8.59 11.21
N GLY L 68 36.70 -8.84 11.33
CA GLY L 68 36.16 -9.34 12.59
C GLY L 68 36.22 -8.35 13.73
N LYS L 69 35.85 -7.09 13.48
CA LYS L 69 35.94 -6.04 14.50
C LYS L 69 35.00 -6.32 15.67
N THR L 70 33.88 -7.00 15.43
CA THR L 70 32.97 -7.34 16.52
C THR L 70 33.64 -8.24 17.55
N THR L 71 34.46 -9.19 17.09
CA THR L 71 35.17 -10.06 18.01
C THR L 71 36.19 -9.28 18.83
N LEU L 72 36.90 -8.34 18.21
CA LEU L 72 37.85 -7.51 18.95
C LEU L 72 37.13 -6.63 19.97
N ALA L 73 35.96 -6.11 19.61
CA ALA L 73 35.15 -5.36 20.57
C ALA L 73 34.70 -6.24 21.73
N ASN L 74 34.40 -7.51 21.44
CA ASN L 74 34.08 -8.45 22.51
C ASN L 74 35.28 -8.69 23.42
N ILE L 75 36.49 -8.79 22.85
CA ILE L 75 37.70 -8.93 23.65
C ILE L 75 37.88 -7.71 24.55
N ILE L 76 37.66 -6.51 24.00
CA ILE L 76 37.71 -5.29 24.80
C ILE L 76 36.65 -5.33 25.89
N ALA L 77 35.49 -5.92 25.59
CA ALA L 77 34.44 -6.07 26.60
C ALA L 77 34.90 -6.94 27.76
N GLN L 78 35.55 -8.07 27.47
CA GLN L 78 36.06 -8.90 28.57
C GLN L 78 37.19 -8.20 29.32
N GLU L 79 37.97 -7.37 28.62
CA GLU L 79 39.00 -6.59 29.30
C GLU L 79 38.39 -5.60 30.27
N MET L 80 37.31 -4.91 29.86
CA MET L 80 36.49 -4.12 30.76
C MET L 80 35.69 -4.97 31.73
N GLY L 81 35.39 -6.23 31.38
CA GLY L 81 34.51 -7.04 32.19
C GLY L 81 33.04 -6.69 32.07
N VAL L 82 32.67 -5.83 31.13
CA VAL L 82 31.30 -5.42 30.93
C VAL L 82 30.79 -5.96 29.60
N SER L 83 29.51 -5.72 29.32
CA SER L 83 28.87 -6.20 28.11
C SER L 83 28.86 -5.11 27.05
N ILE L 84 29.23 -5.49 25.83
CA ILE L 84 29.17 -4.62 24.67
C ILE L 84 28.17 -5.19 23.69
N LYS L 85 27.13 -4.42 23.38
CA LYS L 85 26.09 -4.82 22.43
C LYS L 85 26.60 -4.52 21.03
N SER L 86 27.06 -5.56 20.33
CA SER L 86 27.55 -5.41 18.97
C SER L 86 26.38 -5.06 18.05
N THR L 87 26.29 -3.79 17.66
CA THR L 87 25.19 -3.29 16.85
C THR L 87 25.75 -2.65 15.59
N SER L 88 24.90 -2.62 14.55
CA SER L 88 25.32 -2.08 13.26
C SER L 88 24.30 -1.08 12.72
N GLY L 89 24.47 -0.69 11.47
CA GLY L 89 23.58 0.24 10.80
C GLY L 89 22.14 -0.21 10.70
N PRO L 90 21.89 -1.41 10.17
CA PRO L 90 20.50 -1.92 10.16
C PRO L 90 19.92 -2.11 11.56
N VAL L 91 20.75 -2.38 12.56
CA VAL L 91 20.25 -2.49 13.92
C VAL L 91 19.81 -1.12 14.44
N LEU L 92 20.57 -0.08 14.12
CA LEU L 92 20.32 1.27 14.65
C LEU L 92 19.86 2.24 13.57
N GLU L 93 19.20 1.72 12.52
CA GLU L 93 18.66 2.61 11.49
C GLU L 93 17.51 3.45 12.01
N ARG L 94 16.75 2.94 12.98
CA ARG L 94 15.71 3.72 13.63
C ARG L 94 16.23 4.25 14.97
N PRO L 95 15.97 5.52 15.29
CA PRO L 95 16.42 6.04 16.60
C PRO L 95 15.76 5.36 17.79
N GLY L 96 14.59 4.75 17.61
CA GLY L 96 13.93 4.07 18.72
C GLY L 96 14.70 2.85 19.20
N ASP L 97 15.23 2.06 18.28
CA ASP L 97 15.98 0.86 18.65
C ASP L 97 17.24 1.20 19.43
N LEU L 98 17.99 2.19 18.95
CA LEU L 98 19.20 2.61 19.66
C LEU L 98 18.86 3.27 20.99
N ALA L 99 17.74 4.01 21.05
CA ALA L 99 17.33 4.59 22.32
C ALA L 99 16.99 3.50 23.34
N ALA L 100 16.30 2.45 22.90
CA ALA L 100 15.98 1.33 23.77
C ALA L 100 17.25 0.62 24.25
N LEU L 101 18.20 0.40 23.34
CA LEU L 101 19.45 -0.26 23.72
C LEU L 101 20.25 0.59 24.70
N LEU L 102 20.25 1.91 24.52
CA LEU L 102 20.90 2.79 25.48
C LEU L 102 20.18 2.77 26.84
N THR L 103 18.85 2.65 26.83
CA THR L 103 18.14 2.57 28.10
C THR L 103 18.49 1.28 28.84
N ASN L 104 18.66 0.17 28.12
CA ASN L 104 19.17 -1.03 28.78
C ASN L 104 20.67 -0.99 29.02
N LEU L 105 21.40 -0.05 28.43
CA LEU L 105 22.80 0.11 28.78
C LEU L 105 22.92 0.74 30.17
N GLU L 106 24.02 0.44 30.85
CA GLU L 106 24.20 0.89 32.22
C GLU L 106 25.52 1.62 32.40
N ALA L 107 25.86 1.94 33.65
CA ALA L 107 27.10 2.65 33.93
C ALA L 107 28.30 1.73 33.73
N GLY L 108 29.31 2.23 33.04
CA GLY L 108 30.49 1.44 32.73
C GLY L 108 30.35 0.49 31.57
N ASP L 109 29.18 0.46 30.92
CA ASP L 109 28.97 -0.40 29.77
C ASP L 109 29.50 0.27 28.51
N VAL L 110 29.28 -0.37 27.35
CA VAL L 110 29.77 0.14 26.09
C VAL L 110 28.88 -0.41 24.98
N LEU L 111 28.84 0.30 23.86
CA LEU L 111 27.99 -0.07 22.73
C LEU L 111 28.82 -0.04 21.45
N PHE L 112 28.96 -1.20 20.80
CA PHE L 112 29.58 -1.25 19.50
C PHE L 112 28.60 -0.77 18.44
N VAL L 113 29.02 0.21 17.64
CA VAL L 113 28.20 0.76 16.56
C VAL L 113 28.95 0.57 15.25
N ASP L 114 28.22 0.14 14.22
CA ASP L 114 28.77 -0.09 12.90
C ASP L 114 27.89 0.57 11.85
N GLU L 115 28.48 0.86 10.68
CA GLU L 115 27.81 1.52 9.57
C GLU L 115 27.24 2.88 9.99
N ILE L 116 28.04 3.63 10.76
CA ILE L 116 27.66 4.98 11.19
C ILE L 116 27.50 5.89 9.98
N HIS L 117 28.35 5.70 8.97
CA HIS L 117 28.28 6.52 7.76
C HIS L 117 26.95 6.37 7.04
N ARG L 118 26.41 5.14 6.99
CA ARG L 118 25.13 4.90 6.34
C ARG L 118 23.95 5.39 7.18
N LEU L 119 24.15 5.59 8.48
CA LEU L 119 23.05 5.95 9.38
C LEU L 119 22.49 7.32 9.05
N SER L 120 21.20 7.49 9.36
CA SER L 120 20.51 8.74 9.07
C SER L 120 21.02 9.85 9.99
N PRO L 121 20.95 11.12 9.53
CA PRO L 121 21.32 12.23 10.41
C PRO L 121 20.45 12.37 11.65
N ILE L 122 19.24 11.80 11.66
CA ILE L 122 18.43 11.82 12.87
C ILE L 122 19.12 11.00 13.97
N VAL L 123 19.76 9.89 13.58
CA VAL L 123 20.59 9.12 14.51
C VAL L 123 21.74 9.98 15.02
N GLU L 124 22.34 10.77 14.13
CA GLU L 124 23.45 11.63 14.52
C GLU L 124 23.03 12.68 15.53
N GLU L 125 21.85 13.29 15.34
CA GLU L 125 21.42 14.31 16.29
C GLU L 125 20.94 13.69 17.60
N VAL L 126 20.44 12.43 17.56
CA VAL L 126 20.12 11.75 18.81
C VAL L 126 21.40 11.40 19.57
N LEU L 127 22.46 11.03 18.87
CA LEU L 127 23.73 10.66 19.49
C LEU L 127 24.61 11.86 19.84
N TYR L 128 24.24 13.08 19.41
CA TYR L 128 24.96 14.26 19.89
C TYR L 128 24.93 14.39 21.41
N PRO L 129 23.76 14.45 22.09
CA PRO L 129 23.81 14.55 23.56
C PRO L 129 24.12 13.24 24.24
N ALA L 130 23.98 12.10 23.54
CA ALA L 130 24.26 10.80 24.14
C ALA L 130 25.73 10.69 24.53
N MET L 131 26.63 11.21 23.69
CA MET L 131 28.03 11.30 24.07
C MET L 131 28.39 12.65 24.68
N GLU L 132 27.61 13.69 24.38
CA GLU L 132 27.87 15.02 24.94
C GLU L 132 27.43 15.03 26.40
N ASP L 133 28.33 14.56 27.26
CA ASP L 133 28.15 14.47 28.71
C ASP L 133 26.97 13.56 29.10
N PHE L 134 26.59 12.64 28.21
CA PHE L 134 25.60 11.59 28.47
C PHE L 134 24.24 12.17 28.87
N GLN L 135 23.64 12.90 27.93
CA GLN L 135 22.27 13.38 28.09
C GLN L 135 21.42 13.02 26.89
N LEU L 136 20.21 13.57 26.82
CA LEU L 136 19.33 13.36 25.67
C LEU L 136 18.27 14.45 25.67
N ASP L 137 18.16 15.17 24.56
CA ASP L 137 17.15 16.21 24.39
C ASP L 137 16.23 15.84 23.24
N ILE L 138 14.93 15.93 23.47
CA ILE L 138 13.94 15.55 22.48
C ILE L 138 12.77 16.53 22.53
N MET L 139 12.19 16.79 21.36
CA MET L 139 11.07 17.70 21.23
C MET L 139 9.75 16.93 21.34
N ILE L 140 8.69 17.64 21.67
CA ILE L 140 7.36 17.04 21.79
C ILE L 140 6.75 16.84 20.42
N ALA L 145 3.93 25.84 19.43
CA ALA L 145 3.39 24.68 20.12
C ALA L 145 4.46 23.62 20.32
N ALA L 146 5.71 24.06 20.39
CA ALA L 146 6.83 23.16 20.59
C ALA L 146 7.23 23.10 22.05
N ARG L 147 7.40 21.87 22.56
CA ARG L 147 7.82 21.65 23.93
C ARG L 147 9.05 20.76 23.93
N SER L 148 9.96 21.04 24.86
CA SER L 148 11.25 20.34 24.93
C SER L 148 11.26 19.40 26.13
N ILE L 149 11.73 18.17 25.90
CA ILE L 149 11.85 17.16 26.94
C ILE L 149 13.31 16.77 27.04
N LYS L 150 13.87 16.86 28.24
CA LYS L 150 15.28 16.59 28.49
C LYS L 150 15.43 15.28 29.23
N LEU L 151 16.31 14.42 28.74
CA LEU L 151 16.55 13.10 29.34
C LEU L 151 18.04 12.93 29.63
N ASP L 152 18.33 12.05 30.58
CA ASP L 152 19.70 11.76 30.97
C ASP L 152 20.06 10.31 30.62
N LEU L 153 21.35 10.08 30.45
CA LEU L 153 21.88 8.77 30.13
C LEU L 153 23.05 8.45 31.07
N PRO L 154 23.21 7.17 31.43
CA PRO L 154 24.37 6.78 32.25
C PRO L 154 25.65 6.88 31.45
N PRO L 155 26.79 7.12 32.11
CA PRO L 155 28.06 7.14 31.38
C PRO L 155 28.39 5.78 30.79
N PHE L 156 28.98 5.80 29.59
CA PHE L 156 29.30 4.59 28.87
C PHE L 156 30.38 4.91 27.84
N THR L 157 30.79 3.89 27.11
CA THR L 157 31.85 3.99 26.10
C THR L 157 31.21 3.74 24.73
N LEU L 158 30.87 4.80 24.03
CA LEU L 158 30.34 4.66 22.68
C LEU L 158 31.47 4.28 21.74
N VAL L 159 31.28 3.19 21.00
CA VAL L 159 32.30 2.65 20.10
C VAL L 159 31.83 2.83 18.67
N GLY L 160 32.54 3.66 17.91
CA GLY L 160 32.20 3.88 16.52
C GLY L 160 33.21 3.29 15.57
N ALA L 161 32.82 2.23 14.87
CA ALA L 161 33.70 1.55 13.91
C ALA L 161 33.02 1.51 12.55
N THR L 162 33.72 2.00 11.54
CA THR L 162 33.24 2.00 10.17
C THR L 162 34.30 1.39 9.26
N THR L 163 33.84 0.88 8.10
CA THR L 163 34.78 0.47 7.07
C THR L 163 35.59 1.66 6.56
N ARG L 164 34.93 2.80 6.35
CA ARG L 164 35.59 4.04 5.99
C ARG L 164 35.05 5.17 6.87
N ALA L 165 35.95 5.93 7.47
CA ALA L 165 35.59 7.02 8.36
C ALA L 165 35.53 8.36 7.67
N GLY L 166 35.74 8.39 6.35
CA GLY L 166 35.73 9.67 5.64
C GLY L 166 34.36 10.28 5.53
N MET L 167 33.31 9.47 5.61
CA MET L 167 31.95 9.98 5.53
C MET L 167 31.45 10.56 6.85
N LEU L 168 32.22 10.41 7.92
CA LEU L 168 31.82 10.97 9.21
C LEU L 168 31.83 12.49 9.15
N THR L 169 30.77 13.09 9.69
CA THR L 169 30.62 14.54 9.62
C THR L 169 31.65 15.23 10.52
N ASN L 170 32.07 16.42 10.10
CA ASN L 170 33.16 17.12 10.77
C ASN L 170 32.87 17.49 12.23
N PRO L 171 31.72 18.08 12.60
CA PRO L 171 31.49 18.34 14.03
C PRO L 171 31.43 17.09 14.88
N LEU L 172 30.85 16.01 14.33
CA LEU L 172 30.76 14.77 15.09
C LEU L 172 32.13 14.16 15.33
N ARG L 173 32.95 14.06 14.27
CA ARG L 173 34.28 13.48 14.43
C ARG L 173 35.19 14.38 15.26
N ASP L 174 35.03 15.70 15.15
CA ASP L 174 35.85 16.60 15.95
C ASP L 174 35.45 16.55 17.42
N ARG L 175 34.18 16.30 17.72
CA ARG L 175 33.74 16.17 19.09
C ARG L 175 34.15 14.85 19.73
N PHE L 176 34.51 13.84 18.93
CA PHE L 176 34.93 12.56 19.48
C PHE L 176 36.28 12.70 20.17
N GLY L 177 36.67 11.63 20.85
CA GLY L 177 37.95 11.58 21.54
C GLY L 177 38.97 10.74 20.81
N ILE L 178 39.12 9.49 21.26
CA ILE L 178 40.12 8.59 20.69
C ILE L 178 39.78 8.25 19.25
N VAL L 179 40.77 8.32 18.37
CA VAL L 179 40.67 7.84 17.00
C VAL L 179 41.75 6.79 16.79
N GLN L 180 41.35 5.59 16.38
CA GLN L 180 42.28 4.49 16.19
C GLN L 180 42.19 3.99 14.76
N ARG L 181 43.35 3.72 14.15
CA ARG L 181 43.42 3.26 12.78
C ARG L 181 43.80 1.78 12.76
N LEU L 182 43.10 1.03 11.92
CA LEU L 182 43.40 -0.38 11.69
C LEU L 182 43.95 -0.55 10.27
N GLU L 183 44.92 -1.43 10.12
CA GLU L 183 45.61 -1.60 8.85
C GLU L 183 46.20 -3.00 8.81
N PHE L 184 46.59 -3.43 7.60
CA PHE L 184 47.28 -4.70 7.45
C PHE L 184 48.63 -4.65 8.16
N TYR L 185 49.07 -5.82 8.62
CA TYR L 185 50.20 -5.89 9.53
C TYR L 185 51.51 -5.64 8.80
N ASN L 186 52.57 -5.39 9.57
CA ASN L 186 53.90 -5.27 9.01
C ASN L 186 54.35 -6.61 8.45
N VAL L 187 55.28 -6.56 7.48
CA VAL L 187 55.66 -7.77 6.75
C VAL L 187 56.32 -8.78 7.67
N GLU L 188 57.22 -8.33 8.55
CA GLU L 188 57.76 -9.23 9.57
C GLU L 188 56.67 -9.66 10.55
N ASP L 189 55.76 -8.74 10.87
CA ASP L 189 54.68 -9.05 11.80
C ASP L 189 53.61 -9.90 11.12
N LEU L 190 53.40 -9.71 9.80
CA LEU L 190 52.60 -10.65 9.03
C LEU L 190 53.22 -12.04 9.02
N ALA L 191 54.55 -12.12 8.91
CA ALA L 191 55.22 -13.42 8.96
C ALA L 191 55.05 -14.10 10.32
N THR L 192 55.12 -13.32 11.40
CA THR L 192 54.86 -13.87 12.72
C THR L 192 53.42 -14.38 12.83
N ILE L 193 52.47 -13.63 12.28
CA ILE L 193 51.08 -14.06 12.30
C ILE L 193 50.89 -15.35 11.50
N VAL L 194 51.60 -15.45 10.37
CA VAL L 194 51.61 -16.69 9.59
C VAL L 194 52.15 -17.85 10.41
N SER L 195 53.24 -17.62 11.14
CA SER L 195 53.82 -18.68 11.97
C SER L 195 52.84 -19.12 13.06
N ARG L 196 52.20 -18.16 13.74
CA ARG L 196 51.24 -18.49 14.80
C ARG L 196 50.04 -19.25 14.24
N SER L 197 49.52 -18.82 13.08
CA SER L 197 48.37 -19.50 12.51
C SER L 197 48.72 -20.89 12.00
N ALA L 198 49.94 -21.05 11.46
CA ALA L 198 50.38 -22.37 11.04
C ALA L 198 50.58 -23.30 12.24
N GLY L 199 51.07 -22.76 13.35
CA GLY L 199 51.12 -23.54 14.58
C GLY L 199 49.75 -23.91 15.08
N ILE L 200 48.78 -23.00 14.91
CA ILE L 200 47.38 -23.32 15.23
C ILE L 200 46.87 -24.38 14.27
N LEU L 201 47.15 -24.24 12.98
CA LEU L 201 46.74 -25.23 11.98
C LEU L 201 47.58 -26.49 12.03
N GLY L 202 48.67 -26.51 12.77
CA GLY L 202 49.49 -27.69 12.87
C GLY L 202 50.44 -27.90 11.71
N LEU L 203 50.66 -26.88 10.88
CA LEU L 203 51.57 -27.00 9.75
C LEU L 203 53.02 -26.84 10.21
N GLU L 204 53.90 -27.68 9.67
CA GLU L 204 55.33 -27.61 10.00
C GLU L 204 55.99 -26.55 9.13
N ILE L 205 55.69 -25.30 9.46
CA ILE L 205 56.11 -24.15 8.65
C ILE L 205 57.53 -23.75 9.04
N GLU L 206 58.19 -23.04 8.14
CA GLU L 206 59.52 -22.44 8.11
C GLU L 206 59.43 -20.93 8.22
N PRO L 207 60.35 -20.29 8.97
CA PRO L 207 60.38 -18.82 8.99
C PRO L 207 60.59 -18.20 7.62
N GLN L 208 61.37 -18.84 6.75
CA GLN L 208 61.45 -18.39 5.36
C GLN L 208 60.11 -18.53 4.67
N GLY L 209 59.40 -19.63 4.91
CA GLY L 209 58.04 -19.75 4.41
C GLY L 209 57.09 -18.76 5.03
N ALA L 210 57.30 -18.42 6.31
CA ALA L 210 56.47 -17.40 6.95
C ALA L 210 56.65 -16.04 6.28
N ALA L 211 57.91 -15.67 6.00
CA ALA L 211 58.16 -14.43 5.28
C ALA L 211 57.63 -14.49 3.85
N GLU L 212 57.70 -15.67 3.23
CA GLU L 212 57.11 -15.85 1.90
C GLU L 212 55.63 -15.54 1.91
N ILE L 213 54.88 -16.17 2.82
CA ILE L 213 53.43 -15.96 2.88
C ILE L 213 53.10 -14.55 3.35
N ALA L 214 53.99 -13.94 4.16
CA ALA L 214 53.82 -12.53 4.50
C ALA L 214 53.92 -11.65 3.27
N LYS L 215 54.85 -11.97 2.36
CA LYS L 215 54.89 -11.28 1.08
C LYS L 215 53.66 -11.60 0.23
N ARG L 216 53.07 -12.77 0.45
CA ARG L 216 51.82 -13.14 -0.23
C ARG L 216 50.57 -12.79 0.56
N ALA L 217 50.71 -12.12 1.71
CA ALA L 217 49.57 -11.90 2.60
C ALA L 217 48.49 -11.01 1.98
N ARG L 218 48.83 -10.23 0.95
CA ARG L 218 47.90 -9.43 0.16
C ARG L 218 47.18 -8.38 1.00
N GLY L 219 47.69 -8.10 2.20
CA GLY L 219 47.05 -7.17 3.11
C GLY L 219 45.81 -7.69 3.79
N THR L 220 45.50 -8.96 3.65
CA THR L 220 44.27 -9.55 4.19
C THR L 220 44.60 -10.79 5.01
N PRO L 221 44.24 -10.83 6.30
CA PRO L 221 44.50 -12.03 7.10
C PRO L 221 43.74 -13.26 6.63
N ARG L 222 42.54 -13.10 6.10
CA ARG L 222 41.73 -14.26 5.72
C ARG L 222 42.33 -14.97 4.51
N ILE L 223 42.67 -14.22 3.46
CA ILE L 223 43.33 -14.83 2.30
C ILE L 223 44.71 -15.34 2.68
N ALA L 224 45.35 -14.71 3.66
CA ALA L 224 46.62 -15.23 4.17
C ALA L 224 46.43 -16.62 4.76
N ASN L 225 45.45 -16.79 5.66
CA ASN L 225 45.19 -18.09 6.26
C ASN L 225 44.76 -19.11 5.21
N ARG L 226 44.04 -18.65 4.18
CA ARG L 226 43.72 -19.54 3.05
C ARG L 226 45.00 -20.02 2.38
N LEU L 227 45.97 -19.12 2.19
CA LEU L 227 47.24 -19.52 1.60
C LEU L 227 48.01 -20.49 2.50
N LEU L 228 47.95 -20.29 3.82
CA LEU L 228 48.54 -21.27 4.74
C LEU L 228 47.89 -22.63 4.57
N ARG L 229 46.57 -22.67 4.48
CA ARG L 229 45.88 -23.94 4.30
C ARG L 229 46.28 -24.61 2.98
N ARG L 230 46.40 -23.81 1.91
CA ARG L 230 46.71 -24.40 0.61
C ARG L 230 48.16 -24.87 0.54
N VAL L 231 49.09 -24.14 1.17
CA VAL L 231 50.47 -24.63 1.18
C VAL L 231 50.62 -25.81 2.14
N ARG L 232 49.76 -25.91 3.16
CA ARG L 232 49.73 -27.12 3.97
C ARG L 232 49.27 -28.30 3.14
N ASP L 233 48.25 -28.11 2.29
CA ASP L 233 47.82 -29.16 1.38
C ASP L 233 48.93 -29.53 0.40
N PHE L 234 49.66 -28.53 -0.10
CA PHE L 234 50.78 -28.78 -1.01
C PHE L 234 51.86 -29.61 -0.31
N ALA L 235 52.21 -29.25 0.93
CA ALA L 235 53.20 -30.01 1.68
C ALA L 235 52.71 -31.42 2.00
N GLU L 236 51.39 -31.59 2.14
CA GLU L 236 50.85 -32.92 2.41
C GLU L 236 50.89 -33.80 1.17
N VAL L 237 50.63 -33.23 -0.01
CA VAL L 237 50.48 -34.02 -1.22
C VAL L 237 51.72 -34.02 -2.10
N ARG L 238 52.59 -33.01 -2.00
CA ARG L 238 53.79 -32.96 -2.83
C ARG L 238 55.05 -33.27 -2.05
N GLY L 239 55.21 -32.66 -0.87
CA GLY L 239 56.27 -33.02 0.05
C GLY L 239 55.81 -34.06 1.05
N GLN L 240 56.66 -34.33 2.02
CA GLN L 240 56.29 -35.21 3.13
C GLN L 240 55.89 -34.38 4.36
N GLY L 241 54.79 -33.65 4.23
CA GLY L 241 54.27 -32.83 5.32
C GLY L 241 55.21 -31.75 5.80
N ASP L 242 56.08 -31.24 4.91
CA ASP L 242 57.10 -30.28 5.28
C ASP L 242 56.94 -28.99 4.49
N ILE L 243 56.93 -27.87 5.20
CA ILE L 243 56.84 -26.55 4.60
C ILE L 243 58.21 -25.88 4.76
N THR L 244 58.89 -25.66 3.64
CA THR L 244 60.18 -25.00 3.61
C THR L 244 60.11 -23.86 2.60
N ARG L 245 61.23 -23.16 2.42
CA ARG L 245 61.27 -22.09 1.42
C ARG L 245 61.13 -22.66 0.01
N VAL L 246 61.78 -23.80 -0.26
CA VAL L 246 61.64 -24.42 -1.58
C VAL L 246 60.22 -24.97 -1.78
N ILE L 247 59.62 -25.52 -0.72
CA ILE L 247 58.25 -26.02 -0.80
C ILE L 247 57.28 -24.87 -1.03
N ALA L 248 57.46 -23.76 -0.29
CA ALA L 248 56.60 -22.60 -0.47
C ALA L 248 56.77 -21.99 -1.86
N ASP L 249 58.01 -21.96 -2.37
CA ASP L 249 58.24 -21.47 -3.73
C ASP L 249 57.57 -22.37 -4.77
N LYS L 250 57.69 -23.68 -4.62
CA LYS L 250 57.04 -24.62 -5.52
C LYS L 250 55.52 -24.51 -5.46
N ALA L 251 54.97 -24.20 -4.29
CA ALA L 251 53.53 -24.02 -4.16
C ALA L 251 53.03 -22.68 -4.69
N LEU L 252 53.82 -21.62 -4.57
CA LEU L 252 53.37 -20.27 -4.88
C LEU L 252 54.20 -19.57 -5.94
N ASN L 253 54.79 -20.33 -6.88
CA ASN L 253 55.44 -19.70 -8.03
C ASN L 253 54.88 -20.22 -9.36
N LEU L 254 53.65 -20.71 -9.38
CA LEU L 254 52.98 -21.03 -10.63
C LEU L 254 51.50 -20.68 -10.53
N LEU L 255 50.94 -20.22 -11.66
CA LEU L 255 49.58 -19.69 -11.81
C LEU L 255 49.44 -18.32 -11.14
N ASP L 256 48.29 -18.07 -10.50
CA ASP L 256 47.92 -16.74 -10.03
C ASP L 256 48.69 -16.35 -8.76
N VAL L 257 50.01 -16.29 -8.89
CA VAL L 257 50.89 -16.01 -7.75
C VAL L 257 52.05 -15.15 -8.21
N ASP L 258 52.64 -14.43 -7.25
CA ASP L 258 53.88 -13.67 -7.43
C ASP L 258 54.36 -13.25 -6.05
N GLU L 259 55.68 -13.13 -5.92
CA GLU L 259 56.29 -12.76 -4.64
C GLU L 259 55.76 -11.41 -4.13
N ARG L 260 55.48 -10.49 -5.04
CA ARG L 260 54.94 -9.18 -4.66
C ARG L 260 53.43 -9.22 -4.44
N GLY L 261 52.71 -10.03 -5.21
CA GLY L 261 51.26 -10.11 -5.08
C GLY L 261 50.55 -10.14 -6.40
N PHE L 262 51.30 -10.15 -7.50
CA PHE L 262 50.71 -10.23 -8.82
C PHE L 262 50.12 -11.61 -9.06
N ASP L 263 49.22 -11.69 -10.04
CA ASP L 263 48.66 -12.95 -10.51
C ASP L 263 48.92 -13.05 -12.01
N HIS L 264 48.73 -14.26 -12.55
CA HIS L 264 48.77 -14.36 -14.01
C HIS L 264 47.57 -13.69 -14.65
N LEU L 265 46.47 -13.54 -13.90
CA LEU L 265 45.40 -12.64 -14.31
C LEU L 265 45.91 -11.20 -14.39
N ASP L 266 46.66 -10.78 -13.37
CA ASP L 266 47.21 -9.43 -13.36
C ASP L 266 48.23 -9.23 -14.47
N ARG L 267 49.09 -10.23 -14.69
CA ARG L 267 50.06 -10.15 -15.77
C ARG L 267 49.37 -10.11 -17.14
N ARG L 268 48.31 -10.90 -17.30
CA ARG L 268 47.53 -10.87 -18.54
C ARG L 268 46.90 -9.50 -18.76
N LEU L 269 46.33 -8.91 -17.70
CA LEU L 269 45.73 -7.58 -17.81
C LEU L 269 46.77 -6.54 -18.19
N LEU L 270 47.95 -6.60 -17.55
CA LEU L 270 49.01 -5.65 -17.84
C LEU L 270 49.49 -5.79 -19.28
N LEU L 271 49.73 -7.02 -19.72
CA LEU L 271 50.22 -7.25 -21.08
C LEU L 271 49.18 -6.81 -22.12
N THR L 272 47.90 -7.09 -21.85
CA THR L 272 46.86 -6.74 -22.80
C THR L 272 46.62 -5.23 -22.84
N MET L 273 46.92 -4.53 -21.74
CA MET L 273 46.81 -3.08 -21.81
C MET L 273 48.00 -2.50 -22.56
N ILE L 274 49.20 -3.02 -22.31
CA ILE L 274 50.39 -2.39 -22.88
C ILE L 274 50.60 -2.74 -24.35
N ASP L 275 50.11 -3.90 -24.82
CA ASP L 275 50.27 -4.18 -26.25
C ASP L 275 49.22 -3.46 -27.09
N LYS L 276 48.09 -3.11 -26.49
CA LYS L 276 47.03 -2.44 -27.23
C LYS L 276 47.23 -0.93 -27.27
N PHE L 277 47.35 -0.31 -26.09
CA PHE L 277 47.38 1.15 -25.99
C PHE L 277 48.73 1.70 -25.55
N ASP L 278 49.72 0.83 -25.33
CA ASP L 278 51.11 1.23 -25.04
C ASP L 278 51.20 2.13 -23.81
N GLY L 279 50.48 1.78 -22.76
CA GLY L 279 50.44 2.61 -21.57
C GLY L 279 49.77 3.94 -21.77
N GLY L 280 48.68 3.97 -22.53
CA GLY L 280 47.92 5.18 -22.75
C GLY L 280 46.52 5.07 -22.18
N PRO L 281 45.68 6.06 -22.46
CA PRO L 281 44.28 5.99 -22.03
C PRO L 281 43.57 4.80 -22.66
N VAL L 282 42.70 4.17 -21.87
CA VAL L 282 42.04 2.93 -22.27
C VAL L 282 40.55 3.05 -22.04
N GLY L 283 39.78 2.33 -22.85
CA GLY L 283 38.33 2.23 -22.66
C GLY L 283 37.99 1.01 -21.82
N ILE L 284 37.25 1.24 -20.74
CA ILE L 284 36.98 0.17 -19.79
C ILE L 284 36.06 -0.88 -20.41
N ASP L 285 35.04 -0.44 -21.15
CA ASP L 285 34.22 -1.38 -21.90
C ASP L 285 35.05 -2.11 -22.96
N ASN L 286 35.96 -1.38 -23.61
CA ASN L 286 36.86 -1.99 -24.58
C ASN L 286 37.77 -3.02 -23.91
N LEU L 287 38.29 -2.70 -22.71
CA LEU L 287 39.12 -3.65 -21.98
C LEU L 287 38.34 -4.90 -21.60
N ALA L 288 37.10 -4.71 -21.12
CA ALA L 288 36.27 -5.85 -20.74
C ALA L 288 35.96 -6.74 -21.94
N ALA L 289 35.72 -6.12 -23.10
CA ALA L 289 35.50 -6.90 -24.31
C ALA L 289 36.76 -7.63 -24.75
N ALA L 290 37.91 -6.96 -24.68
CA ALA L 290 39.14 -7.53 -25.23
C ALA L 290 39.71 -8.63 -24.34
N LEU L 291 39.52 -8.54 -23.03
CA LEU L 291 40.05 -9.53 -22.11
C LEU L 291 39.17 -10.76 -21.93
N SER L 292 38.01 -10.81 -22.59
CA SER L 292 36.97 -11.81 -22.36
C SER L 292 36.58 -11.91 -20.90
N GLU L 293 36.55 -10.78 -20.20
CA GLU L 293 36.43 -10.75 -18.75
C GLU L 293 35.79 -9.42 -18.36
N GLU L 294 34.63 -9.50 -17.71
CA GLU L 294 33.87 -8.30 -17.38
C GLU L 294 34.64 -7.41 -16.43
N ARG L 295 34.58 -6.10 -16.68
CA ARG L 295 35.38 -5.14 -15.93
C ARG L 295 35.01 -5.07 -14.46
N HIS L 296 33.81 -5.55 -14.10
CA HIS L 296 33.31 -5.42 -12.74
C HIS L 296 34.18 -6.18 -11.75
N THR L 297 34.44 -7.47 -12.00
CA THR L 297 35.26 -8.25 -11.08
C THR L 297 36.68 -7.70 -11.02
N ILE L 298 37.19 -7.21 -12.16
CA ILE L 298 38.53 -6.64 -12.19
C ILE L 298 38.62 -5.44 -11.26
N GLU L 299 37.70 -4.48 -11.41
CA GLU L 299 37.71 -3.32 -10.54
C GLU L 299 37.24 -3.63 -9.12
N ASP L 300 36.71 -4.83 -8.87
CA ASP L 300 36.36 -5.21 -7.51
C ASP L 300 37.49 -5.88 -6.74
N VAL L 301 38.34 -6.68 -7.38
CA VAL L 301 39.42 -7.38 -6.67
C VAL L 301 40.81 -7.02 -7.22
N LEU L 302 40.97 -7.06 -8.54
CA LEU L 302 42.32 -6.97 -9.10
C LEU L 302 42.82 -5.53 -9.18
N GLU L 303 42.00 -4.64 -9.75
CA GLU L 303 42.35 -3.23 -9.79
C GLU L 303 42.51 -2.58 -8.41
N PRO L 304 41.60 -2.77 -7.43
CA PRO L 304 41.79 -2.07 -6.14
C PRO L 304 43.06 -2.48 -5.40
N TYR L 305 43.52 -3.73 -5.53
CA TYR L 305 44.76 -4.12 -4.88
C TYR L 305 45.96 -3.47 -5.56
N LEU L 306 45.96 -3.43 -6.89
CA LEU L 306 47.09 -2.85 -7.61
C LEU L 306 47.16 -1.34 -7.43
N ILE L 307 45.99 -0.67 -7.36
CA ILE L 307 45.99 0.75 -7.03
C ILE L 307 46.31 0.96 -5.55
N GLN L 308 45.99 -0.02 -4.70
CA GLN L 308 46.43 0.04 -3.31
C GLN L 308 47.96 -0.02 -3.23
N GLN L 309 48.58 -0.84 -4.07
CA GLN L 309 50.02 -0.77 -4.26
C GLN L 309 50.44 0.47 -5.05
N GLY L 310 49.48 1.15 -5.66
CA GLY L 310 49.76 2.34 -6.44
C GLY L 310 50.20 2.09 -7.87
N TYR L 311 50.34 0.83 -8.28
CA TYR L 311 50.99 0.49 -9.54
C TYR L 311 50.16 0.87 -10.76
N ILE L 312 48.89 1.23 -10.59
CA ILE L 312 48.08 1.79 -11.66
C ILE L 312 47.69 3.20 -11.25
N MET L 313 47.99 4.17 -12.11
CA MET L 313 47.54 5.54 -11.92
C MET L 313 46.19 5.69 -12.63
N ARG L 314 45.25 6.39 -11.99
CA ARG L 314 43.88 6.41 -12.47
C ARG L 314 43.53 7.77 -13.02
N THR L 315 42.93 7.79 -14.21
CA THR L 315 42.46 9.01 -14.84
C THR L 315 40.98 8.89 -15.16
N PRO L 316 40.27 10.01 -15.29
CA PRO L 316 38.90 9.95 -15.82
C PRO L 316 38.82 9.65 -17.31
N ARG L 317 39.96 9.40 -17.97
CA ARG L 317 39.98 9.02 -19.38
C ARG L 317 40.66 7.67 -19.59
N GLY L 318 40.94 6.93 -18.52
CA GLY L 318 41.55 5.62 -18.66
C GLY L 318 42.56 5.29 -17.58
N ARG L 319 42.66 4.02 -17.21
CA ARG L 319 43.59 3.57 -16.18
C ARG L 319 44.91 3.16 -16.83
N VAL L 320 46.01 3.72 -16.35
CA VAL L 320 47.35 3.43 -16.86
C VAL L 320 48.21 2.93 -15.71
N VAL L 321 49.02 1.90 -15.96
CA VAL L 321 49.99 1.48 -14.97
C VAL L 321 51.07 2.53 -14.81
N THR L 322 51.76 2.50 -13.68
CA THR L 322 52.77 3.48 -13.36
C THR L 322 54.15 2.99 -13.82
N ARG L 323 55.20 3.69 -13.39
CA ARG L 323 56.56 3.36 -13.80
C ARG L 323 57.04 2.05 -13.18
N HIS L 324 56.41 1.58 -12.11
CA HIS L 324 56.80 0.31 -11.51
C HIS L 324 56.55 -0.85 -12.46
N ALA L 325 55.39 -0.86 -13.13
CA ALA L 325 55.11 -1.93 -14.07
C ALA L 325 55.98 -1.84 -15.32
N TYR L 326 56.32 -0.61 -15.74
CA TYR L 326 57.27 -0.45 -16.84
C TYR L 326 58.65 -0.99 -16.46
N LEU L 327 59.07 -0.74 -15.22
CA LEU L 327 60.33 -1.29 -14.73
C LEU L 327 60.25 -2.80 -14.59
N HIS L 328 59.06 -3.35 -14.35
CA HIS L 328 58.89 -4.79 -14.26
C HIS L 328 59.17 -5.48 -15.58
N PHE L 329 58.92 -4.80 -16.71
CA PHE L 329 59.06 -5.39 -18.04
C PHE L 329 59.98 -4.57 -18.94
N GLY L 330 60.71 -3.61 -18.39
CA GLY L 330 61.64 -2.82 -19.19
C GLY L 330 60.96 -1.94 -20.21
N LEU L 331 59.90 -1.25 -19.83
CA LEU L 331 59.13 -0.41 -20.74
C LEU L 331 59.46 1.06 -20.51
N ASN L 332 59.29 1.86 -21.57
CA ASN L 332 59.68 3.26 -21.54
C ASN L 332 58.64 4.10 -20.79
N ILE L 333 58.96 5.38 -20.63
CA ILE L 333 58.11 6.35 -19.97
C ILE L 333 57.84 7.48 -20.95
N PRO L 334 56.58 7.75 -21.33
CA PRO L 334 56.26 8.82 -22.27
C PRO L 334 56.38 10.21 -21.65
#